data_7XS6
#
_entry.id   7XS6
#
_cell.length_a   1.00
_cell.length_b   1.00
_cell.length_c   1.00
_cell.angle_alpha   90.00
_cell.angle_beta   90.00
_cell.angle_gamma   90.00
#
_symmetry.space_group_name_H-M   'P 1'
#
loop_
_entity.id
_entity.type
_entity.pdbx_description
1 polymer 'Chitin synthase 1'
2 non-polymer TETRADECANE
3 non-polymer DODECANE
4 non-polymer HEPTANE
5 non-polymer '(2S)-{[(2S,3S,4S)-2-amino-4-hydroxy-4-(5-hydroxypyridin-2-yl)-3-methylbutanoyl]amino}[(2R,3S,4R,5R)-5-(2,4-dioxo-3,4-dihydropyrimidin-1(2H)-yl)-3,4-dihydroxyoxolan-2-yl]acetic acid (non-preferred name)'
6 non-polymer '(19R,22S)-25-amino-22-hydroxy-22-oxido-16-oxo-17,21,23-trioxa-22lambda~5~-phosphapentacosan-19-yl (9Z)-hexadec-9-enoate'
#
_entity_poly.entity_id   1
_entity_poly.type   'polypeptide(L)'
_entity_poly.pdbx_seq_one_letter_code
;MSDQNNRSRNEYHSNRKNEPSYELQNAHSGLFHSSNEELTNRNQRYTNQNASMGSFTPVQSLQFPEQSQQTNMLYNGDDG
NNNTINDNERDIYGGFVNHHRQRPPPATAEYNDVFNTNSQQLPSEHQYNNVPSYPLPSINVIQTTPELIHNGSQTMATPI
ERPFFNENDYYYNNRNSRTSPSIASSSDGYADQEARPILEQPNNNMNSGNIPQYHDQPFGYNNGYHGLQAKDYYDDPEGG
YIDQRGDDYQINSYLGRNGEMVDPYDYENSLRHMTPMERREYLHDDSRPVNDGKEELDSVKSGYSHRDLGEYDKDDFSRD
DEYDDLNTIDKLQFQANGVPASSSVSSIGSKESDIIVSNDNLTANRALKRSGTEIRKFKLWNGNFVFDSPISKTLLDQYA
TTTENANTLPNEFKFMRYQAVTCEPNQLAEKNFTVRQLKYLTPRETELMLVVTMYNEDHILLGRTLKGIMDNVKYMVKKK
NSSTWGPDAWKKIVVCIISDGRSKINERSLALLSSLGCYQDGFAKDEINEKKVAMHVYEHTTMINITNISESEVSLECNQ
GTVPIQLLFCLKEQNQKKINSHRWAFEGFAELLRPNIVTLLDAGTMPGKDSIYQLWREFRNPNVGGACGEIRTDLGKRFV
KLLNPLVASQNFEYKMSNILDKTTESNFGFITVLPGAFSAYRFEAVRGQPLQKYFYGEIMENEGFHFFSSNMYLAEDRIL
CFEVVTKKNCNWILKYCRSSYASTDVPERVPEFILQRRRWLNGSFFASVYSFCHFYRVWSSGHNIGRKLLLTVEFFYLFF
NTLISWFSLSSFFLVFRILTVSIALAYHSAFNVLSVIFLWLYGICTLSTFILSLGNKPKSTEKFYVLTCVIFAVMMIYMI
FCSIFMSVKSFQNILKNDTISFEGLITTEAFRDIVISLGSTYCLYLISSIIYLQPWHMLTSFIQYILLSPSYINVLNIYA
FCNVHDLSWGTKGAMANPLGKINTTEDGTFKMEVLVSSSEIQANYDKYLKVLNDFDPKSESRPTEPSYDEKKTGYYANVR
SLVIIFWVITNFIIVAVVLETGGIADYIAMKSISTDDTLETAKKAEIPLMTSKASIYFNVILWLVALSALIRFIGCSIYM
IVRFFKKVTFR
;
_entity_poly.pdbx_strand_id   B,A
#
# COMPACT_ATOMS: atom_id res chain seq x y z
N PHE A 378 16.34 -15.08 46.62
CA PHE A 378 15.75 -14.25 47.65
C PHE A 378 14.26 -14.57 47.83
N LYS A 379 13.44 -13.54 47.80
CA LYS A 379 12.00 -13.69 47.92
C LYS A 379 11.34 -12.49 47.25
N LEU A 380 10.27 -12.76 46.50
CA LEU A 380 9.63 -11.69 45.74
C LEU A 380 8.53 -11.04 46.59
N TRP A 381 8.05 -9.90 46.11
CA TRP A 381 7.10 -9.06 46.85
C TRP A 381 5.69 -9.31 46.35
N ASN A 382 5.05 -10.34 46.90
CA ASN A 382 3.64 -10.66 46.60
C ASN A 382 3.42 -10.86 45.11
N GLY A 383 4.11 -11.85 44.55
CA GLY A 383 3.98 -12.12 43.13
C GLY A 383 4.67 -11.12 42.24
N ASN A 384 5.57 -10.30 42.79
CA ASN A 384 6.24 -9.24 42.03
C ASN A 384 7.73 -9.31 42.28
N PHE A 385 8.50 -9.24 41.19
CA PHE A 385 9.97 -9.22 41.29
C PHE A 385 10.42 -7.81 41.61
N VAL A 386 10.89 -7.60 42.84
CA VAL A 386 11.35 -6.30 43.28
C VAL A 386 12.72 -6.44 43.93
N PHE A 387 13.75 -5.85 43.31
CA PHE A 387 15.10 -5.94 43.87
C PHE A 387 15.59 -4.55 44.24
N ASP A 388 16.06 -4.41 45.48
CA ASP A 388 16.57 -3.13 45.98
C ASP A 388 18.09 -3.20 46.03
N SER A 389 18.71 -2.93 44.89
CA SER A 389 20.16 -3.05 44.74
C SER A 389 20.85 -1.72 45.05
N PRO A 390 22.15 -1.73 45.36
CA PRO A 390 22.89 -0.47 45.52
C PRO A 390 23.34 0.09 44.18
N ILE A 391 23.91 1.30 44.18
CA ILE A 391 24.17 2.00 42.93
C ILE A 391 25.61 1.78 42.44
N SER A 392 26.58 2.30 43.17
CA SER A 392 28.00 2.11 42.87
C SER A 392 28.82 2.87 43.90
N LYS A 393 30.10 2.53 44.00
CA LYS A 393 30.98 3.24 44.92
C LYS A 393 31.21 4.69 44.46
N THR A 394 31.37 4.89 43.15
CA THR A 394 31.63 6.22 42.63
C THR A 394 30.46 7.16 42.89
N LEU A 395 29.24 6.69 42.61
CA LEU A 395 28.07 7.52 42.83
C LEU A 395 27.87 7.82 44.32
N LEU A 396 28.12 6.83 45.18
CA LEU A 396 28.02 7.09 46.61
C LEU A 396 29.03 8.13 47.06
N ASP A 397 30.26 8.06 46.54
CA ASP A 397 31.25 9.08 46.87
C ASP A 397 30.81 10.46 46.40
N GLN A 398 30.29 10.53 45.17
CA GLN A 398 29.82 11.80 44.64
C GLN A 398 28.69 12.39 45.48
N TYR A 399 27.75 11.53 45.89
CA TYR A 399 26.63 12.00 46.70
C TYR A 399 27.12 12.43 48.09
N ALA A 400 28.07 11.69 48.65
CA ALA A 400 28.61 12.04 49.96
C ALA A 400 29.36 13.36 49.94
N THR A 401 29.99 13.69 48.81
CA THR A 401 30.58 15.03 48.68
C THR A 401 29.54 16.13 48.82
N THR A 402 28.29 15.88 48.40
CA THR A 402 27.25 16.88 48.48
C THR A 402 26.86 17.19 49.92
N THR A 403 26.63 16.16 50.72
CA THR A 403 26.18 16.36 52.10
C THR A 403 27.34 16.85 52.97
N GLU A 404 26.98 17.60 54.01
CA GLU A 404 27.99 18.04 54.97
C GLU A 404 28.57 16.88 55.76
N ASN A 405 27.76 15.86 56.02
CA ASN A 405 28.20 14.65 56.71
C ASN A 405 27.89 13.43 55.85
N ALA A 406 28.91 12.63 55.58
CA ALA A 406 28.72 11.45 54.73
C ALA A 406 27.90 10.37 55.43
N ASN A 407 27.92 10.34 56.76
CA ASN A 407 27.15 9.33 57.49
C ASN A 407 25.65 9.56 57.37
N THR A 408 25.22 10.81 57.30
CA THR A 408 23.79 11.14 57.26
C THR A 408 23.31 11.29 55.80
N LEU A 409 23.27 10.15 55.11
CA LEU A 409 22.76 10.10 53.75
C LEU A 409 21.49 9.26 53.71
N PRO A 410 20.37 9.82 53.25
CA PRO A 410 19.13 9.05 53.20
C PRO A 410 19.27 7.77 52.40
N ASN A 411 18.25 6.92 52.51
CA ASN A 411 18.23 5.58 51.93
C ASN A 411 17.84 5.63 50.46
N GLU A 412 17.35 6.77 49.98
CA GLU A 412 16.91 6.89 48.60
C GLU A 412 18.05 7.17 47.64
N PHE A 413 19.14 7.77 48.09
CA PHE A 413 20.28 8.05 47.24
C PHE A 413 21.28 6.91 47.17
N LYS A 414 21.13 5.89 48.01
CA LYS A 414 22.09 4.78 48.05
C LYS A 414 21.59 3.52 47.37
N PHE A 415 20.40 3.56 46.76
CA PHE A 415 19.80 2.35 46.24
C PHE A 415 19.11 2.67 44.92
N MET A 416 18.69 1.62 44.22
CA MET A 416 17.96 1.75 42.96
C MET A 416 16.95 0.62 42.88
N ARG A 417 15.70 0.91 43.24
CA ARG A 417 14.67 -0.12 43.36
C ARG A 417 14.14 -0.53 42.00
N TYR A 418 14.50 -1.73 41.55
CA TYR A 418 14.02 -2.25 40.27
C TYR A 418 12.78 -3.09 40.50
N GLN A 419 11.77 -2.89 39.65
CA GLN A 419 10.54 -3.65 39.67
C GLN A 419 10.24 -4.17 38.27
N ALA A 420 9.60 -5.34 38.21
CA ALA A 420 9.23 -5.97 36.95
C ALA A 420 7.71 -6.01 36.89
N VAL A 421 7.12 -5.03 36.21
CA VAL A 421 5.67 -4.96 36.08
C VAL A 421 5.22 -5.93 34.99
N THR A 422 4.32 -6.84 35.35
CA THR A 422 3.87 -7.88 34.44
C THR A 422 2.37 -7.79 34.22
N CYS A 423 1.81 -6.58 34.23
CA CYS A 423 0.37 -6.42 34.17
C CYS A 423 0.05 -5.16 33.37
N GLU A 424 -1.23 -4.92 33.13
CA GLU A 424 -1.69 -3.72 32.44
C GLU A 424 -1.56 -2.52 33.37
N PRO A 425 -1.44 -1.32 32.82
CA PRO A 425 -1.27 -0.13 33.68
C PRO A 425 -2.43 0.11 34.62
N ASN A 426 -3.66 -0.22 34.24
CA ASN A 426 -4.79 0.00 35.12
C ASN A 426 -4.87 -0.97 36.28
N GLN A 427 -4.17 -2.11 36.19
CA GLN A 427 -4.13 -3.10 37.26
C GLN A 427 -2.92 -2.91 38.17
N LEU A 428 -2.19 -1.81 38.02
CA LEU A 428 -0.92 -1.63 38.71
C LEU A 428 -1.10 -1.64 40.22
N ALA A 429 -2.08 -0.89 40.72
CA ALA A 429 -2.33 -0.85 42.16
C ALA A 429 -2.96 -2.15 42.64
N GLU A 430 -3.84 -2.74 41.84
CA GLU A 430 -4.54 -3.96 42.23
C GLU A 430 -3.58 -5.14 42.38
N LYS A 431 -2.60 -5.26 41.49
CA LYS A 431 -1.65 -6.36 41.50
C LYS A 431 -0.49 -6.11 42.45
N ASN A 432 -0.68 -5.20 43.40
CA ASN A 432 0.28 -4.94 44.46
C ASN A 432 1.63 -4.50 43.92
N PHE A 433 1.61 -3.57 42.97
CA PHE A 433 2.81 -2.88 42.50
C PHE A 433 2.81 -1.50 43.12
N THR A 434 3.95 -1.08 43.65
CA THR A 434 4.06 0.19 44.35
C THR A 434 5.21 1.02 43.78
N VAL A 435 5.31 2.25 44.27
CA VAL A 435 6.43 3.12 43.99
C VAL A 435 7.04 3.57 45.32
N ARG A 436 8.23 4.15 45.24
CA ARG A 436 8.94 4.47 46.47
C ARG A 436 8.37 5.63 47.23
N GLN A 437 7.52 6.48 46.65
CA GLN A 437 6.97 7.62 47.38
C GLN A 437 5.86 7.23 48.34
N LEU A 438 5.20 6.10 48.09
CA LEU A 438 4.11 5.63 48.94
C LEU A 438 4.58 4.74 50.10
N LYS A 439 5.86 4.37 50.11
CA LYS A 439 6.39 3.50 51.16
C LYS A 439 7.19 4.25 52.22
N TYR A 440 7.20 5.58 52.18
CA TYR A 440 7.86 6.32 53.25
C TYR A 440 7.03 6.27 54.52
N LEU A 441 7.66 6.67 55.63
CA LEU A 441 6.93 6.76 56.90
C LEU A 441 5.78 7.74 56.79
N THR A 442 6.03 8.90 56.17
CA THR A 442 4.98 9.84 55.78
C THR A 442 4.91 9.86 54.26
N PRO A 443 3.85 9.34 53.65
CA PRO A 443 3.78 9.26 52.19
C PRO A 443 3.94 10.61 51.51
N ARG A 444 4.76 10.67 50.48
CA ARG A 444 5.02 11.93 49.80
C ARG A 444 3.88 12.28 48.85
N GLU A 445 3.40 13.52 48.95
CA GLU A 445 2.33 14.02 48.10
C GLU A 445 2.97 14.67 46.88
N THR A 446 2.88 13.98 45.75
CA THR A 446 3.44 14.52 44.51
C THR A 446 2.60 15.68 44.01
N GLU A 447 3.26 16.79 43.68
CA GLU A 447 2.61 17.96 43.12
C GLU A 447 2.82 18.07 41.62
N LEU A 448 3.95 17.63 41.10
CA LEU A 448 4.20 17.59 39.66
C LEU A 448 4.70 16.20 39.30
N MET A 449 4.12 15.62 38.27
CA MET A 449 4.59 14.36 37.70
C MET A 449 5.06 14.64 36.28
N LEU A 450 6.33 14.94 36.13
CA LEU A 450 6.89 15.22 34.81
C LEU A 450 7.07 13.91 34.05
N VAL A 451 6.44 13.81 32.88
CA VAL A 451 6.46 12.58 32.10
C VAL A 451 7.23 12.79 30.81
N VAL A 452 8.37 12.12 30.68
CA VAL A 452 9.20 12.26 29.49
C VAL A 452 9.12 11.00 28.64
N THR A 453 8.27 11.01 27.62
CA THR A 453 8.22 9.89 26.69
C THR A 453 9.43 9.96 25.75
N MET A 454 10.11 8.83 25.60
CA MET A 454 11.26 8.77 24.71
C MET A 454 11.19 7.48 23.91
N TYR A 455 11.82 7.51 22.74
CA TYR A 455 11.94 6.33 21.88
C TYR A 455 13.06 6.56 20.88
N ASN A 456 14.12 5.76 20.99
CA ASN A 456 15.31 5.77 20.12
C ASN A 456 15.99 7.14 20.03
N GLU A 457 15.68 8.07 20.93
CA GLU A 457 16.34 9.36 20.88
C GLU A 457 17.78 9.26 21.37
N ASP A 458 18.60 10.18 20.88
CA ASP A 458 20.01 10.24 21.22
C ASP A 458 20.17 10.60 22.69
N HIS A 459 21.38 10.50 23.21
CA HIS A 459 21.66 10.92 24.58
C HIS A 459 21.71 12.44 24.71
N ILE A 460 21.97 13.14 23.61
CA ILE A 460 21.87 14.59 23.60
C ILE A 460 20.43 15.08 23.65
N LEU A 461 19.51 14.42 22.94
CA LEU A 461 18.11 14.81 22.97
C LEU A 461 17.51 14.59 24.35
N LEU A 462 17.71 13.41 24.93
CA LEU A 462 17.27 13.14 26.30
C LEU A 462 17.97 14.01 27.32
N GLY A 463 19.28 14.20 27.20
CA GLY A 463 20.00 15.06 28.11
C GLY A 463 19.51 16.49 28.06
N ARG A 464 19.15 16.97 26.87
CA ARG A 464 18.60 18.31 26.74
C ARG A 464 17.27 18.47 27.46
N THR A 465 16.37 17.50 27.35
CA THR A 465 15.13 17.50 28.10
C THR A 465 15.36 17.43 29.60
N LEU A 466 16.27 16.57 30.04
CA LEU A 466 16.55 16.40 31.47
C LEU A 466 17.23 17.63 32.08
N LYS A 467 18.07 18.32 31.32
CA LYS A 467 18.71 19.53 31.84
C LYS A 467 17.68 20.60 32.15
N GLY A 468 16.70 20.80 31.28
CA GLY A 468 15.63 21.74 31.56
C GLY A 468 14.80 21.35 32.76
N ILE A 469 14.48 20.08 32.92
CA ILE A 469 13.75 19.62 34.11
C ILE A 469 14.54 19.87 35.38
N MET A 470 15.84 19.55 35.40
CA MET A 470 16.62 19.80 36.60
C MET A 470 16.87 21.27 36.88
N ASP A 471 17.00 22.10 35.83
CA ASP A 471 17.03 23.54 36.05
C ASP A 471 15.73 24.05 36.64
N ASN A 472 14.60 23.51 36.18
CA ASN A 472 13.30 23.88 36.77
C ASN A 472 13.20 23.45 38.22
N VAL A 473 13.61 22.22 38.54
CA VAL A 473 13.58 21.77 39.93
C VAL A 473 14.49 22.63 40.81
N LYS A 474 15.70 22.94 40.34
CA LYS A 474 16.60 23.80 41.08
C LYS A 474 16.05 25.20 41.28
N TYR A 475 15.40 25.77 40.27
CA TYR A 475 14.71 27.05 40.43
C TYR A 475 13.56 26.98 41.42
N MET A 476 12.83 25.88 41.46
CA MET A 476 11.68 25.69 42.33
C MET A 476 12.07 25.36 43.76
N VAL A 477 13.35 25.04 44.01
CA VAL A 477 13.84 24.88 45.37
C VAL A 477 14.36 26.19 45.96
N LYS A 478 14.99 27.04 45.15
CA LYS A 478 15.55 28.29 45.65
C LYS A 478 14.47 29.28 46.07
N LYS A 479 13.22 29.06 45.66
CA LYS A 479 12.16 30.00 45.99
C LYS A 479 11.92 30.02 47.50
N LYS A 480 11.56 31.20 48.00
CA LYS A 480 11.33 31.40 49.43
C LYS A 480 9.93 31.87 49.78
N ASN A 481 9.33 32.74 48.97
CA ASN A 481 8.00 33.25 49.25
C ASN A 481 6.94 32.37 48.56
N SER A 482 6.98 31.09 48.89
CA SER A 482 6.10 30.10 48.28
C SER A 482 5.52 29.19 49.36
N SER A 483 4.24 28.87 49.22
CA SER A 483 3.56 27.94 50.11
C SER A 483 3.57 26.52 49.58
N THR A 484 4.18 26.29 48.42
CA THR A 484 4.29 24.97 47.82
C THR A 484 5.73 24.54 47.59
N TRP A 485 6.60 25.48 47.21
CA TRP A 485 7.97 25.21 46.88
C TRP A 485 8.91 25.84 47.90
N GLY A 486 10.09 25.24 48.04
CA GLY A 486 11.06 25.68 49.01
C GLY A 486 12.23 24.71 49.11
N PRO A 487 12.89 24.68 50.27
CA PRO A 487 14.04 23.79 50.43
C PRO A 487 13.72 22.32 50.16
N ASP A 488 12.51 21.87 50.48
CA ASP A 488 12.15 20.49 50.27
C ASP A 488 11.15 20.35 49.12
N ALA A 489 11.29 21.16 48.08
CA ALA A 489 10.39 21.13 46.94
C ALA A 489 10.68 19.98 46.00
N TRP A 490 11.85 19.36 46.08
CA TRP A 490 12.21 18.26 45.20
C TRP A 490 11.47 16.98 45.51
N LYS A 491 10.85 16.89 46.69
CA LYS A 491 10.04 15.73 47.05
C LYS A 491 8.68 15.73 46.38
N LYS A 492 8.26 16.86 45.83
CA LYS A 492 6.96 16.96 45.18
C LYS A 492 7.03 16.66 43.69
N ILE A 493 8.19 16.82 43.08
CA ILE A 493 8.36 16.50 41.66
C ILE A 493 8.86 15.07 41.52
N VAL A 494 8.20 14.30 40.67
CA VAL A 494 8.66 12.96 40.31
C VAL A 494 8.83 12.89 38.80
N VAL A 495 10.07 12.83 38.34
CA VAL A 495 10.32 12.73 36.91
C VAL A 495 10.16 11.27 36.48
N CYS A 496 9.35 11.05 35.45
CA CYS A 496 8.99 9.70 35.02
C CYS A 496 9.33 9.56 33.54
N ILE A 497 10.50 9.00 33.25
CA ILE A 497 10.92 8.74 31.88
C ILE A 497 10.33 7.41 31.43
N ILE A 498 9.59 7.43 30.33
CA ILE A 498 8.99 6.21 29.81
C ILE A 498 9.54 5.94 28.42
N SER A 499 10.47 5.01 28.31
CA SER A 499 10.96 4.64 27.00
C SER A 499 10.01 3.66 26.33
N ASP A 500 9.96 3.73 25.01
CA ASP A 500 9.01 2.97 24.19
C ASP A 500 9.76 1.81 23.55
N GLY A 501 9.88 0.71 24.29
CA GLY A 501 10.58 -0.46 23.80
C GLY A 501 12.04 -0.52 24.22
N ARG A 502 12.46 -1.67 24.74
CA ARG A 502 13.84 -1.90 25.11
C ARG A 502 14.74 -2.18 23.91
N SER A 503 14.20 -2.78 22.85
CA SER A 503 14.98 -3.05 21.64
C SER A 503 15.28 -1.78 20.86
N LYS A 504 14.49 -0.73 21.04
CA LYS A 504 14.65 0.49 20.26
C LYS A 504 15.36 1.60 21.00
N ILE A 505 15.44 1.53 22.33
CA ILE A 505 16.09 2.59 23.08
C ILE A 505 17.56 2.69 22.67
N ASN A 506 18.02 3.92 22.49
CA ASN A 506 19.41 4.13 22.12
C ASN A 506 20.31 3.73 23.30
N GLU A 507 21.34 2.95 23.01
CA GLU A 507 22.21 2.45 24.06
C GLU A 507 22.95 3.59 24.76
N ARG A 508 23.12 4.71 24.07
CA ARG A 508 23.77 5.87 24.67
C ARG A 508 22.83 6.58 25.64
N SER A 509 21.53 6.57 25.34
CA SER A 509 20.54 7.07 26.30
C SER A 509 20.53 6.22 27.57
N LEU A 510 20.62 4.89 27.40
CA LEU A 510 20.77 4.01 28.56
C LEU A 510 22.05 4.32 29.32
N ALA A 511 23.13 4.63 28.59
CA ALA A 511 24.38 5.01 29.25
C ALA A 511 24.19 6.28 30.08
N LEU A 512 23.48 7.26 29.52
CA LEU A 512 23.24 8.51 30.25
C LEU A 512 22.39 8.27 31.49
N LEU A 513 21.36 7.44 31.38
CA LEU A 513 20.52 7.15 32.54
C LEU A 513 21.30 6.37 33.60
N SER A 514 22.13 5.41 33.17
CA SER A 514 22.97 4.66 34.09
C SER A 514 23.99 5.54 34.80
N SER A 515 24.56 6.52 34.10
CA SER A 515 25.45 7.48 34.72
C SER A 515 24.74 8.39 35.70
N LEU A 516 23.41 8.49 35.62
CA LEU A 516 22.60 9.25 36.56
C LEU A 516 22.17 8.41 37.75
N GLY A 517 22.53 7.13 37.77
CA GLY A 517 22.19 6.24 38.86
C GLY A 517 20.79 5.66 38.77
N CYS A 518 20.21 5.61 37.58
CA CYS A 518 18.85 5.11 37.47
C CYS A 518 18.74 3.90 36.53
N TYR A 519 19.83 3.19 36.25
CA TYR A 519 19.74 1.98 35.44
C TYR A 519 20.97 1.10 35.67
N GLN A 520 20.74 -0.16 35.99
CA GLN A 520 21.79 -1.15 36.15
C GLN A 520 21.51 -2.33 35.23
N ASP A 521 22.55 -2.79 34.54
CA ASP A 521 22.39 -3.92 33.64
C ASP A 521 22.35 -5.22 34.42
N GLY A 522 21.49 -6.13 34.00
CA GLY A 522 21.42 -7.44 34.61
C GLY A 522 20.03 -7.84 35.06
N PHE A 523 19.27 -6.88 35.59
CA PHE A 523 17.95 -7.18 36.13
C PHE A 523 16.90 -6.74 35.12
N ALA A 524 16.68 -7.54 34.09
CA ALA A 524 15.69 -7.22 33.07
C ALA A 524 14.91 -8.47 32.67
N LYS A 525 14.48 -9.26 33.65
CA LYS A 525 13.91 -10.57 33.39
C LYS A 525 12.72 -10.47 32.45
N ASP A 526 12.69 -11.36 31.44
CA ASP A 526 11.66 -11.33 30.43
C ASP A 526 10.34 -11.92 30.91
N GLU A 527 10.36 -12.75 31.94
CA GLU A 527 9.14 -13.43 32.36
C GLU A 527 9.24 -13.75 33.85
N ILE A 528 8.11 -13.66 34.54
CA ILE A 528 8.02 -13.93 35.97
C ILE A 528 6.89 -14.92 36.18
N ASN A 529 7.23 -16.17 36.48
CA ASN A 529 6.26 -17.24 36.75
C ASN A 529 5.30 -17.42 35.58
N GLU A 530 5.89 -17.65 34.41
CA GLU A 530 5.16 -17.83 33.15
C GLU A 530 4.20 -16.67 32.91
N LYS A 531 4.70 -15.46 33.14
CA LYS A 531 3.93 -14.25 32.92
C LYS A 531 4.87 -13.19 32.36
N LYS A 532 4.62 -12.75 31.13
CA LYS A 532 5.54 -11.84 30.46
C LYS A 532 5.62 -10.51 31.21
N VAL A 533 6.83 -9.97 31.29
CA VAL A 533 7.05 -8.68 31.94
C VAL A 533 6.70 -7.56 30.96
N ALA A 534 5.80 -6.68 31.37
CA ALA A 534 5.36 -5.59 30.52
C ALA A 534 6.24 -4.36 30.61
N MET A 535 6.87 -4.12 31.77
CA MET A 535 7.70 -2.93 31.93
C MET A 535 8.75 -3.19 33.00
N HIS A 536 9.92 -2.57 32.82
CA HIS A 536 10.98 -2.58 33.82
C HIS A 536 11.07 -1.20 34.42
N VAL A 537 10.80 -1.09 35.72
CA VAL A 537 10.68 0.19 36.40
C VAL A 537 11.90 0.35 37.29
N TYR A 538 12.74 1.32 36.95
CA TYR A 538 13.87 1.70 37.79
C TYR A 538 13.58 3.04 38.45
N GLU A 539 13.93 3.17 39.72
CA GLU A 539 13.64 4.41 40.44
C GLU A 539 14.74 4.68 41.45
N HIS A 540 15.24 5.92 41.44
CA HIS A 540 16.38 6.30 42.26
C HIS A 540 16.42 7.82 42.35
N THR A 541 16.37 8.36 43.56
CA THR A 541 16.52 9.79 43.74
C THR A 541 17.98 10.19 43.54
N THR A 542 18.30 10.77 42.41
CA THR A 542 19.68 11.10 42.07
C THR A 542 20.07 12.45 42.65
N MET A 543 21.38 12.69 42.72
CA MET A 543 21.93 13.97 43.12
C MET A 543 22.73 14.59 41.99
N ILE A 544 22.84 13.90 40.86
CA ILE A 544 23.61 14.34 39.70
C ILE A 544 22.71 15.21 38.84
N ASN A 545 23.21 16.38 38.45
CA ASN A 545 22.44 17.26 37.57
C ASN A 545 23.24 17.59 36.32
N ILE A 546 22.57 17.58 35.17
CA ILE A 546 23.20 18.08 33.96
C ILE A 546 23.36 19.58 34.07
N THR A 547 24.55 20.07 33.76
CA THR A 547 24.80 21.50 33.78
C THR A 547 25.21 22.10 32.44
N ASN A 548 25.49 21.27 31.43
CA ASN A 548 25.82 21.80 30.12
C ASN A 548 25.60 20.71 29.08
N ILE A 549 24.96 21.07 27.98
CA ILE A 549 24.74 20.17 26.85
C ILE A 549 25.50 20.73 25.67
N SER A 550 26.66 20.14 25.37
CA SER A 550 27.39 20.52 24.17
C SER A 550 26.90 19.67 23.01
N GLU A 551 27.55 19.75 21.87
CA GLU A 551 27.21 18.93 20.71
C GLU A 551 27.45 17.44 20.95
N SER A 552 28.38 17.08 21.85
CA SER A 552 28.60 15.65 22.11
C SER A 552 28.85 15.33 23.58
N GLU A 553 28.67 16.27 24.50
CA GLU A 553 29.01 16.01 25.89
C GLU A 553 27.86 16.49 26.78
N VAL A 554 27.49 15.66 27.75
CA VAL A 554 26.49 16.01 28.74
C VAL A 554 27.18 16.10 30.09
N SER A 555 27.46 17.33 30.54
CA SER A 555 28.25 17.51 31.76
C SER A 555 27.42 17.22 33.00
N LEU A 556 27.92 16.31 33.83
CA LEU A 556 27.25 15.82 35.03
C LEU A 556 28.13 16.14 36.24
N GLU A 557 27.85 17.26 36.91
CA GLU A 557 28.58 17.60 38.12
C GLU A 557 27.67 17.43 39.32
N CYS A 558 28.27 17.09 40.47
CA CYS A 558 27.56 17.01 41.74
C CYS A 558 28.32 17.86 42.75
N ASN A 559 28.06 19.17 42.75
CA ASN A 559 28.67 20.08 43.69
C ASN A 559 27.67 20.48 44.77
N GLN A 560 28.01 21.48 45.58
CA GLN A 560 27.13 21.99 46.62
C GLN A 560 25.95 22.78 46.05
N GLY A 561 25.86 22.89 44.72
CA GLY A 561 24.78 23.62 44.10
C GLY A 561 23.90 22.77 43.20
N THR A 562 23.65 21.53 43.62
CA THR A 562 22.76 20.64 42.91
C THR A 562 21.57 20.28 43.81
N VAL A 563 20.49 19.84 43.17
CA VAL A 563 19.25 19.50 43.85
C VAL A 563 18.94 18.04 43.55
N PRO A 564 18.32 17.31 44.47
CA PRO A 564 17.93 15.92 44.17
C PRO A 564 16.80 15.87 43.16
N ILE A 565 16.82 14.83 42.33
CA ILE A 565 15.77 14.58 41.33
C ILE A 565 15.25 13.18 41.59
N GLN A 566 13.94 13.05 41.80
CA GLN A 566 13.34 11.73 41.96
C GLN A 566 13.09 11.10 40.61
N LEU A 567 13.99 10.23 40.16
CA LEU A 567 13.85 9.61 38.86
C LEU A 567 13.00 8.34 38.97
N LEU A 568 12.17 8.12 37.96
CA LEU A 568 11.36 6.92 37.91
C LEU A 568 11.43 6.37 36.48
N PHE A 569 12.64 6.20 35.97
CA PHE A 569 12.81 5.71 34.61
C PHE A 569 12.25 4.31 34.47
N CYS A 570 11.28 4.15 33.58
CA CYS A 570 10.59 2.88 33.40
C CYS A 570 10.44 2.62 31.91
N LEU A 571 11.07 1.57 31.42
CA LEU A 571 11.08 1.29 29.99
C LEU A 571 10.26 0.03 29.71
N LYS A 572 9.54 0.04 28.60
CA LYS A 572 8.74 -1.09 28.20
C LYS A 572 9.58 -2.16 27.51
N GLU A 573 8.98 -3.31 27.23
CA GLU A 573 9.63 -4.35 26.46
C GLU A 573 9.27 -4.23 24.98
N GLN A 574 7.99 -4.05 24.68
CA GLN A 574 7.52 -3.98 23.31
C GLN A 574 7.20 -2.54 22.91
N ASN A 575 7.44 -2.22 21.65
CA ASN A 575 7.16 -0.91 21.07
C ASN A 575 5.67 -0.77 20.83
N GLN A 576 4.94 -0.39 21.88
CA GLN A 576 3.50 -0.20 21.74
C GLN A 576 3.13 1.27 21.52
N LYS A 577 3.84 1.93 20.61
CA LYS A 577 3.58 3.31 20.21
C LYS A 577 3.58 4.27 21.38
N LYS A 578 3.09 5.50 21.16
CA LYS A 578 3.18 6.57 22.14
C LYS A 578 1.94 6.72 23.01
N ILE A 579 0.76 6.40 22.49
CA ILE A 579 -0.44 6.48 23.32
C ILE A 579 -0.35 5.55 24.50
N ASN A 580 0.25 4.37 24.34
CA ASN A 580 0.43 3.45 25.46
C ASN A 580 1.39 4.00 26.50
N SER A 581 2.37 4.81 26.11
CA SER A 581 3.24 5.45 27.10
C SER A 581 2.43 6.37 28.00
N HIS A 582 1.52 7.16 27.42
CA HIS A 582 0.63 7.99 28.21
C HIS A 582 -0.36 7.17 29.00
N ARG A 583 -0.75 6.00 28.49
CA ARG A 583 -1.61 5.10 29.28
C ARG A 583 -0.89 4.60 30.52
N TRP A 584 0.40 4.29 30.38
CA TRP A 584 1.21 3.90 31.53
C TRP A 584 1.45 5.05 32.49
N ALA A 585 1.57 6.28 31.97
CA ALA A 585 1.81 7.46 32.81
C ALA A 585 0.55 8.01 33.46
N PHE A 586 -0.63 7.67 32.95
CA PHE A 586 -1.89 8.22 33.45
C PHE A 586 -2.73 7.19 34.18
N GLU A 587 -2.98 6.04 33.57
CA GLU A 587 -3.68 4.96 34.25
C GLU A 587 -2.79 4.15 35.16
N GLY A 588 -1.47 4.35 35.09
CA GLY A 588 -0.53 3.60 35.87
C GLY A 588 0.05 4.37 37.03
N PHE A 589 1.24 4.94 36.81
CA PHE A 589 1.96 5.58 37.91
C PHE A 589 1.26 6.84 38.41
N ALA A 590 0.40 7.45 37.59
CA ALA A 590 -0.37 8.58 38.10
C ALA A 590 -1.40 8.15 39.12
N GLU A 591 -1.95 6.95 38.98
CA GLU A 591 -2.90 6.45 39.97
C GLU A 591 -2.23 6.25 41.32
N LEU A 592 -1.01 5.71 41.33
CA LEU A 592 -0.30 5.52 42.58
C LEU A 592 0.18 6.86 43.16
N LEU A 593 0.78 7.70 42.32
CA LEU A 593 1.34 8.95 42.79
C LEU A 593 0.25 9.94 43.21
N ARG A 594 -0.89 9.90 42.52
CA ARG A 594 -1.94 10.89 42.69
C ARG A 594 -1.40 12.32 42.63
N PRO A 595 -0.78 12.71 41.53
CA PRO A 595 -0.21 14.05 41.43
C PRO A 595 -1.29 15.09 41.20
N ASN A 596 -0.91 16.35 41.46
CA ASN A 596 -1.82 17.46 41.15
C ASN A 596 -1.79 17.77 39.67
N ILE A 597 -0.60 17.93 39.11
CA ILE A 597 -0.41 18.26 37.70
C ILE A 597 0.44 17.18 37.06
N VAL A 598 0.19 16.93 35.78
CA VAL A 598 0.98 15.96 35.02
C VAL A 598 1.53 16.65 33.77
N THR A 599 2.78 17.08 33.82
CA THR A 599 3.40 17.71 32.66
C THR A 599 3.96 16.66 31.72
N LEU A 600 3.64 16.79 30.44
CA LEU A 600 4.03 15.83 29.40
C LEU A 600 5.13 16.47 28.56
N LEU A 601 6.35 15.96 28.70
CA LEU A 601 7.44 16.40 27.83
C LEU A 601 7.79 15.31 26.83
N ASP A 602 8.60 15.68 25.84
CA ASP A 602 9.15 14.73 24.89
C ASP A 602 10.67 14.82 24.93
N ALA A 603 11.32 13.68 24.68
CA ALA A 603 12.77 13.66 24.67
C ALA A 603 13.31 14.54 23.56
N GLY A 604 13.97 15.63 23.92
CA GLY A 604 14.47 16.57 22.95
C GLY A 604 13.92 17.96 23.17
N THR A 605 12.82 18.04 23.92
CA THR A 605 12.16 19.31 24.23
C THR A 605 12.71 19.84 25.55
N MET A 606 13.60 20.80 25.45
CA MET A 606 14.18 21.41 26.63
C MET A 606 13.35 22.60 27.08
N PRO A 607 12.72 22.54 28.24
CA PRO A 607 11.97 23.69 28.75
C PRO A 607 12.93 24.76 29.25
N GLY A 608 12.38 25.95 29.52
CA GLY A 608 13.17 27.07 29.96
C GLY A 608 13.66 26.90 31.39
N LYS A 609 14.35 27.94 31.86
CA LYS A 609 14.91 27.90 33.21
C LYS A 609 13.82 27.78 34.27
N ASP A 610 12.66 28.38 34.01
CA ASP A 610 11.53 28.31 34.94
C ASP A 610 10.22 28.10 34.18
N SER A 611 10.26 27.47 33.02
CA SER A 611 9.06 27.30 32.21
C SER A 611 8.08 26.32 32.82
N ILE A 612 8.56 25.22 33.41
CA ILE A 612 7.64 24.31 34.08
C ILE A 612 6.99 24.95 35.30
N TYR A 613 7.74 25.74 36.07
CA TYR A 613 7.14 26.48 37.16
C TYR A 613 6.14 27.51 36.68
N GLN A 614 6.45 28.22 35.59
CA GLN A 614 5.48 29.15 35.02
C GLN A 614 4.24 28.43 34.50
N LEU A 615 4.42 27.21 33.98
CA LEU A 615 3.28 26.43 33.51
C LEU A 615 2.44 25.92 34.66
N TRP A 616 3.07 25.51 35.76
CA TRP A 616 2.36 25.12 36.96
C TRP A 616 1.64 26.30 37.61
N ARG A 617 2.15 27.51 37.45
CA ARG A 617 1.55 28.69 38.05
C ARG A 617 0.19 29.03 37.44
N GLU A 618 -0.11 28.52 36.24
CA GLU A 618 -1.40 28.74 35.62
C GLU A 618 -2.52 27.92 36.25
N PHE A 619 -2.18 26.97 37.12
CA PHE A 619 -3.16 26.11 37.76
C PHE A 619 -3.56 26.63 39.14
N ARG A 620 -3.19 27.87 39.47
CA ARG A 620 -3.62 28.46 40.72
C ARG A 620 -5.13 28.62 40.79
N ASN A 621 -5.76 29.11 39.72
CA ASN A 621 -7.21 29.18 39.68
C ASN A 621 -7.79 27.81 39.43
N PRO A 622 -8.83 27.40 40.15
CA PRO A 622 -9.35 26.04 40.02
C PRO A 622 -9.90 25.71 38.64
N ASN A 623 -10.23 26.74 37.86
CA ASN A 623 -10.91 26.52 36.58
C ASN A 623 -10.01 25.80 35.59
N VAL A 624 -8.72 26.12 35.59
CA VAL A 624 -7.80 25.57 34.59
C VAL A 624 -7.60 24.08 34.83
N GLY A 625 -7.92 23.27 33.82
CA GLY A 625 -7.72 21.84 33.89
C GLY A 625 -6.83 21.36 32.77
N GLY A 626 -5.80 22.14 32.47
CA GLY A 626 -4.91 21.86 31.36
C GLY A 626 -4.36 23.13 30.78
N ALA A 627 -3.04 23.19 30.60
CA ALA A 627 -2.36 24.38 30.12
C ALA A 627 -1.23 23.96 29.20
N CYS A 628 -0.74 24.92 28.42
CA CYS A 628 0.38 24.66 27.51
C CYS A 628 1.21 25.92 27.41
N GLY A 629 2.47 25.74 27.03
CA GLY A 629 3.39 26.83 26.85
C GLY A 629 3.79 27.00 25.40
N GLU A 630 4.65 27.98 25.17
CA GLU A 630 5.20 28.24 23.85
C GLU A 630 6.20 27.16 23.50
N ILE A 631 6.12 26.62 22.30
CA ILE A 631 7.13 25.70 21.80
C ILE A 631 7.93 26.43 20.74
N ARG A 632 9.22 26.59 20.99
CA ARG A 632 10.10 27.24 20.04
C ARG A 632 10.89 26.20 19.27
N THR A 633 11.67 26.69 18.31
CA THR A 633 12.54 25.83 17.51
C THR A 633 13.98 26.02 17.97
N ASP A 634 14.65 24.91 18.21
CA ASP A 634 16.06 24.94 18.57
C ASP A 634 16.88 25.18 17.30
N LEU A 635 17.42 26.39 17.17
CA LEU A 635 18.13 26.78 15.96
C LEU A 635 19.61 26.44 16.00
N GLY A 636 20.07 25.77 17.05
CA GLY A 636 21.44 25.33 17.11
C GLY A 636 22.38 26.37 17.67
N LYS A 637 23.67 26.07 17.55
CA LYS A 637 24.70 26.97 18.04
C LYS A 637 24.80 28.20 17.13
N ARG A 638 24.55 29.37 17.71
CA ARG A 638 24.61 30.64 17.00
C ARG A 638 23.70 30.63 15.78
N PHE A 639 22.51 30.06 15.97
CA PHE A 639 21.42 30.12 15.00
C PHE A 639 21.82 29.49 13.66
N VAL A 640 22.60 28.41 13.74
CA VAL A 640 23.13 27.79 12.54
C VAL A 640 22.05 27.14 11.69
N LYS A 641 20.94 26.71 12.29
CA LYS A 641 19.91 26.00 11.55
C LYS A 641 19.02 26.92 10.74
N LEU A 642 19.14 28.24 10.89
CA LEU A 642 18.39 29.15 10.05
C LEU A 642 18.81 29.10 8.59
N LEU A 643 20.01 28.57 8.31
CA LEU A 643 20.41 28.38 6.91
C LEU A 643 19.51 27.38 6.22
N ASN A 644 19.05 26.37 6.95
CA ASN A 644 18.11 25.41 6.41
C ASN A 644 16.77 26.10 6.16
N PRO A 645 16.31 26.19 4.91
CA PRO A 645 15.03 26.86 4.67
C PRO A 645 13.84 26.13 5.25
N LEU A 646 13.95 24.81 5.47
CA LEU A 646 12.88 24.05 6.08
C LEU A 646 12.79 24.27 7.58
N VAL A 647 13.92 24.42 8.27
CA VAL A 647 13.93 24.78 9.68
C VAL A 647 13.48 26.21 9.93
N ALA A 648 13.92 27.16 9.11
CA ALA A 648 13.49 28.54 9.24
C ALA A 648 12.00 28.73 9.00
N SER A 649 11.43 28.01 8.04
CA SER A 649 9.99 28.05 7.81
C SER A 649 9.19 27.54 9.00
N GLN A 650 9.61 26.43 9.60
CA GLN A 650 8.97 25.93 10.80
C GLN A 650 9.12 26.87 11.98
N ASN A 651 10.25 27.57 12.08
CA ASN A 651 10.41 28.60 13.10
C ASN A 651 9.29 29.64 13.02
N PHE A 652 9.09 30.23 11.84
CA PHE A 652 8.03 31.21 11.66
C PHE A 652 6.65 30.63 11.86
N GLU A 653 6.40 29.41 11.37
CA GLU A 653 5.11 28.78 11.57
C GLU A 653 4.80 28.59 13.05
N TYR A 654 5.78 28.12 13.83
CA TYR A 654 5.59 27.98 15.26
C TYR A 654 5.38 29.32 15.95
N LYS A 655 6.15 30.34 15.55
CA LYS A 655 6.02 31.66 16.15
C LYS A 655 4.60 32.17 15.94
N MET A 656 4.12 32.13 14.71
CA MET A 656 2.74 32.54 14.42
C MET A 656 1.71 31.67 15.11
N SER A 657 1.95 30.37 15.25
CA SER A 657 1.01 29.51 15.96
C SER A 657 0.90 29.91 17.42
N ASN A 658 2.00 30.33 18.04
CA ASN A 658 2.00 30.71 19.45
C ASN A 658 1.75 32.20 19.65
N ILE A 659 1.42 32.95 18.58
CA ILE A 659 1.13 34.36 18.73
C ILE A 659 -0.30 34.64 18.31
N LEU A 660 -0.80 33.87 17.37
CA LEU A 660 -2.11 34.17 16.82
C LEU A 660 -3.13 33.08 17.07
N ASP A 661 -2.69 31.82 17.13
CA ASP A 661 -3.63 30.73 17.34
C ASP A 661 -3.81 30.42 18.83
N LYS A 662 -2.71 30.20 19.55
CA LYS A 662 -2.83 29.86 20.97
C LYS A 662 -3.40 31.01 21.77
N THR A 663 -2.97 32.24 21.49
CA THR A 663 -3.48 33.40 22.22
C THR A 663 -4.95 33.65 21.93
N THR A 664 -5.38 33.49 20.67
CA THR A 664 -6.78 33.68 20.33
C THR A 664 -7.66 32.62 20.98
N GLU A 665 -7.21 31.36 20.95
CA GLU A 665 -8.01 30.28 21.51
C GLU A 665 -8.02 30.30 23.02
N SER A 666 -6.95 30.81 23.65
CA SER A 666 -6.89 30.85 25.10
C SER A 666 -7.91 31.81 25.68
N ASN A 667 -8.29 32.84 24.93
CA ASN A 667 -9.31 33.77 25.40
C ASN A 667 -10.65 33.08 25.56
N PHE A 668 -11.04 32.28 24.56
CA PHE A 668 -12.30 31.56 24.64
C PHE A 668 -12.27 30.51 25.74
N GLY A 669 -11.13 29.81 25.87
CA GLY A 669 -10.96 28.83 26.92
C GLY A 669 -10.85 27.41 26.43
N PHE A 670 -10.62 27.22 25.12
CA PHE A 670 -10.46 25.89 24.56
C PHE A 670 -9.36 25.94 23.51
N ILE A 671 -8.19 25.43 23.86
CA ILE A 671 -7.09 25.35 22.90
C ILE A 671 -7.23 24.07 22.10
N THR A 672 -7.13 24.19 20.77
CA THR A 672 -7.44 23.08 19.88
C THR A 672 -6.52 21.89 20.13
N VAL A 673 -5.23 22.14 20.33
CA VAL A 673 -4.27 21.11 20.68
C VAL A 673 -3.36 21.62 21.78
N LEU A 674 -3.20 20.83 22.83
CA LEU A 674 -2.14 21.05 23.79
C LEU A 674 -0.95 20.19 23.39
N PRO A 675 0.18 20.77 23.01
CA PRO A 675 1.24 19.97 22.40
C PRO A 675 1.72 18.86 23.32
N GLY A 676 1.97 17.69 22.75
CA GLY A 676 2.48 16.59 23.54
C GLY A 676 3.90 16.82 24.00
N ALA A 677 4.62 17.73 23.33
CA ALA A 677 6.00 18.03 23.70
C ALA A 677 6.09 18.89 24.94
N PHE A 678 5.12 19.77 25.19
CA PHE A 678 5.15 20.60 26.40
C PHE A 678 3.72 21.00 26.73
N SER A 679 3.09 20.28 27.66
CA SER A 679 1.75 20.61 28.12
C SER A 679 1.58 20.06 29.51
N ALA A 680 0.58 20.57 30.22
CA ALA A 680 0.30 20.14 31.58
C ALA A 680 -1.19 19.96 31.73
N TYR A 681 -1.59 18.87 32.38
CA TYR A 681 -3.00 18.60 32.66
C TYR A 681 -3.19 18.48 34.16
N ARG A 682 -4.24 19.11 34.68
CA ARG A 682 -4.66 18.81 36.04
C ARG A 682 -5.15 17.38 36.07
N PHE A 683 -4.67 16.59 37.04
CA PHE A 683 -4.98 15.17 37.03
C PHE A 683 -6.47 14.93 37.21
N GLU A 684 -7.12 15.64 38.13
CA GLU A 684 -8.54 15.42 38.35
C GLU A 684 -9.38 15.88 37.17
N ALA A 685 -8.83 16.77 36.34
CA ALA A 685 -9.55 17.25 35.17
C ALA A 685 -9.63 16.18 34.10
N VAL A 686 -8.53 15.46 33.85
CA VAL A 686 -8.51 14.47 32.78
C VAL A 686 -8.93 13.11 33.30
N ARG A 687 -8.83 12.88 34.60
CA ARG A 687 -9.10 11.56 35.18
C ARG A 687 -10.56 11.21 35.03
N GLY A 688 -10.86 10.21 34.21
CA GLY A 688 -12.24 9.78 34.03
C GLY A 688 -12.62 9.60 32.58
N GLN A 689 -13.68 10.29 32.18
CA GLN A 689 -14.22 10.22 30.83
C GLN A 689 -13.23 10.72 29.78
N PRO A 690 -12.52 11.85 30.00
CA PRO A 690 -11.52 12.27 29.00
C PRO A 690 -10.45 11.23 28.73
N LEU A 691 -9.86 10.64 29.77
CA LEU A 691 -8.84 9.63 29.57
C LEU A 691 -9.44 8.35 28.98
N GLN A 692 -10.70 8.06 29.33
CA GLN A 692 -11.37 6.90 28.77
C GLN A 692 -11.54 7.03 27.26
N LYS A 693 -11.94 8.22 26.78
CA LYS A 693 -11.96 8.47 25.35
C LYS A 693 -10.58 8.49 24.74
N TYR A 694 -9.59 9.05 25.43
CA TYR A 694 -8.23 9.13 24.88
C TYR A 694 -7.67 7.74 24.61
N PHE A 695 -7.76 6.84 25.59
CA PHE A 695 -7.09 5.55 25.46
C PHE A 695 -7.92 4.56 24.66
N TYR A 696 -9.15 4.28 25.11
CA TYR A 696 -9.96 3.27 24.45
C TYR A 696 -10.89 3.90 23.41
N GLY A 697 -11.79 4.76 23.86
CA GLY A 697 -12.68 5.46 22.96
C GLY A 697 -13.51 4.57 22.08
N GLU A 698 -14.05 3.49 22.66
CA GLU A 698 -14.89 2.54 21.94
C GLU A 698 -14.19 1.92 20.73
N GLY A 704 -17.64 -3.04 14.68
CA GLY A 704 -18.64 -1.99 14.58
C GLY A 704 -18.39 -1.06 13.42
N PHE A 705 -17.20 -0.44 13.42
CA PHE A 705 -16.73 0.42 12.34
C PHE A 705 -17.65 1.63 12.16
N HIS A 706 -17.66 2.47 13.19
CA HIS A 706 -18.36 3.74 13.18
C HIS A 706 -17.35 4.84 12.90
N PHE A 707 -17.82 5.92 12.28
CA PHE A 707 -16.89 6.94 11.80
C PHE A 707 -16.21 7.71 12.93
N PHE A 708 -16.92 8.03 14.01
CA PHE A 708 -16.37 8.83 15.09
C PHE A 708 -15.70 7.98 16.15
N SER A 709 -15.80 6.65 16.06
CA SER A 709 -15.18 5.76 17.02
C SER A 709 -14.01 4.98 16.46
N SER A 710 -14.03 4.65 15.18
CA SER A 710 -12.94 3.92 14.56
C SER A 710 -11.82 4.83 14.07
N ASN A 711 -12.12 6.10 13.78
CA ASN A 711 -11.13 7.03 13.26
C ASN A 711 -10.70 8.06 14.28
N MET A 712 -11.17 7.95 15.52
CA MET A 712 -10.89 8.97 16.52
C MET A 712 -9.47 8.87 17.07
N TYR A 713 -8.74 7.79 16.78
CA TYR A 713 -7.36 7.69 17.20
C TYR A 713 -6.45 8.58 16.36
N LEU A 714 -6.94 9.12 15.25
CA LEU A 714 -6.14 10.03 14.43
C LEU A 714 -5.80 11.29 15.22
N ALA A 715 -6.76 11.79 16.00
CA ALA A 715 -6.53 12.88 16.94
C ALA A 715 -6.08 12.26 18.25
N GLU A 716 -4.77 12.06 18.40
CA GLU A 716 -4.28 11.35 19.58
C GLU A 716 -4.65 12.09 20.85
N ASP A 717 -3.98 13.20 21.11
CA ASP A 717 -4.17 13.95 22.34
C ASP A 717 -5.08 15.16 22.17
N ARG A 718 -5.60 15.39 20.97
CA ARG A 718 -6.57 16.44 20.75
C ARG A 718 -7.96 16.07 21.23
N ILE A 719 -8.23 14.79 21.45
CA ILE A 719 -9.46 14.34 22.06
C ILE A 719 -9.44 14.56 23.57
N LEU A 720 -8.26 14.65 24.16
CA LEU A 720 -8.12 14.95 25.57
C LEU A 720 -8.40 16.41 25.90
N CYS A 721 -8.22 17.32 24.94
CA CYS A 721 -8.54 18.73 25.14
C CYS A 721 -10.02 19.01 25.06
N PHE A 722 -10.73 18.38 24.12
CA PHE A 722 -12.16 18.61 23.95
C PHE A 722 -12.99 17.98 25.05
N GLU A 723 -12.58 16.82 25.55
CA GLU A 723 -13.33 16.14 26.60
C GLU A 723 -13.11 16.76 27.97
N VAL A 724 -12.13 17.64 28.12
CA VAL A 724 -11.91 18.30 29.40
C VAL A 724 -12.75 19.56 29.48
N VAL A 725 -12.74 20.38 28.43
CA VAL A 725 -13.54 21.60 28.41
C VAL A 725 -15.03 21.26 28.42
N THR A 726 -15.44 20.30 27.60
CA THR A 726 -16.83 19.87 27.53
C THR A 726 -17.09 18.68 28.44
N LYS A 727 -16.75 18.81 29.72
CA LYS A 727 -16.94 17.71 30.66
C LYS A 727 -18.18 17.96 31.51
N LYS A 728 -18.97 16.90 31.70
CA LYS A 728 -20.24 17.03 32.41
C LYS A 728 -20.01 17.47 33.85
N ASN A 729 -20.74 18.52 34.25
CA ASN A 729 -20.76 19.04 35.61
C ASN A 729 -19.38 19.55 36.05
N CYS A 730 -18.51 19.86 35.09
CA CYS A 730 -17.18 20.37 35.37
C CYS A 730 -16.89 21.55 34.47
N ASN A 731 -16.48 22.67 35.05
CA ASN A 731 -16.15 23.88 34.30
C ASN A 731 -14.63 24.01 34.13
N TRP A 732 -14.07 23.13 33.33
CA TRP A 732 -12.64 23.14 33.03
C TRP A 732 -12.38 24.01 31.81
N ILE A 733 -11.28 24.76 31.82
CA ILE A 733 -10.84 25.53 30.68
C ILE A 733 -9.35 25.25 30.45
N LEU A 734 -8.90 25.52 29.23
CA LEU A 734 -7.50 25.32 28.86
C LEU A 734 -6.84 26.68 28.71
N LYS A 735 -5.73 26.88 29.41
CA LYS A 735 -5.03 28.14 29.40
C LYS A 735 -3.79 28.03 28.52
N TYR A 736 -3.24 29.16 28.10
CA TYR A 736 -1.99 29.16 27.33
C TYR A 736 -1.03 30.11 28.05
N CYS A 737 0.12 29.58 28.46
CA CYS A 737 1.10 30.37 29.21
C CYS A 737 2.13 30.95 28.25
N ARG A 738 2.14 32.27 28.12
CA ARG A 738 3.09 32.96 27.26
C ARG A 738 4.50 32.93 27.81
N SER A 739 4.68 32.95 29.13
CA SER A 739 5.99 33.07 29.76
C SER A 739 6.58 31.72 30.12
N SER A 740 6.22 30.67 29.38
CA SER A 740 6.78 29.34 29.60
C SER A 740 7.04 28.73 28.24
N TYR A 741 8.32 28.65 27.86
CA TYR A 741 8.70 28.18 26.54
C TYR A 741 9.43 26.85 26.64
N ALA A 742 9.59 26.20 25.48
CA ALA A 742 10.37 24.98 25.40
C ALA A 742 10.88 24.76 23.99
N SER A 743 12.18 25.01 23.78
CA SER A 743 12.78 24.79 22.48
C SER A 743 12.81 23.30 22.15
N THR A 744 12.33 22.94 20.95
CA THR A 744 12.24 21.56 20.54
C THR A 744 13.12 21.31 19.31
N ASP A 745 13.20 20.06 18.89
CA ASP A 745 13.95 19.66 17.71
C ASP A 745 12.97 19.41 16.58
N VAL A 746 13.14 20.14 15.48
CA VAL A 746 12.22 20.05 14.34
C VAL A 746 12.88 19.28 13.21
N PRO A 747 12.11 18.66 12.31
CA PRO A 747 12.73 17.97 11.18
C PRO A 747 13.54 18.93 10.30
N GLU A 748 14.69 18.46 9.86
CA GLU A 748 15.55 19.23 8.97
C GLU A 748 15.50 18.74 7.53
N ARG A 749 14.85 17.61 7.27
CA ARG A 749 14.80 17.02 5.94
C ARG A 749 13.35 16.85 5.51
N VAL A 750 13.13 16.98 4.20
CA VAL A 750 11.77 16.96 3.67
C VAL A 750 11.04 15.65 3.95
N PRO A 751 11.62 14.47 3.73
CA PRO A 751 10.88 13.24 4.05
C PRO A 751 10.48 13.12 5.51
N GLU A 752 11.34 13.56 6.42
CA GLU A 752 11.01 13.52 7.84
C GLU A 752 10.00 14.58 8.23
N PHE A 753 10.00 15.72 7.54
CA PHE A 753 9.03 16.78 7.79
C PHE A 753 7.65 16.46 7.24
N ILE A 754 7.56 15.83 6.06
CA ILE A 754 6.29 15.41 5.51
C ILE A 754 5.60 14.35 6.37
N LEU A 755 6.34 13.36 6.85
CA LEU A 755 5.76 12.29 7.66
C LEU A 755 5.27 12.78 9.01
N GLN A 756 5.97 13.72 9.64
CA GLN A 756 5.47 14.31 10.88
C GLN A 756 4.16 15.07 10.68
N ARG A 757 4.08 15.91 9.66
CA ARG A 757 2.91 16.73 9.44
C ARG A 757 1.71 15.95 8.95
N ARG A 758 1.90 14.72 8.48
CA ARG A 758 0.76 13.87 8.17
C ARG A 758 -0.06 13.57 9.42
N ARG A 759 0.60 13.16 10.50
CA ARG A 759 -0.09 12.95 11.77
C ARG A 759 -0.73 14.23 12.28
N TRP A 760 -0.03 15.35 12.22
CA TRP A 760 -0.55 16.64 12.64
C TRP A 760 -1.80 17.04 11.84
N LEU A 761 -1.72 17.02 10.51
CA LEU A 761 -2.84 17.42 9.69
C LEU A 761 -4.01 16.47 9.83
N ASN A 762 -3.77 15.16 9.86
CA ASN A 762 -4.85 14.20 10.01
C ASN A 762 -5.53 14.34 11.37
N GLY A 763 -4.75 14.52 12.44
CA GLY A 763 -5.36 14.71 13.74
C GLY A 763 -6.13 16.01 13.84
N SER A 764 -5.57 17.09 13.31
CA SER A 764 -6.27 18.37 13.35
C SER A 764 -7.55 18.35 12.54
N PHE A 765 -7.56 17.67 11.39
CA PHE A 765 -8.79 17.56 10.62
C PHE A 765 -9.81 16.67 11.31
N PHE A 766 -9.38 15.54 11.87
CA PHE A 766 -10.32 14.64 12.53
C PHE A 766 -10.76 15.14 13.90
N ALA A 767 -10.01 16.03 14.53
CA ALA A 767 -10.42 16.61 15.79
C ALA A 767 -11.32 17.83 15.61
N SER A 768 -11.18 18.55 14.51
CA SER A 768 -12.09 19.63 14.19
C SER A 768 -13.45 19.13 13.74
N VAL A 769 -13.49 18.05 12.95
CA VAL A 769 -14.76 17.44 12.59
C VAL A 769 -15.47 16.88 13.81
N TYR A 770 -14.75 16.21 14.71
CA TYR A 770 -15.32 15.72 15.96
C TYR A 770 -15.81 16.84 16.87
N SER A 771 -15.03 17.91 17.04
CA SER A 771 -15.40 19.02 17.91
C SER A 771 -16.61 19.76 17.39
N PHE A 772 -16.69 19.99 16.08
CA PHE A 772 -17.84 20.72 15.53
C PHE A 772 -19.09 19.88 15.59
N CYS A 773 -18.99 18.60 15.20
CA CYS A 773 -20.17 17.74 15.21
C CYS A 773 -20.70 17.56 16.62
N HIS A 774 -19.81 17.40 17.59
CA HIS A 774 -20.20 17.31 18.99
C HIS A 774 -20.10 18.65 19.71
N PHE A 775 -20.61 19.72 19.11
CA PHE A 775 -20.55 21.02 19.78
C PHE A 775 -21.65 21.17 20.81
N TYR A 776 -22.68 20.32 20.75
CA TYR A 776 -23.77 20.34 21.71
C TYR A 776 -23.34 19.89 23.10
N ARG A 777 -22.18 19.26 23.22
CA ARG A 777 -21.67 18.84 24.51
C ARG A 777 -21.12 20.00 25.34
N VAL A 778 -20.90 21.16 24.73
CA VAL A 778 -20.55 22.34 25.51
C VAL A 778 -21.70 22.74 26.41
N TRP A 779 -22.94 22.65 25.91
CA TRP A 779 -24.12 23.06 26.64
C TRP A 779 -24.60 22.02 27.64
N SER A 780 -24.03 20.82 27.62
CA SER A 780 -24.31 19.80 28.60
C SER A 780 -23.26 19.74 29.71
N SER A 781 -22.33 20.69 29.72
CA SER A 781 -21.27 20.74 30.71
C SER A 781 -21.65 21.71 31.83
N GLY A 782 -20.75 21.83 32.80
CA GLY A 782 -20.98 22.65 33.98
C GLY A 782 -20.56 24.10 33.84
N HIS A 783 -20.22 24.55 32.64
CA HIS A 783 -19.81 25.92 32.43
C HIS A 783 -21.00 26.86 32.64
N ASN A 784 -20.69 28.12 32.94
CA ASN A 784 -21.76 29.10 33.02
C ASN A 784 -22.19 29.50 31.60
N ILE A 785 -23.31 30.22 31.53
CA ILE A 785 -23.88 30.58 30.24
C ILE A 785 -22.93 31.48 29.46
N GLY A 786 -22.29 32.44 30.14
CA GLY A 786 -21.38 33.35 29.47
C GLY A 786 -20.21 32.65 28.81
N ARG A 787 -19.63 31.66 29.49
CA ARG A 787 -18.55 30.89 28.90
C ARG A 787 -19.03 29.89 27.86
N LYS A 788 -20.23 29.33 28.03
CA LYS A 788 -20.79 28.44 27.02
C LYS A 788 -21.01 29.17 25.70
N LEU A 789 -21.53 30.40 25.76
CA LEU A 789 -21.70 31.18 24.53
C LEU A 789 -20.37 31.49 23.87
N LEU A 790 -19.36 31.83 24.67
CA LEU A 790 -18.03 32.10 24.11
C LEU A 790 -17.45 30.86 23.46
N LEU A 791 -17.64 29.70 24.07
CA LEU A 791 -17.14 28.46 23.51
C LEU A 791 -17.85 28.09 22.22
N THR A 792 -19.17 28.28 22.15
CA THR A 792 -19.88 27.98 20.91
C THR A 792 -19.60 29.01 19.82
N VAL A 793 -19.22 30.24 20.19
CA VAL A 793 -18.70 31.17 19.19
C VAL A 793 -17.34 30.74 18.68
N GLU A 794 -16.45 30.29 19.56
CA GLU A 794 -15.15 29.80 19.15
C GLU A 794 -15.23 28.57 18.26
N PHE A 795 -16.15 27.65 18.53
CA PHE A 795 -16.24 26.46 17.71
C PHE A 795 -16.65 26.77 16.28
N PHE A 796 -17.52 27.74 16.07
CA PHE A 796 -17.86 28.18 14.72
C PHE A 796 -16.66 28.79 14.00
N TYR A 797 -15.86 29.60 14.70
CA TYR A 797 -14.65 30.14 14.11
C TYR A 797 -13.63 29.05 13.77
N LEU A 798 -13.47 28.07 14.66
CA LEU A 798 -12.59 26.95 14.40
C LEU A 798 -13.06 26.14 13.21
N PHE A 799 -14.37 25.93 13.07
CA PHE A 799 -14.91 25.27 11.89
C PHE A 799 -14.71 26.09 10.63
N PHE A 800 -14.82 27.41 10.72
CA PHE A 800 -14.54 28.27 9.57
C PHE A 800 -13.09 28.17 9.13
N ASN A 801 -12.16 28.12 10.09
CA ASN A 801 -10.77 27.88 9.77
C ASN A 801 -10.55 26.51 9.16
N THR A 802 -11.24 25.48 9.67
CA THR A 802 -11.16 24.14 9.08
C THR A 802 -11.66 24.14 7.65
N LEU A 803 -12.76 24.83 7.37
CA LEU A 803 -13.28 24.94 6.02
C LEU A 803 -12.32 25.68 5.10
N ILE A 804 -11.68 26.74 5.59
CA ILE A 804 -10.65 27.40 4.80
C ILE A 804 -9.50 26.47 4.48
N SER A 805 -8.98 25.73 5.47
CA SER A 805 -7.88 24.81 5.23
C SER A 805 -8.28 23.62 4.37
N TRP A 806 -9.57 23.28 4.31
CA TRP A 806 -10.04 22.21 3.45
C TRP A 806 -10.05 22.63 1.99
N PHE A 807 -10.35 23.90 1.72
CA PHE A 807 -10.46 24.43 0.37
C PHE A 807 -9.19 25.13 -0.09
N SER A 808 -8.10 24.96 0.65
CA SER A 808 -6.83 25.60 0.29
C SER A 808 -6.23 25.05 -0.98
N LEU A 809 -6.49 23.78 -1.30
CA LEU A 809 -5.99 23.19 -2.54
C LEU A 809 -6.54 23.91 -3.76
N SER A 810 -7.83 24.21 -3.77
CA SER A 810 -8.45 24.98 -4.84
C SER A 810 -8.15 26.47 -4.72
N SER A 811 -8.06 26.99 -3.49
CA SER A 811 -7.82 28.42 -3.32
C SER A 811 -6.46 28.82 -3.85
N PHE A 812 -5.42 28.04 -3.55
CA PHE A 812 -4.10 28.37 -4.08
C PHE A 812 -4.08 28.29 -5.60
N PHE A 813 -4.69 27.24 -6.17
CA PHE A 813 -4.69 27.11 -7.62
C PHE A 813 -5.43 28.25 -8.28
N LEU A 814 -6.54 28.67 -7.69
CA LEU A 814 -7.32 29.74 -8.30
C LEU A 814 -6.61 31.08 -8.17
N VAL A 815 -6.01 31.35 -7.03
CA VAL A 815 -5.23 32.58 -6.91
C VAL A 815 -4.04 32.59 -7.87
N PHE A 816 -3.31 31.48 -7.98
CA PHE A 816 -2.23 31.36 -8.94
C PHE A 816 -2.67 31.48 -10.39
N ARG A 817 -3.75 30.82 -10.78
CA ARG A 817 -4.23 30.80 -12.15
C ARG A 817 -4.89 32.12 -12.56
N ILE A 818 -5.66 32.74 -11.66
CA ILE A 818 -6.23 34.05 -11.93
C ILE A 818 -5.18 35.14 -12.00
N LEU A 819 -4.14 35.05 -11.17
CA LEU A 819 -3.09 36.06 -11.14
C LEU A 819 -2.12 35.97 -12.30
N THR A 820 -1.85 34.78 -12.81
CA THR A 820 -0.94 34.61 -13.94
C THR A 820 -1.64 34.73 -15.29
N VAL A 821 -2.96 34.56 -15.35
CA VAL A 821 -3.72 34.82 -16.57
C VAL A 821 -4.11 36.28 -16.71
N SER A 822 -4.48 36.94 -15.61
CA SER A 822 -4.86 38.34 -15.67
C SER A 822 -3.68 39.27 -15.91
N ILE A 823 -2.45 38.80 -15.70
CA ILE A 823 -1.28 39.58 -16.07
C ILE A 823 -0.83 39.31 -17.49
N ALA A 824 -1.19 38.17 -18.07
CA ALA A 824 -0.90 37.88 -19.46
C ALA A 824 -1.86 38.59 -20.41
N LEU A 825 -3.09 38.87 -19.95
CA LEU A 825 -4.01 39.69 -20.73
C LEU A 825 -3.67 41.17 -20.65
N ALA A 826 -3.21 41.65 -19.49
CA ALA A 826 -2.97 43.07 -19.31
C ALA A 826 -1.73 43.54 -20.05
N TYR A 827 -0.63 42.78 -19.99
CA TYR A 827 0.64 43.25 -20.53
C TYR A 827 1.34 42.25 -21.44
N HIS A 828 0.74 41.09 -21.70
CA HIS A 828 1.22 40.14 -22.70
C HIS A 828 2.71 39.85 -22.57
N SER A 829 3.47 40.16 -23.63
CA SER A 829 4.93 39.98 -23.68
C SER A 829 5.25 38.52 -23.31
N ALA A 830 6.17 38.27 -22.37
CA ALA A 830 6.54 36.92 -22.00
C ALA A 830 5.64 36.34 -20.93
N PHE A 831 4.69 37.11 -20.41
CA PHE A 831 3.74 36.60 -19.44
C PHE A 831 2.74 35.65 -20.07
N ASN A 832 2.71 35.57 -21.40
CA ASN A 832 1.81 34.65 -22.07
C ASN A 832 2.26 33.21 -21.88
N VAL A 833 3.42 32.88 -22.44
CA VAL A 833 3.93 31.52 -22.36
C VAL A 833 4.26 31.13 -20.93
N LEU A 834 4.61 32.09 -20.08
CA LEU A 834 4.82 31.81 -18.67
C LEU A 834 3.54 31.39 -17.97
N SER A 835 2.38 31.80 -18.46
CA SER A 835 1.13 31.36 -17.84
C SER A 835 0.82 29.92 -18.18
N VAL A 836 1.28 29.44 -19.34
CA VAL A 836 1.08 28.05 -19.73
C VAL A 836 2.16 27.12 -19.19
N ILE A 837 3.42 27.57 -19.18
CA ILE A 837 4.49 26.79 -18.58
C ILE A 837 4.24 26.54 -17.10
N PHE A 838 3.81 27.54 -16.35
CA PHE A 838 3.58 27.39 -14.92
C PHE A 838 2.31 26.62 -14.59
N LEU A 839 1.31 26.64 -15.46
CA LEU A 839 0.14 25.80 -15.25
C LEU A 839 0.47 24.33 -15.47
N TRP A 840 1.21 24.01 -16.54
CA TRP A 840 1.64 22.65 -16.78
C TRP A 840 2.59 22.16 -15.70
N LEU A 841 3.48 23.03 -15.23
CA LEU A 841 4.38 22.67 -14.15
C LEU A 841 3.60 22.35 -12.88
N TYR A 842 2.58 23.16 -12.58
CA TYR A 842 1.69 22.87 -11.46
C TYR A 842 0.95 21.55 -11.62
N GLY A 843 0.42 21.29 -12.81
CA GLY A 843 -0.31 20.06 -13.05
C GLY A 843 0.57 18.85 -12.88
N ILE A 844 1.78 18.90 -13.43
CA ILE A 844 2.72 17.80 -13.28
C ILE A 844 3.13 17.60 -11.82
N CYS A 845 3.47 18.67 -11.10
CA CYS A 845 3.86 18.55 -9.71
C CYS A 845 2.73 18.10 -8.79
N THR A 846 1.49 18.43 -9.10
CA THR A 846 0.35 17.98 -8.31
C THR A 846 -0.06 16.55 -8.63
N LEU A 847 -0.07 16.16 -9.90
CA LEU A 847 -0.29 14.78 -10.27
C LEU A 847 0.76 13.86 -9.66
N SER A 848 2.03 14.24 -9.77
CA SER A 848 3.10 13.39 -9.24
C SER A 848 3.04 13.29 -7.74
N THR A 849 2.67 14.38 -7.04
CA THR A 849 2.49 14.31 -5.60
C THR A 849 1.31 13.44 -5.21
N PHE A 850 0.20 13.50 -5.95
CA PHE A 850 -0.90 12.59 -5.69
C PHE A 850 -0.53 11.13 -5.90
N ILE A 851 0.21 10.81 -6.95
CA ILE A 851 0.61 9.44 -7.21
C ILE A 851 1.71 8.96 -6.26
N LEU A 852 2.68 9.80 -5.94
CA LEU A 852 3.75 9.43 -5.02
C LEU A 852 3.29 9.37 -3.57
N SER A 853 2.11 9.90 -3.26
CA SER A 853 1.55 9.83 -1.91
C SER A 853 0.63 8.65 -1.71
N LEU A 854 -0.10 8.25 -2.75
CA LEU A 854 -1.00 7.11 -2.64
C LEU A 854 -0.27 5.78 -2.69
N GLY A 855 0.83 5.70 -3.43
CA GLY A 855 1.51 4.43 -3.59
C GLY A 855 3.02 4.46 -3.48
N ASN A 856 3.56 5.36 -2.66
CA ASN A 856 5.01 5.44 -2.52
C ASN A 856 5.31 6.13 -1.20
N LYS A 857 6.54 5.93 -0.72
CA LYS A 857 6.97 6.47 0.56
C LYS A 857 7.86 7.69 0.38
N PRO A 858 7.78 8.68 1.28
CA PRO A 858 8.63 9.87 1.12
C PRO A 858 10.12 9.58 1.14
N LYS A 859 10.56 8.62 1.95
CA LYS A 859 11.98 8.28 1.96
C LYS A 859 12.42 7.63 0.67
N SER A 860 11.50 6.95 -0.04
CA SER A 860 11.83 6.36 -1.33
C SER A 860 12.19 7.44 -2.34
N THR A 861 11.43 8.51 -2.38
CA THR A 861 11.65 9.62 -3.30
C THR A 861 11.90 10.89 -2.50
N GLU A 862 13.14 11.08 -2.06
CA GLU A 862 13.50 12.31 -1.38
C GLU A 862 13.89 13.42 -2.35
N LYS A 863 14.58 13.10 -3.43
CA LYS A 863 15.00 14.10 -4.39
C LYS A 863 13.84 14.69 -5.18
N PHE A 864 12.74 13.95 -5.35
CA PHE A 864 11.60 14.52 -6.05
C PHE A 864 10.78 15.45 -5.18
N TYR A 865 10.60 15.14 -3.89
CA TYR A 865 9.85 16.03 -3.02
C TYR A 865 10.55 17.37 -2.84
N VAL A 866 11.87 17.35 -2.70
CA VAL A 866 12.64 18.59 -2.69
C VAL A 866 12.49 19.36 -3.99
N LEU A 867 12.49 18.66 -5.13
CA LEU A 867 12.29 19.33 -6.41
C LEU A 867 10.89 19.95 -6.50
N THR A 868 9.88 19.25 -6.00
CA THR A 868 8.53 19.80 -5.98
C THR A 868 8.42 21.02 -5.10
N CYS A 869 9.07 21.01 -3.94
CA CYS A 869 9.12 22.18 -3.08
C CYS A 869 9.83 23.34 -3.76
N VAL A 870 10.93 23.08 -4.47
CA VAL A 870 11.61 24.13 -5.21
C VAL A 870 10.73 24.69 -6.33
N ILE A 871 10.02 23.83 -7.04
CA ILE A 871 9.15 24.28 -8.11
C ILE A 871 8.00 25.13 -7.58
N PHE A 872 7.39 24.71 -6.47
CA PHE A 872 6.36 25.56 -5.86
C PHE A 872 6.92 26.85 -5.29
N ALA A 873 8.17 26.85 -4.83
CA ALA A 873 8.80 28.11 -4.42
C ALA A 873 8.99 29.03 -5.61
N VAL A 874 9.38 28.47 -6.76
CA VAL A 874 9.48 29.29 -7.98
C VAL A 874 8.13 29.84 -8.37
N MET A 875 7.07 29.03 -8.24
CA MET A 875 5.72 29.50 -8.51
C MET A 875 5.32 30.63 -7.58
N MET A 876 5.63 30.53 -6.30
CA MET A 876 5.37 31.62 -5.36
C MET A 876 6.17 32.87 -5.68
N ILE A 877 7.43 32.73 -6.08
CA ILE A 877 8.21 33.88 -6.50
C ILE A 877 7.55 34.56 -7.70
N TYR A 878 7.10 33.77 -8.68
CA TYR A 878 6.43 34.35 -9.84
C TYR A 878 5.12 35.01 -9.45
N MET A 879 4.36 34.40 -8.53
CA MET A 879 3.10 34.98 -8.09
C MET A 879 3.32 36.31 -7.38
N ILE A 880 4.34 36.37 -6.53
CA ILE A 880 4.67 37.61 -5.83
C ILE A 880 5.12 38.67 -6.83
N PHE A 881 5.92 38.26 -7.82
CA PHE A 881 6.34 39.21 -8.85
C PHE A 881 5.15 39.73 -9.63
N CYS A 882 4.21 38.86 -9.97
CA CYS A 882 3.01 39.29 -10.70
C CYS A 882 2.19 40.27 -9.88
N SER A 883 2.04 39.99 -8.58
CA SER A 883 1.29 40.88 -7.72
C SER A 883 1.95 42.25 -7.63
N ILE A 884 3.28 42.27 -7.42
CA ILE A 884 3.99 43.54 -7.32
C ILE A 884 3.92 44.30 -8.64
N PHE A 885 4.06 43.59 -9.77
CA PHE A 885 4.00 44.22 -11.08
C PHE A 885 2.64 44.87 -11.32
N MET A 886 1.57 44.11 -11.14
CA MET A 886 0.25 44.65 -11.37
C MET A 886 -0.16 45.70 -10.33
N SER A 887 0.43 45.67 -9.14
CA SER A 887 0.19 46.71 -8.17
C SER A 887 0.90 48.02 -8.51
N VAL A 888 2.16 47.96 -8.94
CA VAL A 888 2.86 49.19 -9.30
C VAL A 888 2.28 49.77 -10.59
N LYS A 889 1.86 48.91 -11.53
CA LYS A 889 1.26 49.43 -12.74
C LYS A 889 -0.07 50.13 -12.48
N SER A 890 -0.89 49.61 -11.57
CA SER A 890 -2.14 50.31 -11.24
C SER A 890 -1.87 51.68 -10.64
N PHE A 891 -0.88 51.76 -9.74
CA PHE A 891 -0.52 53.04 -9.17
C PHE A 891 -0.03 54.00 -10.24
N GLN A 892 0.84 53.54 -11.13
CA GLN A 892 1.36 54.39 -12.19
C GLN A 892 0.28 54.73 -13.22
N ASN A 893 -0.80 53.98 -13.21
CA ASN A 893 -1.94 54.32 -14.07
C ASN A 893 -2.86 55.34 -13.43
N ILE A 894 -2.95 55.36 -12.10
CA ILE A 894 -3.81 56.34 -11.45
C ILE A 894 -3.10 57.66 -11.15
N LEU A 895 -1.88 57.63 -10.62
CA LEU A 895 -1.19 58.86 -10.26
C LEU A 895 -0.68 59.64 -11.47
N LYS A 896 -0.43 58.96 -12.59
CA LYS A 896 0.03 59.63 -13.80
C LYS A 896 -1.17 60.10 -14.64
N THR A 908 -10.87 48.12 -9.18
CA THR A 908 -9.89 47.21 -9.78
C THR A 908 -9.52 46.10 -8.80
N GLU A 909 -9.46 44.87 -9.30
CA GLU A 909 -9.11 43.72 -8.46
C GLU A 909 -7.68 43.78 -7.97
N ALA A 910 -6.78 44.42 -8.72
CA ALA A 910 -5.37 44.49 -8.35
C ALA A 910 -5.02 45.76 -7.60
N PHE A 911 -5.89 46.77 -7.63
CA PHE A 911 -5.68 47.99 -6.86
C PHE A 911 -5.80 47.75 -5.37
N ARG A 912 -6.80 46.98 -4.95
CA ARG A 912 -6.98 46.60 -3.56
C ARG A 912 -6.28 45.28 -3.22
N ASP A 913 -5.50 44.75 -4.16
CA ASP A 913 -4.70 43.55 -3.90
C ASP A 913 -3.51 43.83 -3.01
N ILE A 914 -3.11 45.10 -2.86
CA ILE A 914 -1.97 45.45 -2.04
C ILE A 914 -2.37 45.89 -0.63
N VAL A 915 -3.64 46.23 -0.43
CA VAL A 915 -4.13 46.66 0.88
C VAL A 915 -4.90 45.50 1.48
N ILE A 916 -4.65 44.31 0.97
CA ILE A 916 -5.42 43.12 1.34
C ILE A 916 -4.45 42.02 1.78
N SER A 917 -3.21 42.08 1.29
CA SER A 917 -2.25 41.00 1.48
C SER A 917 -0.86 41.53 1.82
N LEU A 918 -0.71 42.84 1.96
CA LEU A 918 0.58 43.40 2.34
C LEU A 918 0.38 44.45 3.43
N GLY A 919 -0.81 45.02 3.49
CA GLY A 919 -1.10 46.05 4.48
C GLY A 919 -2.08 45.59 5.53
N SER A 920 -2.98 44.68 5.16
CA SER A 920 -3.96 44.20 6.13
C SER A 920 -3.59 42.82 6.66
N THR A 921 -2.69 42.10 5.97
CA THR A 921 -2.30 40.77 6.40
C THR A 921 -0.88 40.73 6.96
N TYR A 922 0.10 41.22 6.21
CA TYR A 922 1.48 41.24 6.69
C TYR A 922 1.70 42.25 7.81
N CYS A 923 1.12 43.45 7.68
CA CYS A 923 1.26 44.44 8.74
C CYS A 923 0.63 43.99 10.05
N LEU A 924 -0.51 43.30 9.98
CA LEU A 924 -1.09 42.74 11.19
C LEU A 924 -0.21 41.66 11.80
N TYR A 925 0.41 40.81 10.98
CA TYR A 925 1.36 39.84 11.52
C TYR A 925 2.52 40.53 12.22
N LEU A 926 3.07 41.57 11.58
CA LEU A 926 4.20 42.29 12.18
C LEU A 926 3.79 42.96 13.49
N ILE A 927 2.61 43.57 13.53
CA ILE A 927 2.17 44.26 14.74
C ILE A 927 1.89 43.25 15.86
N SER A 928 1.28 42.11 15.51
CA SER A 928 1.04 41.07 16.50
C SER A 928 2.34 40.53 17.06
N SER A 929 3.34 40.30 16.20
CA SER A 929 4.62 39.81 16.68
C SER A 929 5.30 40.85 17.55
N ILE A 930 5.16 42.14 17.20
CA ILE A 930 5.75 43.20 18.02
C ILE A 930 5.07 43.34 19.36
N ILE A 931 3.73 43.37 19.41
CA ILE A 931 3.01 43.47 20.67
C ILE A 931 3.20 42.23 21.52
N TYR A 932 3.60 41.11 20.93
CA TYR A 932 3.99 39.91 21.65
C TYR A 932 5.37 40.05 22.28
N LEU A 933 6.07 41.14 22.00
CA LEU A 933 7.44 41.38 22.49
C LEU A 933 8.40 40.31 21.98
N GLN A 934 8.14 39.84 20.76
CA GLN A 934 8.97 38.81 20.15
C GLN A 934 9.00 39.00 18.63
N PRO A 935 9.56 40.11 18.13
CA PRO A 935 9.38 40.43 16.70
C PRO A 935 10.55 40.00 15.81
N TRP A 936 11.58 39.39 16.37
CA TRP A 936 12.82 39.16 15.65
C TRP A 936 12.72 38.07 14.61
N HIS A 937 11.63 37.32 14.57
CA HIS A 937 11.44 36.28 13.58
C HIS A 937 10.71 36.77 12.34
N MET A 938 10.22 38.01 12.34
CA MET A 938 9.55 38.58 11.19
C MET A 938 10.51 38.95 10.07
N LEU A 939 11.81 38.92 10.33
CA LEU A 939 12.82 39.21 9.33
C LEU A 939 13.85 38.11 9.17
N THR A 940 14.23 37.42 10.25
CA THR A 940 15.19 36.34 10.14
C THR A 940 14.61 35.16 9.35
N SER A 941 13.42 34.71 9.73
CA SER A 941 12.77 33.59 9.06
C SER A 941 11.33 34.00 8.71
N PHE A 942 11.20 34.71 7.60
CA PHE A 942 9.90 35.01 7.03
C PHE A 942 9.86 34.83 5.53
N ILE A 943 10.98 34.99 4.83
CA ILE A 943 11.04 34.68 3.41
C ILE A 943 10.98 33.19 3.14
N GLN A 944 11.71 32.38 3.91
CA GLN A 944 11.65 30.93 3.75
C GLN A 944 10.27 30.36 4.03
N TYR A 945 9.50 30.99 4.93
CA TYR A 945 8.13 30.56 5.14
C TYR A 945 7.26 30.84 3.92
N ILE A 946 7.39 32.02 3.33
CA ILE A 946 6.57 32.37 2.18
C ILE A 946 6.89 31.49 0.98
N LEU A 947 8.17 31.26 0.69
CA LEU A 947 8.57 30.42 -0.42
C LEU A 947 8.16 28.96 -0.24
N LEU A 948 7.90 28.54 0.99
CA LEU A 948 7.56 27.16 1.27
C LEU A 948 6.09 26.97 1.60
N SER A 949 5.32 28.05 1.66
CA SER A 949 3.88 27.94 1.88
C SER A 949 3.14 27.16 0.78
N PRO A 950 3.46 27.28 -0.52
CA PRO A 950 2.77 26.41 -1.49
C PRO A 950 2.99 24.94 -1.22
N SER A 951 4.16 24.56 -0.71
CA SER A 951 4.41 23.19 -0.29
C SER A 951 3.58 22.79 0.92
N TYR A 952 3.34 23.71 1.86
CA TYR A 952 2.41 23.47 2.94
C TYR A 952 1.00 23.22 2.43
N ILE A 953 0.56 23.99 1.44
CA ILE A 953 -0.79 23.86 0.91
C ILE A 953 -0.91 22.62 0.05
N ASN A 954 0.06 22.38 -0.83
CA ASN A 954 -0.12 21.33 -1.82
C ASN A 954 0.54 20.03 -1.43
N VAL A 955 1.86 20.02 -1.29
CA VAL A 955 2.57 18.76 -1.02
C VAL A 955 2.10 18.18 0.31
N LEU A 956 2.02 19.03 1.33
CA LEU A 956 1.80 18.57 2.69
C LEU A 956 0.37 18.08 2.87
N ASN A 957 -0.62 18.85 2.40
CA ASN A 957 -2.01 18.43 2.51
C ASN A 957 -2.31 17.23 1.61
N ILE A 958 -1.75 17.19 0.41
CA ILE A 958 -1.97 16.03 -0.44
C ILE A 958 -1.45 14.78 0.23
N TYR A 959 -0.23 14.82 0.76
CA TYR A 959 0.30 13.64 1.43
C TYR A 959 -0.50 13.28 2.67
N ALA A 960 -0.92 14.26 3.47
CA ALA A 960 -1.72 13.98 4.64
C ALA A 960 -3.06 13.33 4.30
N PHE A 961 -3.76 13.83 3.30
CA PHE A 961 -5.06 13.29 2.91
C PHE A 961 -4.95 11.96 2.16
N CYS A 962 -3.83 11.71 1.49
CA CYS A 962 -3.65 10.46 0.79
C CYS A 962 -3.27 9.30 1.71
N ASN A 963 -2.50 9.57 2.76
CA ASN A 963 -2.21 8.58 3.79
C ASN A 963 -2.98 8.82 5.09
N VAL A 964 -4.30 8.68 5.07
CA VAL A 964 -5.05 8.96 6.29
C VAL A 964 -4.77 7.93 7.38
N HIS A 965 -4.73 6.65 7.03
CA HIS A 965 -4.83 5.60 8.04
C HIS A 965 -3.62 4.69 8.17
N ASP A 966 -2.57 4.87 7.36
CA ASP A 966 -1.37 4.02 7.42
C ASP A 966 -1.72 2.54 7.29
N LEU A 967 -2.19 2.17 6.11
CA LEU A 967 -2.66 0.81 5.89
C LEU A 967 -1.51 -0.18 5.81
N SER A 968 -1.81 -1.45 6.09
CA SER A 968 -0.84 -2.52 5.99
C SER A 968 -1.37 -3.74 5.23
N TRP A 969 -2.69 -3.91 5.15
CA TRP A 969 -3.34 -5.02 4.46
C TRP A 969 -3.01 -6.36 5.10
N GLY A 970 -3.85 -7.37 4.83
CA GLY A 970 -3.72 -8.66 5.48
C GLY A 970 -2.40 -9.36 5.24
N THR A 971 -1.69 -9.66 6.33
CA THR A 971 -0.43 -10.39 6.26
C THR A 971 -0.44 -11.41 7.41
N LYS A 972 -0.93 -12.61 7.11
CA LYS A 972 -1.05 -13.65 8.14
C LYS A 972 -0.15 -14.84 7.86
N GLY A 973 -0.32 -15.46 6.69
CA GLY A 973 0.45 -16.64 6.35
C GLY A 973 0.06 -17.87 7.14
N ALA A 974 -1.15 -18.39 6.90
CA ALA A 974 -1.65 -19.55 7.62
C ALA A 974 -0.73 -20.75 7.41
N MET A 975 -0.52 -21.51 8.48
CA MET A 975 0.42 -22.63 8.48
C MET A 975 -0.33 -23.95 8.52
N ALA A 976 0.22 -24.96 7.84
CA ALA A 976 -0.39 -26.27 7.80
C ALA A 976 -0.01 -27.08 9.05
N ASN A 977 -0.73 -28.19 9.25
CA ASN A 977 -0.45 -29.05 10.38
C ASN A 977 0.90 -29.74 10.19
N PRO A 978 1.66 -29.96 11.26
CA PRO A 978 2.94 -30.66 11.11
C PRO A 978 2.73 -32.13 10.82
N LEU A 979 3.68 -32.71 10.09
CA LEU A 979 3.64 -34.13 9.75
C LEU A 979 4.77 -34.87 10.47
N GLY A 980 4.98 -36.13 10.10
CA GLY A 980 5.94 -36.96 10.78
C GLY A 980 7.38 -36.57 10.55
N LYS A 981 8.31 -37.32 11.13
CA LYS A 981 9.73 -37.03 11.04
C LYS A 981 10.49 -38.33 10.83
N ILE A 982 11.55 -38.25 10.03
CA ILE A 982 12.41 -39.41 9.76
C ILE A 982 13.85 -38.99 9.99
N ASN A 983 14.59 -39.80 10.76
CA ASN A 983 16.01 -39.58 11.04
C ASN A 983 16.74 -40.90 10.85
N THR A 984 17.27 -41.12 9.66
CA THR A 984 17.90 -42.39 9.33
C THR A 984 19.28 -42.50 9.98
N THR A 985 19.81 -43.73 9.98
CA THR A 985 21.09 -44.08 10.56
C THR A 985 22.15 -44.19 9.46
N GLU A 986 23.32 -44.72 9.82
CA GLU A 986 24.42 -44.84 8.86
C GLU A 986 23.99 -45.65 7.64
N ASP A 987 23.44 -46.84 7.86
CA ASP A 987 22.84 -47.62 6.79
C ASP A 987 21.44 -47.14 6.43
N GLY A 988 20.88 -46.22 7.22
CA GLY A 988 19.61 -45.62 6.90
C GLY A 988 18.39 -46.34 7.43
N THR A 989 18.57 -47.33 8.29
CA THR A 989 17.43 -47.99 8.91
C THR A 989 16.78 -47.05 9.91
N PHE A 990 15.46 -47.03 9.91
CA PHE A 990 14.70 -46.16 10.80
C PHE A 990 13.52 -46.95 11.36
N LYS A 991 12.81 -46.34 12.31
CA LYS A 991 11.71 -47.02 12.98
C LYS A 991 10.55 -47.28 12.02
N MET A 992 9.79 -48.33 12.29
CA MET A 992 8.63 -48.69 11.49
C MET A 992 7.37 -48.47 12.32
N GLU A 993 6.62 -47.42 11.97
CA GLU A 993 5.35 -47.09 12.60
C GLU A 993 4.37 -46.67 11.50
N VAL A 994 4.41 -47.40 10.38
CA VAL A 994 3.67 -47.02 9.19
C VAL A 994 2.45 -47.91 9.04
N LEU A 995 1.59 -47.59 8.07
CA LEU A 995 0.37 -48.36 7.83
C LEU A 995 0.53 -49.14 6.54
N VAL A 996 0.32 -50.46 6.62
CA VAL A 996 0.43 -51.34 5.47
C VAL A 996 -0.81 -52.22 5.42
N SER A 997 -1.54 -52.27 6.53
CA SER A 997 -2.69 -53.17 6.63
C SER A 997 -3.74 -52.81 5.59
N SER A 998 -4.34 -53.85 5.00
CA SER A 998 -5.35 -53.64 3.97
C SER A 998 -6.55 -52.88 4.52
N SER A 999 -6.97 -53.22 5.73
CA SER A 999 -8.11 -52.53 6.34
C SER A 999 -7.77 -51.08 6.62
N GLU A 1000 -6.55 -50.80 7.09
CA GLU A 1000 -6.19 -49.44 7.45
C GLU A 1000 -6.07 -48.55 6.21
N ILE A 1001 -5.55 -49.10 5.12
CA ILE A 1001 -5.50 -48.33 3.88
C ILE A 1001 -6.89 -48.15 3.29
N GLN A 1002 -7.70 -49.21 3.33
CA GLN A 1002 -9.07 -49.19 2.82
C GLN A 1002 -9.94 -48.19 3.55
N ALA A 1003 -9.75 -48.02 4.86
CA ALA A 1003 -10.48 -47.02 5.62
C ALA A 1003 -10.16 -45.60 5.14
N ASN A 1004 -8.88 -45.31 4.90
CA ASN A 1004 -8.51 -44.02 4.34
C ASN A 1004 -9.10 -43.82 2.94
N TYR A 1005 -9.06 -44.87 2.12
CA TYR A 1005 -9.63 -44.78 0.78
C TYR A 1005 -11.12 -44.50 0.81
N ASP A 1006 -11.85 -45.12 1.74
CA ASP A 1006 -13.26 -44.82 1.92
C ASP A 1006 -13.50 -43.46 2.52
N LYS A 1007 -12.61 -42.98 3.39
CA LYS A 1007 -12.72 -41.62 3.90
C LYS A 1007 -12.59 -40.60 2.78
N TYR A 1008 -11.68 -40.83 1.84
CA TYR A 1008 -11.55 -39.95 0.68
C TYR A 1008 -12.58 -40.25 -0.39
N LEU A 1009 -13.35 -41.32 -0.25
CA LEU A 1009 -14.42 -41.63 -1.18
C LEU A 1009 -15.76 -41.05 -0.73
N LYS A 1010 -15.97 -40.87 0.58
CA LYS A 1010 -17.18 -40.24 1.08
C LYS A 1010 -17.12 -38.72 1.02
N VAL A 1011 -15.92 -38.13 1.05
CA VAL A 1011 -15.80 -36.70 0.82
C VAL A 1011 -16.22 -36.36 -0.60
N LEU A 1012 -15.82 -37.16 -1.57
CA LEU A 1012 -16.22 -37.00 -2.95
C LEU A 1012 -17.68 -37.38 -3.19
N ASN A 1013 -18.30 -38.08 -2.25
CA ASN A 1013 -19.69 -38.53 -2.38
C ASN A 1013 -20.68 -37.60 -1.69
N ASP A 1014 -20.27 -36.83 -0.69
CA ASP A 1014 -21.15 -35.96 0.07
C ASP A 1014 -20.78 -34.50 -0.13
N PHE A 1015 -20.52 -34.12 -1.39
CA PHE A 1015 -20.15 -32.74 -1.69
C PHE A 1015 -21.30 -31.78 -1.42
N ASP A 1016 -22.49 -32.09 -1.93
CA ASP A 1016 -23.69 -31.27 -1.72
C ASP A 1016 -23.45 -29.83 -2.12
N PRO A 1017 -23.41 -29.52 -3.41
CA PRO A 1017 -23.11 -28.14 -3.83
C PRO A 1017 -24.14 -27.12 -3.39
N LYS A 1018 -25.42 -27.51 -3.32
CA LYS A 1018 -26.47 -26.55 -3.01
C LYS A 1018 -26.30 -25.99 -1.60
N SER A 1019 -26.01 -26.86 -0.64
CA SER A 1019 -25.73 -26.42 0.72
C SER A 1019 -24.25 -26.09 0.85
N GLU A 1020 -23.74 -25.26 -0.06
CA GLU A 1020 -22.33 -24.91 -0.07
C GLU A 1020 -21.96 -24.11 1.17
N SER A 1021 -20.82 -24.46 1.76
CA SER A 1021 -20.34 -23.75 2.94
C SER A 1021 -20.00 -22.32 2.59
N ARG A 1022 -20.39 -21.39 3.45
CA ARG A 1022 -20.22 -19.98 3.16
C ARG A 1022 -18.74 -19.66 2.99
N PRO A 1023 -18.35 -18.86 1.99
CA PRO A 1023 -16.93 -18.55 1.79
C PRO A 1023 -16.32 -17.90 3.02
N THR A 1024 -15.06 -18.26 3.32
CA THR A 1024 -14.41 -17.81 4.54
C THR A 1024 -14.28 -16.29 4.57
N GLU A 1025 -15.01 -15.67 5.50
CA GLU A 1025 -15.05 -14.22 5.61
C GLU A 1025 -13.82 -13.72 6.36
N PRO A 1026 -13.37 -12.50 6.03
CA PRO A 1026 -12.19 -11.87 6.63
C PRO A 1026 -12.24 -11.91 8.15
N SER A 1027 -11.11 -11.65 8.79
CA SER A 1027 -11.03 -11.65 10.24
C SER A 1027 -11.46 -10.31 10.80
N TYR A 1028 -10.54 -9.61 11.45
CA TYR A 1028 -10.83 -8.31 12.00
C TYR A 1028 -9.74 -7.34 11.62
N ASP A 1029 -8.50 -7.84 11.59
CA ASP A 1029 -7.36 -7.02 11.24
C ASP A 1029 -7.32 -6.85 9.73
N GLU A 1030 -7.91 -7.80 9.02
CA GLU A 1030 -7.97 -7.71 7.56
C GLU A 1030 -9.35 -7.18 7.13
N LYS A 1031 -10.27 -7.06 8.08
CA LYS A 1031 -11.59 -6.53 7.81
C LYS A 1031 -11.57 -5.07 8.23
N LYS A 1032 -10.75 -4.78 9.24
CA LYS A 1032 -10.57 -3.42 9.73
C LYS A 1032 -9.66 -2.58 8.83
N THR A 1033 -8.70 -3.21 8.17
CA THR A 1033 -7.91 -2.53 7.15
C THR A 1033 -8.76 -2.18 5.94
N GLY A 1034 -9.72 -3.02 5.58
CA GLY A 1034 -10.59 -2.75 4.45
C GLY A 1034 -11.55 -1.61 4.70
N TYR A 1035 -11.83 -1.32 5.96
CA TYR A 1035 -12.64 -0.16 6.30
C TYR A 1035 -11.82 1.12 6.37
N TYR A 1036 -10.59 1.04 6.89
CA TYR A 1036 -9.71 2.19 6.88
C TYR A 1036 -9.33 2.60 5.46
N ALA A 1037 -9.21 1.62 4.55
CA ALA A 1037 -9.00 1.93 3.15
C ALA A 1037 -10.21 2.59 2.51
N ASN A 1038 -11.41 2.17 2.88
CA ASN A 1038 -12.63 2.77 2.35
C ASN A 1038 -12.87 4.17 2.87
N VAL A 1039 -12.61 4.42 4.16
CA VAL A 1039 -12.68 5.77 4.69
C VAL A 1039 -11.60 6.65 4.08
N ARG A 1040 -10.38 6.15 3.95
CA ARG A 1040 -9.29 6.91 3.36
C ARG A 1040 -9.55 7.32 1.92
N SER A 1041 -10.05 6.41 1.08
CA SER A 1041 -10.31 6.73 -0.31
C SER A 1041 -11.52 7.63 -0.51
N LEU A 1042 -12.53 7.52 0.34
CA LEU A 1042 -13.70 8.36 0.23
C LEU A 1042 -13.44 9.77 0.77
N VAL A 1043 -12.38 9.96 1.53
CA VAL A 1043 -11.90 11.29 1.89
C VAL A 1043 -11.11 11.95 0.79
N ILE A 1044 -10.21 11.24 0.12
CA ILE A 1044 -9.48 11.82 -1.00
C ILE A 1044 -10.41 12.19 -2.15
N ILE A 1045 -11.34 11.29 -2.50
CA ILE A 1045 -12.28 11.58 -3.57
C ILE A 1045 -13.17 12.77 -3.23
N PHE A 1046 -13.68 12.84 -2.00
CA PHE A 1046 -14.53 13.94 -1.59
C PHE A 1046 -13.77 15.25 -1.45
N TRP A 1047 -12.48 15.22 -1.11
CA TRP A 1047 -11.67 16.41 -0.99
C TRP A 1047 -11.20 16.94 -2.34
N VAL A 1048 -10.92 16.06 -3.30
CA VAL A 1048 -10.57 16.49 -4.64
C VAL A 1048 -11.78 16.97 -5.42
N ILE A 1049 -12.92 16.31 -5.31
CA ILE A 1049 -14.10 16.71 -6.07
C ILE A 1049 -14.69 18.03 -5.57
N THR A 1050 -14.81 18.21 -4.25
CA THR A 1050 -15.33 19.46 -3.72
C THR A 1050 -14.40 20.64 -3.96
N ASN A 1051 -13.09 20.41 -4.00
CA ASN A 1051 -12.17 21.49 -4.37
C ASN A 1051 -12.26 21.83 -5.84
N PHE A 1052 -12.43 20.83 -6.70
CA PHE A 1052 -12.59 21.10 -8.12
C PHE A 1052 -13.92 21.75 -8.46
N ILE A 1053 -14.98 21.50 -7.70
CA ILE A 1053 -16.25 22.16 -7.98
C ILE A 1053 -16.10 23.67 -7.89
N ILE A 1054 -15.35 24.17 -6.91
CA ILE A 1054 -15.07 25.60 -6.83
C ILE A 1054 -14.23 26.09 -8.01
N VAL A 1055 -13.22 25.33 -8.42
CA VAL A 1055 -12.47 25.65 -9.63
C VAL A 1055 -13.36 25.60 -10.87
N ALA A 1056 -14.32 24.68 -10.93
CA ALA A 1056 -15.24 24.56 -12.05
C ALA A 1056 -16.29 25.66 -12.06
N VAL A 1057 -16.48 26.36 -10.95
CA VAL A 1057 -17.41 27.48 -10.89
C VAL A 1057 -16.75 28.81 -11.15
N VAL A 1058 -15.55 29.06 -10.62
CA VAL A 1058 -14.85 30.32 -10.84
C VAL A 1058 -14.27 30.41 -12.24
N LEU A 1059 -13.56 29.37 -12.69
CA LEU A 1059 -12.93 29.39 -14.00
C LEU A 1059 -13.78 28.76 -15.10
N GLU A 1060 -14.91 28.16 -14.75
CA GLU A 1060 -15.81 27.53 -15.71
C GLU A 1060 -15.10 26.44 -16.52
N THR A 1061 -14.55 25.48 -15.79
CA THR A 1061 -13.90 24.31 -16.37
C THR A 1061 -14.78 23.11 -16.05
N GLY A 1062 -14.73 22.09 -16.89
CA GLY A 1062 -15.58 20.95 -16.69
C GLY A 1062 -16.75 20.99 -17.63
N GLY A 1063 -16.59 21.72 -18.73
CA GLY A 1063 -17.65 21.90 -19.70
C GLY A 1063 -18.60 23.02 -19.38
N ILE A 1064 -18.40 23.73 -18.26
CA ILE A 1064 -19.31 24.80 -17.88
C ILE A 1064 -19.26 25.93 -18.90
N ALA A 1065 -18.07 26.36 -19.29
CA ALA A 1065 -17.94 27.39 -20.32
C ALA A 1065 -18.45 26.92 -21.67
N ASP A 1066 -18.15 25.67 -22.05
CA ASP A 1066 -18.70 25.11 -23.27
C ASP A 1066 -20.22 25.10 -23.25
N TYR A 1067 -20.81 24.68 -22.13
CA TYR A 1067 -22.26 24.68 -21.97
C TYR A 1067 -22.86 26.08 -22.04
N ILE A 1068 -22.22 27.07 -21.41
CA ILE A 1068 -22.71 28.44 -21.49
C ILE A 1068 -22.66 28.97 -22.91
N ALA A 1069 -21.56 28.73 -23.63
CA ALA A 1069 -21.47 29.16 -25.02
C ALA A 1069 -22.47 28.47 -25.92
N MET A 1070 -22.75 27.19 -25.66
CA MET A 1070 -23.66 26.45 -26.52
C MET A 1070 -25.10 26.97 -26.39
N LYS A 1071 -25.49 27.39 -25.19
CA LYS A 1071 -26.82 28.00 -25.04
C LYS A 1071 -26.94 29.26 -25.87
N SER A 1072 -25.90 30.09 -25.88
CA SER A 1072 -25.91 31.29 -26.71
C SER A 1072 -25.96 30.91 -28.18
N ILE A 1073 -25.32 29.80 -28.55
CA ILE A 1073 -25.43 29.30 -29.92
C ILE A 1073 -26.89 28.98 -30.24
N SER A 1074 -27.57 28.31 -29.32
CA SER A 1074 -28.97 27.94 -29.56
C SER A 1074 -29.85 29.17 -29.72
N THR A 1075 -29.64 30.17 -28.86
CA THR A 1075 -30.43 31.40 -28.93
C THR A 1075 -29.87 32.34 -30.00
N ALA A 1085 -20.84 31.13 -29.39
CA ALA A 1085 -19.94 30.15 -29.99
C ALA A 1085 -18.50 30.41 -29.57
N GLU A 1086 -18.32 31.33 -28.63
CA GLU A 1086 -17.01 31.73 -28.15
C GLU A 1086 -17.01 31.79 -26.64
N ILE A 1087 -15.86 31.52 -26.05
CA ILE A 1087 -15.69 31.46 -24.59
C ILE A 1087 -14.83 32.65 -24.16
N PRO A 1088 -15.25 33.42 -23.17
CA PRO A 1088 -14.37 34.46 -22.61
C PRO A 1088 -13.22 33.83 -21.82
N LEU A 1089 -12.08 34.51 -21.84
CA LEU A 1089 -10.90 34.03 -21.12
C LEU A 1089 -11.07 34.22 -19.61
N MET A 1090 -11.20 35.47 -19.19
CA MET A 1090 -11.45 35.82 -17.80
C MET A 1090 -12.84 36.42 -17.66
N THR A 1091 -13.60 35.94 -16.69
CA THR A 1091 -14.94 36.41 -16.42
C THR A 1091 -14.94 37.31 -15.20
N SER A 1092 -16.12 37.79 -14.83
CA SER A 1092 -16.27 38.61 -13.64
C SER A 1092 -16.33 37.80 -12.36
N LYS A 1093 -16.55 36.49 -12.45
CA LYS A 1093 -16.53 35.65 -11.26
C LYS A 1093 -15.12 35.48 -10.72
N ALA A 1094 -14.13 35.47 -11.60
CA ALA A 1094 -12.75 35.30 -11.18
C ALA A 1094 -12.26 36.43 -10.29
N SER A 1095 -12.54 37.69 -10.65
CA SER A 1095 -12.20 38.82 -9.81
C SER A 1095 -12.94 38.84 -8.48
N ILE A 1096 -14.24 38.51 -8.49
CA ILE A 1096 -15.00 38.45 -7.24
C ILE A 1096 -14.43 37.38 -6.32
N TYR A 1097 -14.14 36.19 -6.87
CA TYR A 1097 -13.55 35.14 -6.05
C TYR A 1097 -12.16 35.52 -5.56
N PHE A 1098 -11.35 36.17 -6.40
CA PHE A 1098 -10.03 36.62 -5.97
C PHE A 1098 -10.14 37.57 -4.78
N ASN A 1099 -11.02 38.56 -4.89
CA ASN A 1099 -11.22 39.50 -3.79
C ASN A 1099 -11.75 38.79 -2.54
N VAL A 1100 -12.72 37.88 -2.69
CA VAL A 1100 -13.27 37.18 -1.54
C VAL A 1100 -12.23 36.33 -0.86
N ILE A 1101 -11.41 35.59 -1.63
CA ILE A 1101 -10.45 34.68 -1.04
C ILE A 1101 -9.23 35.41 -0.50
N LEU A 1102 -8.99 36.66 -0.91
CA LEU A 1102 -7.94 37.42 -0.25
C LEU A 1102 -8.45 38.32 0.87
N TRP A 1103 -9.75 38.59 0.93
CA TRP A 1103 -10.34 39.21 2.11
C TRP A 1103 -10.63 38.23 3.23
N LEU A 1104 -10.88 36.95 2.92
CA LEU A 1104 -10.96 35.97 4.00
C LEU A 1104 -9.63 35.81 4.71
N VAL A 1105 -8.52 35.84 3.96
CA VAL A 1105 -7.20 35.81 4.58
C VAL A 1105 -6.98 37.02 5.50
N ALA A 1106 -7.39 38.20 5.07
CA ALA A 1106 -7.29 39.38 5.93
C ALA A 1106 -8.22 39.32 7.13
N LEU A 1107 -9.44 38.84 6.97
CA LEU A 1107 -10.37 38.70 8.08
C LEU A 1107 -9.89 37.71 9.14
N SER A 1108 -9.35 36.56 8.72
CA SER A 1108 -8.76 35.63 9.67
C SER A 1108 -7.59 36.25 10.42
N ALA A 1109 -6.70 36.94 9.72
CA ALA A 1109 -5.60 37.63 10.36
C ALA A 1109 -6.05 38.71 11.32
N LEU A 1110 -7.11 39.45 10.99
CA LEU A 1110 -7.67 40.45 11.88
C LEU A 1110 -8.28 39.84 13.14
N ILE A 1111 -9.03 38.74 12.99
CA ILE A 1111 -9.56 38.06 14.18
C ILE A 1111 -8.44 37.56 15.07
N ARG A 1112 -7.41 36.96 14.47
CA ARG A 1112 -6.25 36.46 15.20
C ARG A 1112 -5.47 37.57 15.89
N PHE A 1113 -5.29 38.72 15.23
CA PHE A 1113 -4.70 39.91 15.83
C PHE A 1113 -5.51 40.44 17.01
N ILE A 1114 -6.84 40.51 16.86
CA ILE A 1114 -7.67 40.98 17.97
C ILE A 1114 -7.56 40.02 19.15
N GLY A 1115 -7.58 38.72 18.89
CA GLY A 1115 -7.38 37.76 19.96
C GLY A 1115 -6.04 37.85 20.64
N CYS A 1116 -4.96 38.00 19.87
CA CYS A 1116 -3.64 38.21 20.47
C CYS A 1116 -3.57 39.47 21.31
N SER A 1117 -4.13 40.57 20.83
CA SER A 1117 -4.17 41.81 21.59
C SER A 1117 -4.96 41.66 22.89
N ILE A 1118 -6.12 40.99 22.84
CA ILE A 1118 -6.90 40.78 24.06
C ILE A 1118 -6.11 39.93 25.05
N TYR A 1119 -5.45 38.89 24.56
CA TYR A 1119 -4.65 38.04 25.44
C TYR A 1119 -3.56 38.85 26.12
N MET A 1120 -2.82 39.65 25.34
CA MET A 1120 -1.73 40.43 25.91
C MET A 1120 -2.24 41.48 26.89
N ILE A 1121 -3.36 42.14 26.57
CA ILE A 1121 -3.91 43.15 27.46
C ILE A 1121 -4.36 42.53 28.77
N VAL A 1122 -5.01 41.38 28.70
CA VAL A 1122 -5.45 40.71 29.93
C VAL A 1122 -4.25 40.29 30.77
N ARG A 1123 -3.20 39.76 30.13
CA ARG A 1123 -2.01 39.41 30.88
C ARG A 1123 -1.35 40.62 31.51
N PHE A 1124 -1.32 41.75 30.80
CA PHE A 1124 -0.76 42.98 31.35
C PHE A 1124 -1.57 43.49 32.54
N PHE A 1125 -2.90 43.42 32.48
CA PHE A 1125 -3.71 43.78 33.65
C PHE A 1125 -3.51 42.82 34.82
N LYS A 1126 -3.38 41.53 34.58
CA LYS A 1126 -3.03 40.60 35.64
C LYS A 1126 -1.62 40.82 36.16
N LYS A 1127 -0.77 41.50 35.39
CA LYS A 1127 0.57 41.84 35.86
C LYS A 1127 0.60 43.13 36.65
N VAL A 1128 -0.20 44.13 36.27
CA VAL A 1128 -0.22 45.38 37.00
C VAL A 1128 -0.96 45.25 38.33
N THR A 1129 -1.81 44.24 38.49
CA THR A 1129 -2.53 44.01 39.73
C THR A 1129 -1.76 43.13 40.70
N PHE A 1130 -0.84 42.31 40.20
CA PHE A 1130 -0.01 41.45 41.05
C PHE A 1130 1.36 42.04 41.31
N ARG A 1131 1.58 43.31 40.97
CA ARG A 1131 2.88 43.96 41.15
C ARG A 1131 3.30 43.99 42.62
N PHE B 378 12.40 -49.51 7.85
CA PHE B 378 12.91 -50.12 6.62
C PHE B 378 14.31 -49.61 6.28
N LYS B 379 14.46 -49.16 5.04
CA LYS B 379 15.73 -48.59 4.58
C LYS B 379 15.42 -47.63 3.44
N LEU B 380 16.07 -46.47 3.45
CA LEU B 380 15.79 -45.47 2.45
C LEU B 380 16.67 -45.69 1.22
N TRP B 381 16.32 -45.00 0.14
CA TRP B 381 16.98 -45.19 -1.16
C TRP B 381 18.03 -44.10 -1.35
N ASN B 382 19.23 -44.35 -0.79
CA ASN B 382 20.39 -43.48 -0.99
C ASN B 382 20.10 -42.04 -0.59
N GLY B 383 19.77 -41.85 0.69
CA GLY B 383 19.44 -40.53 1.18
C GLY B 383 18.08 -40.03 0.78
N ASN B 384 17.20 -40.91 0.30
CA ASN B 384 15.89 -40.51 -0.18
C ASN B 384 14.83 -41.43 0.42
N PHE B 385 13.74 -40.84 0.91
CA PHE B 385 12.62 -41.60 1.45
C PHE B 385 11.73 -42.03 0.29
N VAL B 386 11.79 -43.32 -0.05
CA VAL B 386 11.00 -43.87 -1.15
C VAL B 386 10.24 -45.08 -0.68
N PHE B 387 8.92 -44.95 -0.54
CA PHE B 387 8.10 -46.06 -0.04
C PHE B 387 7.19 -46.56 -1.15
N ASP B 388 7.22 -47.87 -1.39
CA ASP B 388 6.42 -48.49 -2.44
C ASP B 388 5.28 -49.26 -1.79
N SER B 389 4.18 -48.55 -1.53
CA SER B 389 3.04 -49.10 -0.81
C SER B 389 1.98 -49.61 -1.79
N PRO B 390 1.08 -50.51 -1.35
CA PRO B 390 -0.02 -50.93 -2.21
C PRO B 390 -1.17 -49.93 -2.18
N ILE B 391 -2.19 -50.13 -3.03
CA ILE B 391 -3.22 -49.11 -3.21
C ILE B 391 -4.44 -49.36 -2.33
N SER B 392 -5.18 -50.44 -2.60
CA SER B 392 -6.33 -50.83 -1.79
C SER B 392 -6.92 -52.09 -2.40
N LYS B 393 -7.74 -52.79 -1.62
CA LYS B 393 -8.41 -53.98 -2.14
C LYS B 393 -9.43 -53.61 -3.21
N THR B 394 -10.17 -52.52 -2.99
CA THR B 394 -11.21 -52.11 -3.94
C THR B 394 -10.62 -51.74 -5.29
N LEU B 395 -9.53 -50.97 -5.28
CA LEU B 395 -8.90 -50.57 -6.54
C LEU B 395 -8.30 -51.78 -7.26
N LEU B 396 -7.70 -52.70 -6.51
CA LEU B 396 -7.17 -53.91 -7.13
C LEU B 396 -8.29 -54.72 -7.77
N ASP B 397 -9.44 -54.84 -7.09
CA ASP B 397 -10.56 -55.55 -7.69
C ASP B 397 -11.05 -54.86 -8.95
N GLN B 398 -11.15 -53.53 -8.92
CA GLN B 398 -11.59 -52.77 -10.09
C GLN B 398 -10.63 -52.98 -11.27
N TYR B 399 -9.32 -52.93 -10.99
CA TYR B 399 -8.33 -53.12 -12.04
C TYR B 399 -8.37 -54.53 -12.59
N ALA B 400 -8.56 -55.52 -11.70
CA ALA B 400 -8.64 -56.91 -12.13
C ALA B 400 -9.86 -57.17 -12.99
N THR B 401 -10.95 -56.45 -12.76
CA THR B 401 -12.09 -56.56 -13.67
C THR B 401 -11.72 -56.13 -15.09
N THR B 402 -10.78 -55.20 -15.25
CA THR B 402 -10.40 -54.72 -16.57
C THR B 402 -9.67 -55.80 -17.37
N THR B 403 -8.69 -56.45 -16.76
CA THR B 403 -7.90 -57.45 -17.47
C THR B 403 -8.71 -58.73 -17.67
N GLU B 404 -8.35 -59.46 -18.73
CA GLU B 404 -8.98 -60.75 -18.98
C GLU B 404 -8.59 -61.77 -17.92
N ASN B 405 -7.37 -61.69 -17.40
CA ASN B 405 -6.89 -62.56 -16.33
C ASN B 405 -6.41 -61.70 -15.18
N ALA B 406 -6.94 -61.98 -13.97
CA ALA B 406 -6.58 -61.19 -12.81
C ALA B 406 -5.15 -61.48 -12.34
N ASN B 407 -4.62 -62.67 -12.66
CA ASN B 407 -3.26 -62.99 -12.26
C ASN B 407 -2.22 -62.17 -13.00
N THR B 408 -2.49 -61.85 -14.27
CA THR B 408 -1.53 -61.13 -15.10
C THR B 408 -1.79 -59.62 -15.05
N LEU B 409 -1.48 -59.04 -13.88
CA LEU B 409 -1.60 -57.60 -13.70
C LEU B 409 -0.22 -57.00 -13.44
N PRO B 410 0.22 -56.06 -14.26
CA PRO B 410 1.55 -55.47 -14.08
C PRO B 410 1.75 -54.89 -12.68
N ASN B 411 3.01 -54.57 -12.40
CA ASN B 411 3.46 -54.13 -11.08
C ASN B 411 3.25 -52.63 -10.89
N GLU B 412 2.76 -51.95 -11.93
CA GLU B 412 2.50 -50.53 -11.85
C GLU B 412 1.10 -50.17 -11.40
N PHE B 413 0.12 -51.06 -11.60
CA PHE B 413 -1.24 -50.80 -11.18
C PHE B 413 -1.53 -51.26 -9.76
N LYS B 414 -0.62 -52.00 -9.14
CA LYS B 414 -0.84 -52.55 -7.80
C LYS B 414 -0.13 -51.77 -6.71
N PHE B 415 0.54 -50.67 -7.04
CA PHE B 415 1.36 -49.97 -6.07
C PHE B 415 1.26 -48.46 -6.33
N MET B 416 1.76 -47.69 -5.37
CA MET B 416 1.78 -46.24 -5.47
C MET B 416 3.08 -45.75 -4.84
N ARG B 417 4.07 -45.45 -5.67
CA ARG B 417 5.39 -45.10 -5.17
C ARG B 417 5.43 -43.67 -4.64
N TYR B 418 5.66 -43.51 -3.35
CA TYR B 418 5.78 -42.19 -2.75
C TYR B 418 7.26 -41.85 -2.56
N GLN B 419 7.61 -40.62 -2.92
CA GLN B 419 8.95 -40.10 -2.74
C GLN B 419 8.89 -38.76 -2.02
N ALA B 420 9.92 -38.48 -1.24
CA ALA B 420 10.02 -37.22 -0.50
C ALA B 420 11.21 -36.45 -1.06
N VAL B 421 10.95 -35.54 -1.98
CA VAL B 421 12.01 -34.75 -2.59
C VAL B 421 12.39 -33.62 -1.63
N THR B 422 13.67 -33.57 -1.28
CA THR B 422 14.16 -32.60 -0.31
C THR B 422 15.23 -31.69 -0.92
N CYS B 423 15.10 -31.38 -2.20
CA CYS B 423 16.14 -30.64 -2.90
C CYS B 423 15.49 -29.72 -3.93
N GLU B 424 16.30 -28.90 -4.59
CA GLU B 424 15.83 -28.04 -5.66
C GLU B 424 15.52 -28.87 -6.90
N PRO B 425 14.63 -28.40 -7.76
CA PRO B 425 14.28 -29.19 -8.95
C PRO B 425 15.45 -29.47 -9.87
N ASN B 426 16.42 -28.57 -9.97
CA ASN B 426 17.57 -28.78 -10.85
C ASN B 426 18.54 -29.83 -10.32
N GLN B 427 18.48 -30.15 -9.03
CA GLN B 427 19.34 -31.15 -8.44
C GLN B 427 18.68 -32.52 -8.35
N LEU B 428 17.52 -32.69 -9.01
CA LEU B 428 16.74 -33.90 -8.84
C LEU B 428 17.51 -35.15 -9.27
N ALA B 429 18.12 -35.10 -10.45
CA ALA B 429 18.88 -36.25 -10.93
C ALA B 429 20.19 -36.40 -10.16
N GLU B 430 20.80 -35.28 -9.78
CA GLU B 430 22.08 -35.34 -9.07
C GLU B 430 21.94 -35.95 -7.68
N LYS B 431 20.86 -35.63 -6.97
CA LYS B 431 20.62 -36.16 -5.63
C LYS B 431 19.93 -37.51 -5.69
N ASN B 432 20.02 -38.18 -6.83
CA ASN B 432 19.57 -39.57 -6.99
C ASN B 432 18.08 -39.71 -6.65
N PHE B 433 17.28 -38.83 -7.23
CA PHE B 433 15.82 -38.95 -7.24
C PHE B 433 15.42 -39.42 -8.63
N THR B 434 14.52 -40.39 -8.70
CA THR B 434 14.11 -40.97 -9.96
C THR B 434 12.59 -40.99 -10.07
N VAL B 435 12.11 -41.41 -11.24
CA VAL B 435 10.71 -41.66 -11.47
C VAL B 435 10.56 -43.10 -11.93
N ARG B 436 9.32 -43.59 -11.92
CA ARG B 436 9.11 -44.99 -12.25
C ARG B 436 9.32 -45.30 -13.70
N GLN B 437 9.43 -44.30 -14.57
CA GLN B 437 9.58 -44.55 -15.99
C GLN B 437 10.98 -45.03 -16.35
N LEU B 438 11.98 -44.61 -15.56
CA LEU B 438 13.38 -44.91 -15.84
C LEU B 438 13.85 -46.20 -15.19
N LYS B 439 13.03 -46.83 -14.35
CA LYS B 439 13.43 -48.04 -13.64
C LYS B 439 12.84 -49.31 -14.25
N TYR B 440 12.20 -49.22 -15.41
CA TYR B 440 11.75 -50.43 -16.07
C TYR B 440 12.93 -51.17 -16.68
N LEU B 441 12.69 -52.42 -17.09
CA LEU B 441 13.72 -53.19 -17.77
C LEU B 441 14.14 -52.50 -19.06
N THR B 442 13.15 -52.01 -19.82
CA THR B 442 13.39 -51.13 -20.96
C THR B 442 12.84 -49.75 -20.62
N PRO B 443 13.70 -48.75 -20.42
CA PRO B 443 13.21 -47.42 -20.00
C PRO B 443 12.18 -46.85 -20.97
N ARG B 444 11.10 -46.30 -20.44
CA ARG B 444 10.05 -45.76 -21.28
C ARG B 444 10.41 -44.38 -21.80
N GLU B 445 10.25 -44.20 -23.12
CA GLU B 445 10.53 -42.93 -23.78
C GLU B 445 9.24 -42.12 -23.80
N THR B 446 9.18 -41.10 -22.93
CA THR B 446 8.00 -40.25 -22.88
C THR B 446 7.92 -39.35 -24.09
N GLU B 447 6.75 -39.31 -24.72
CA GLU B 447 6.50 -38.44 -25.86
C GLU B 447 5.71 -37.20 -25.49
N LEU B 448 4.81 -37.30 -24.51
CA LEU B 448 4.07 -36.16 -24.00
C LEU B 448 4.18 -36.14 -22.49
N MET B 449 4.52 -34.98 -21.93
CA MET B 449 4.51 -34.76 -20.50
C MET B 449 3.45 -33.71 -20.19
N LEU B 450 2.23 -34.18 -19.93
CA LEU B 450 1.15 -33.25 -19.62
C LEU B 450 1.30 -32.72 -18.20
N VAL B 451 1.39 -31.41 -18.05
CA VAL B 451 1.65 -30.78 -16.77
C VAL B 451 0.43 -29.99 -16.33
N VAL B 452 -0.22 -30.42 -15.25
CA VAL B 452 -1.40 -29.74 -14.74
C VAL B 452 -1.08 -29.02 -13.45
N THR B 453 -0.82 -27.71 -13.54
CA THR B 453 -0.64 -26.92 -12.34
C THR B 453 -1.98 -26.64 -11.67
N MET B 454 -2.05 -26.89 -10.38
CA MET B 454 -3.28 -26.68 -9.63
C MET B 454 -2.94 -26.01 -8.30
N TYR B 455 -3.93 -25.29 -7.78
CA TYR B 455 -3.81 -24.64 -6.48
C TYR B 455 -5.20 -24.24 -5.98
N ASN B 456 -5.63 -24.86 -4.88
CA ASN B 456 -6.92 -24.64 -4.23
C ASN B 456 -8.11 -24.82 -5.16
N GLU B 457 -7.93 -25.41 -6.33
CA GLU B 457 -9.06 -25.64 -7.21
C GLU B 457 -9.93 -26.78 -6.69
N ASP B 458 -11.22 -26.67 -6.98
CA ASP B 458 -12.21 -27.63 -6.52
C ASP B 458 -11.98 -28.97 -7.23
N HIS B 459 -12.64 -30.02 -6.77
CA HIS B 459 -12.56 -31.32 -7.41
C HIS B 459 -13.28 -31.37 -8.75
N ILE B 460 -14.25 -30.48 -8.97
CA ILE B 460 -14.87 -30.33 -10.27
C ILE B 460 -13.94 -29.67 -11.28
N LEU B 461 -13.17 -28.67 -10.88
CA LEU B 461 -12.23 -28.03 -11.80
C LEU B 461 -11.12 -28.98 -12.20
N LEU B 462 -10.49 -29.64 -11.23
CA LEU B 462 -9.47 -30.64 -11.53
C LEU B 462 -10.03 -31.84 -12.28
N GLY B 463 -11.20 -32.34 -11.89
CA GLY B 463 -11.80 -33.44 -12.61
C GLY B 463 -12.12 -33.10 -14.05
N ARG B 464 -12.52 -31.86 -14.31
CA ARG B 464 -12.77 -31.42 -15.68
C ARG B 464 -11.50 -31.45 -16.52
N THR B 465 -10.38 -30.96 -15.99
CA THR B 465 -9.10 -31.05 -16.68
C THR B 465 -8.65 -32.48 -16.90
N LEU B 466 -8.79 -33.34 -15.89
CA LEU B 466 -8.39 -34.73 -16.00
C LEU B 466 -9.25 -35.53 -16.97
N LYS B 467 -10.54 -35.22 -17.06
CA LYS B 467 -11.40 -35.92 -18.01
C LYS B 467 -10.95 -35.67 -19.44
N GLY B 468 -10.60 -34.42 -19.77
CA GLY B 468 -10.06 -34.13 -21.08
C GLY B 468 -8.76 -34.83 -21.39
N ILE B 469 -7.86 -34.90 -20.42
CA ILE B 469 -6.62 -35.64 -20.60
C ILE B 469 -6.88 -37.12 -20.86
N MET B 470 -7.75 -37.76 -20.07
CA MET B 470 -8.03 -39.17 -20.27
C MET B 470 -8.80 -39.45 -21.55
N ASP B 471 -9.69 -38.54 -21.97
CA ASP B 471 -10.30 -38.67 -23.29
C ASP B 471 -9.26 -38.56 -24.40
N ASN B 472 -8.30 -37.65 -24.26
CA ASN B 472 -7.22 -37.55 -25.24
C ASN B 472 -6.37 -38.81 -25.27
N VAL B 473 -6.01 -39.35 -24.11
CA VAL B 473 -5.21 -40.57 -24.08
C VAL B 473 -5.99 -41.74 -24.69
N LYS B 474 -7.28 -41.87 -24.37
CA LYS B 474 -8.11 -42.91 -24.97
C LYS B 474 -8.25 -42.75 -26.48
N TYR B 475 -8.39 -41.53 -26.98
CA TYR B 475 -8.38 -41.29 -28.42
C TYR B 475 -7.05 -41.64 -29.06
N MET B 476 -5.93 -41.37 -28.38
CA MET B 476 -4.60 -41.61 -28.88
C MET B 476 -4.18 -43.08 -28.80
N VAL B 477 -4.96 -43.91 -28.10
CA VAL B 477 -4.74 -45.35 -28.11
C VAL B 477 -5.53 -46.05 -29.21
N LYS B 478 -6.75 -45.59 -29.50
CA LYS B 478 -7.57 -46.24 -30.52
C LYS B 478 -7.01 -46.05 -31.93
N LYS B 479 -6.08 -45.11 -32.12
CA LYS B 479 -5.54 -44.87 -33.45
C LYS B 479 -4.77 -46.09 -33.95
N LYS B 480 -4.84 -46.31 -35.26
CA LYS B 480 -4.20 -47.45 -35.88
C LYS B 480 -3.16 -47.08 -36.94
N ASN B 481 -3.41 -46.04 -37.74
CA ASN B 481 -2.48 -45.64 -38.79
C ASN B 481 -1.50 -44.59 -38.26
N SER B 482 -0.81 -44.95 -37.19
CA SER B 482 0.11 -44.06 -36.51
C SER B 482 1.41 -44.78 -36.20
N SER B 483 2.53 -44.07 -36.39
CA SER B 483 3.85 -44.59 -36.07
C SER B 483 4.29 -44.20 -34.66
N THR B 484 3.47 -43.46 -33.93
CA THR B 484 3.77 -43.04 -32.57
C THR B 484 2.73 -43.53 -31.58
N TRP B 485 1.46 -43.55 -31.96
CA TRP B 485 0.36 -43.91 -31.09
C TRP B 485 -0.28 -45.22 -31.55
N GLY B 486 -0.89 -45.91 -30.60
CA GLY B 486 -1.48 -47.20 -30.86
C GLY B 486 -1.92 -47.88 -29.58
N PRO B 487 -1.98 -49.21 -29.60
CA PRO B 487 -2.43 -49.94 -28.39
C PRO B 487 -1.58 -49.64 -27.16
N ASP B 488 -0.30 -49.35 -27.35
CA ASP B 488 0.58 -49.10 -26.21
C ASP B 488 0.99 -47.63 -26.14
N ALA B 489 0.08 -46.74 -26.52
CA ALA B 489 0.37 -45.31 -26.55
C ALA B 489 0.30 -44.66 -25.17
N TRP B 490 -0.29 -45.32 -24.18
CA TRP B 490 -0.41 -44.75 -22.85
C TRP B 490 0.89 -44.75 -22.08
N LYS B 491 1.89 -45.51 -22.54
CA LYS B 491 3.21 -45.49 -21.92
C LYS B 491 4.03 -44.28 -22.31
N LYS B 492 3.62 -43.54 -23.34
CA LYS B 492 4.35 -42.36 -23.78
C LYS B 492 3.84 -41.09 -23.11
N ILE B 493 2.62 -41.09 -22.62
CA ILE B 493 2.07 -39.92 -21.93
C ILE B 493 2.28 -40.09 -20.43
N VAL B 494 2.82 -39.06 -19.79
CA VAL B 494 2.94 -39.02 -18.33
C VAL B 494 2.25 -37.77 -17.81
N VAL B 495 1.11 -37.94 -17.14
CA VAL B 495 0.41 -36.80 -16.58
C VAL B 495 1.04 -36.41 -15.26
N CYS B 496 1.37 -35.14 -15.11
CA CYS B 496 2.11 -34.65 -13.94
C CYS B 496 1.32 -33.50 -13.31
N ILE B 497 0.55 -33.81 -12.27
CA ILE B 497 -0.20 -32.80 -11.53
C ILE B 497 0.70 -32.20 -10.48
N ILE B 498 0.87 -30.88 -10.51
CA ILE B 498 1.71 -30.21 -9.54
C ILE B 498 0.87 -29.22 -8.74
N SER B 499 0.54 -29.58 -7.51
CA SER B 499 -0.20 -28.66 -6.66
C SER B 499 0.75 -27.67 -5.98
N ASP B 500 0.24 -26.47 -5.71
CA ASP B 500 1.02 -25.36 -5.17
C ASP B 500 0.70 -25.24 -3.68
N GLY B 501 1.39 -26.04 -2.88
CA GLY B 501 1.19 -26.01 -1.44
C GLY B 501 0.23 -27.07 -0.95
N ARG B 502 0.64 -27.79 0.10
CA ARG B 502 -0.21 -28.78 0.74
C ARG B 502 -1.27 -28.13 1.65
N SER B 503 -1.00 -26.96 2.21
CA SER B 503 -1.95 -26.26 3.05
C SER B 503 -3.09 -25.65 2.26
N LYS B 504 -2.91 -25.40 0.97
CA LYS B 504 -3.90 -24.72 0.16
C LYS B 504 -4.71 -25.66 -0.73
N ILE B 505 -4.24 -26.89 -0.94
CA ILE B 505 -4.94 -27.80 -1.82
C ILE B 505 -6.32 -28.10 -1.26
N ASN B 506 -7.32 -28.11 -2.14
CA ASN B 506 -8.68 -28.42 -1.73
C ASN B 506 -8.77 -29.89 -1.32
N GLU B 507 -9.49 -30.14 -0.23
CA GLU B 507 -9.61 -31.51 0.28
C GLU B 507 -10.40 -32.39 -0.68
N ARG B 508 -11.32 -31.80 -1.44
CA ARG B 508 -12.06 -32.57 -2.44
C ARG B 508 -11.15 -32.97 -3.60
N SER B 509 -10.18 -32.11 -3.95
CA SER B 509 -9.21 -32.48 -4.97
C SER B 509 -8.34 -33.65 -4.50
N LEU B 510 -7.90 -33.62 -3.25
CA LEU B 510 -7.18 -34.75 -2.68
C LEU B 510 -8.04 -36.00 -2.66
N ALA B 511 -9.34 -35.84 -2.36
CA ALA B 511 -10.25 -36.98 -2.38
C ALA B 511 -10.34 -37.58 -3.78
N LEU B 512 -10.43 -36.72 -4.80
CA LEU B 512 -10.51 -37.21 -6.17
C LEU B 512 -9.23 -37.91 -6.58
N LEU B 513 -8.07 -37.37 -6.20
CA LEU B 513 -6.81 -38.01 -6.54
C LEU B 513 -6.64 -39.33 -5.81
N SER B 514 -7.03 -39.39 -4.55
CA SER B 514 -6.98 -40.63 -3.78
C SER B 514 -7.92 -41.68 -4.33
N SER B 515 -9.10 -41.28 -4.79
CA SER B 515 -10.01 -42.20 -5.44
C SER B 515 -9.50 -42.68 -6.79
N LEU B 516 -8.53 -41.98 -7.37
CA LEU B 516 -7.87 -42.39 -8.60
C LEU B 516 -6.66 -43.29 -8.33
N GLY B 517 -6.34 -43.52 -7.06
CA GLY B 517 -5.23 -44.37 -6.69
C GLY B 517 -3.88 -43.68 -6.71
N CYS B 518 -3.87 -42.35 -6.61
CA CYS B 518 -2.59 -41.64 -6.67
C CYS B 518 -2.31 -40.82 -5.41
N TYR B 519 -2.95 -41.11 -4.28
CA TYR B 519 -2.64 -40.42 -3.04
C TYR B 519 -3.11 -41.23 -1.83
N GLN B 520 -2.19 -41.49 -0.91
CA GLN B 520 -2.52 -42.18 0.34
C GLN B 520 -2.12 -41.29 1.50
N ASP B 521 -2.99 -41.20 2.50
CA ASP B 521 -2.71 -40.38 3.67
C ASP B 521 -1.76 -41.12 4.60
N GLY B 522 -0.82 -40.37 5.17
CA GLY B 522 0.09 -40.93 6.14
C GLY B 522 1.55 -40.71 5.83
N PHE B 523 1.92 -40.76 4.55
CA PHE B 523 3.32 -40.64 4.16
C PHE B 523 3.55 -39.24 3.62
N ALA B 524 3.71 -38.27 4.52
CA ALA B 524 3.93 -36.89 4.13
C ALA B 524 4.97 -36.24 5.01
N LYS B 525 6.06 -36.95 5.28
CA LYS B 525 7.04 -36.51 6.27
C LYS B 525 7.56 -35.11 5.95
N ASP B 526 7.61 -34.28 6.98
CA ASP B 526 8.04 -32.89 6.81
C ASP B 526 9.55 -32.76 6.63
N GLU B 527 10.33 -33.63 7.25
CA GLU B 527 11.77 -33.47 7.25
C GLU B 527 12.42 -34.85 7.18
N ILE B 528 13.53 -34.92 6.47
CA ILE B 528 14.28 -36.17 6.30
C ILE B 528 15.73 -35.87 6.65
N ASN B 529 16.17 -36.37 7.81
CA ASN B 529 17.55 -36.20 8.28
C ASN B 529 17.94 -34.72 8.38
N GLU B 530 17.11 -33.98 9.12
CA GLU B 530 17.29 -32.53 9.31
C GLU B 530 17.41 -31.82 7.97
N LYS B 531 16.54 -32.20 7.04
CA LYS B 531 16.50 -31.58 5.71
C LYS B 531 15.03 -31.49 5.30
N LYS B 532 14.54 -30.27 5.13
CA LYS B 532 13.12 -30.05 4.85
C LYS B 532 12.72 -30.68 3.53
N VAL B 533 11.55 -31.30 3.50
CA VAL B 533 11.02 -31.91 2.29
C VAL B 533 10.40 -30.82 1.43
N ALA B 534 10.87 -30.72 0.18
CA ALA B 534 10.38 -29.71 -0.74
C ALA B 534 9.14 -30.15 -1.51
N MET B 535 8.99 -31.45 -1.77
CA MET B 535 7.83 -31.92 -2.52
C MET B 535 7.54 -33.36 -2.16
N HIS B 536 6.26 -33.72 -2.19
CA HIS B 536 5.81 -35.10 -2.00
C HIS B 536 5.34 -35.61 -3.35
N VAL B 537 6.01 -36.64 -3.87
CA VAL B 537 5.75 -37.14 -5.21
C VAL B 537 5.06 -38.48 -5.15
N TYR B 538 3.81 -38.53 -5.58
CA TYR B 538 3.07 -39.78 -5.69
C TYR B 538 2.93 -40.16 -7.15
N GLU B 539 3.12 -41.44 -7.45
CA GLU B 539 3.06 -41.88 -8.84
C GLU B 539 2.45 -43.28 -8.91
N HIS B 540 1.46 -43.43 -9.79
CA HIS B 540 0.70 -44.67 -9.90
C HIS B 540 0.00 -44.68 -11.24
N THR B 541 0.26 -45.71 -12.05
CA THR B 541 -0.47 -45.86 -13.30
C THR B 541 -1.87 -46.36 -13.03
N THR B 542 -2.86 -45.48 -13.12
CA THR B 542 -4.23 -45.82 -12.79
C THR B 542 -4.94 -46.45 -13.99
N MET B 543 -6.06 -47.10 -13.69
CA MET B 543 -6.94 -47.65 -14.72
C MET B 543 -8.31 -46.99 -14.66
N ILE B 544 -8.52 -46.08 -13.71
CA ILE B 544 -9.79 -45.40 -13.51
C ILE B 544 -9.81 -44.18 -14.41
N ASN B 545 -10.90 -44.00 -15.15
CA ASN B 545 -11.05 -42.83 -16.00
C ASN B 545 -12.33 -42.09 -15.65
N ILE B 546 -12.25 -40.76 -15.62
CA ILE B 546 -13.45 -39.95 -15.50
C ILE B 546 -14.24 -40.06 -16.80
N THR B 547 -15.54 -40.31 -16.68
CA THR B 547 -16.39 -40.39 -17.86
C THR B 547 -17.52 -39.36 -17.89
N ASN B 548 -17.75 -38.64 -16.79
CA ASN B 548 -18.78 -37.61 -16.78
C ASN B 548 -18.50 -36.65 -15.65
N ILE B 549 -18.60 -35.36 -15.94
CA ILE B 549 -18.45 -34.30 -14.95
C ILE B 549 -19.78 -33.58 -14.83
N SER B 550 -20.53 -33.87 -13.78
CA SER B 550 -21.76 -33.14 -13.52
C SER B 550 -21.43 -31.92 -12.66
N GLU B 551 -22.45 -31.21 -12.20
CA GLU B 551 -22.24 -30.08 -11.30
C GLU B 551 -21.66 -30.49 -9.95
N SER B 552 -21.87 -31.73 -9.52
CA SER B 552 -21.32 -32.13 -8.22
C SER B 552 -20.78 -33.55 -8.21
N GLU B 553 -20.67 -34.23 -9.35
CA GLU B 553 -20.26 -35.64 -9.34
C GLU B 553 -19.23 -35.86 -10.43
N VAL B 554 -18.17 -36.58 -10.10
CA VAL B 554 -17.15 -36.97 -11.05
C VAL B 554 -17.20 -38.49 -11.21
N SER B 555 -17.81 -38.96 -12.30
CA SER B 555 -18.05 -40.38 -12.46
C SER B 555 -16.78 -41.12 -12.85
N LEU B 556 -16.43 -42.12 -12.05
CA LEU B 556 -15.20 -42.90 -12.21
C LEU B 556 -15.56 -44.36 -12.45
N GLU B 557 -15.61 -44.77 -13.70
CA GLU B 557 -15.86 -46.16 -14.04
C GLU B 557 -14.59 -46.82 -14.55
N CYS B 558 -14.46 -48.12 -14.32
CA CYS B 558 -13.36 -48.92 -14.84
C CYS B 558 -13.96 -50.13 -15.55
N ASN B 559 -14.36 -49.93 -16.80
CA ASN B 559 -14.90 -51.02 -17.62
C ASN B 559 -13.87 -51.47 -18.64
N GLN B 560 -14.29 -52.30 -19.60
CA GLN B 560 -13.41 -52.78 -20.65
C GLN B 560 -13.07 -51.69 -21.66
N GLY B 561 -13.58 -50.47 -21.45
CA GLY B 561 -13.32 -49.39 -22.37
C GLY B 561 -12.57 -48.23 -21.73
N THR B 562 -11.62 -48.53 -20.86
CA THR B 562 -10.76 -47.53 -20.23
C THR B 562 -9.31 -47.78 -20.60
N VAL B 563 -8.50 -46.74 -20.48
CA VAL B 563 -7.10 -46.79 -20.83
C VAL B 563 -6.28 -46.44 -19.59
N PRO B 564 -5.09 -47.00 -19.42
CA PRO B 564 -4.26 -46.62 -18.28
C PRO B 564 -3.73 -45.20 -18.41
N ILE B 565 -3.58 -44.53 -17.27
CA ILE B 565 -3.04 -43.17 -17.21
C ILE B 565 -1.87 -43.21 -16.24
N GLN B 566 -0.69 -42.82 -16.71
CA GLN B 566 0.47 -42.73 -15.83
C GLN B 566 0.43 -41.45 -15.02
N LEU B 567 -0.06 -41.52 -13.78
CA LEU B 567 -0.17 -40.34 -12.95
C LEU B 567 1.13 -40.10 -12.19
N LEU B 568 1.50 -38.83 -12.07
CA LEU B 568 2.68 -38.45 -11.31
C LEU B 568 2.32 -37.26 -10.44
N PHE B 569 1.24 -37.38 -9.69
CA PHE B 569 0.80 -36.28 -8.84
C PHE B 569 1.84 -35.96 -7.78
N CYS B 570 2.32 -34.72 -7.78
CA CYS B 570 3.40 -34.30 -6.88
C CYS B 570 3.04 -32.92 -6.35
N LEU B 571 2.85 -32.83 -5.04
CA LEU B 571 2.41 -31.58 -4.42
C LEU B 571 3.53 -31.01 -3.56
N LYS B 572 3.66 -29.70 -3.57
CA LYS B 572 4.68 -29.01 -2.80
C LYS B 572 4.23 -28.86 -1.35
N GLU B 573 5.14 -28.40 -0.49
CA GLU B 573 4.80 -28.06 0.89
C GLU B 573 4.46 -26.58 1.04
N GLN B 574 5.29 -25.71 0.47
CA GLN B 574 5.07 -24.28 0.53
C GLN B 574 4.54 -23.77 -0.80
N ASN B 575 3.61 -22.81 -0.71
CA ASN B 575 3.01 -22.19 -1.89
C ASN B 575 4.01 -21.21 -2.48
N GLN B 576 4.86 -21.70 -3.38
CA GLN B 576 5.85 -20.85 -4.02
C GLN B 576 5.39 -20.37 -5.39
N LYS B 577 4.15 -19.88 -5.47
CA LYS B 577 3.57 -19.34 -6.69
C LYS B 577 3.57 -20.34 -7.84
N LYS B 578 3.30 -19.86 -9.06
CA LYS B 578 3.11 -20.73 -10.23
C LYS B 578 4.37 -20.91 -11.05
N ILE B 579 5.26 -19.93 -11.10
CA ILE B 579 6.51 -20.08 -11.85
C ILE B 579 7.34 -21.23 -11.28
N ASN B 580 7.32 -21.41 -9.97
CA ASN B 580 8.05 -22.52 -9.36
C ASN B 580 7.46 -23.87 -9.74
N SER B 581 6.14 -23.94 -9.97
CA SER B 581 5.55 -25.19 -10.45
C SER B 581 6.11 -25.56 -11.82
N HIS B 582 6.22 -24.58 -12.71
CA HIS B 582 6.87 -24.83 -14.00
C HIS B 582 8.34 -25.12 -13.87
N ARG B 583 9.01 -24.54 -12.87
CA ARG B 583 10.40 -24.87 -12.62
C ARG B 583 10.55 -26.33 -12.20
N TRP B 584 9.64 -26.82 -11.38
CA TRP B 584 9.62 -28.23 -11.01
C TRP B 584 9.28 -29.13 -12.18
N ALA B 585 8.40 -28.68 -13.08
CA ALA B 585 8.00 -29.46 -14.24
C ALA B 585 8.99 -29.41 -15.39
N PHE B 586 9.89 -28.44 -15.42
CA PHE B 586 10.83 -28.26 -16.52
C PHE B 586 12.27 -28.56 -16.14
N GLU B 587 12.76 -27.95 -15.07
CA GLU B 587 14.09 -28.28 -14.56
C GLU B 587 14.11 -29.53 -13.71
N GLY B 588 12.94 -30.04 -13.32
CA GLY B 588 12.85 -31.21 -12.49
C GLY B 588 12.49 -32.47 -13.25
N PHE B 589 11.20 -32.81 -13.23
CA PHE B 589 10.76 -34.07 -13.80
C PHE B 589 10.95 -34.12 -15.32
N ALA B 590 10.99 -32.98 -15.99
CA ALA B 590 11.26 -33.01 -17.42
C ALA B 590 12.68 -33.48 -17.71
N GLU B 591 13.63 -33.15 -16.84
CA GLU B 591 14.99 -33.63 -17.02
C GLU B 591 15.08 -35.14 -16.92
N LEU B 592 14.39 -35.74 -15.94
CA LEU B 592 14.39 -37.19 -15.81
C LEU B 592 13.62 -37.85 -16.95
N LEU B 593 12.42 -37.35 -17.24
CA LEU B 593 11.59 -37.96 -18.27
C LEU B 593 12.18 -37.78 -19.66
N ARG B 594 12.82 -36.64 -19.90
CA ARG B 594 13.28 -36.24 -21.23
C ARG B 594 12.17 -36.40 -22.27
N PRO B 595 11.05 -35.70 -22.10
CA PRO B 595 9.94 -35.85 -23.05
C PRO B 595 10.22 -35.10 -24.34
N ASN B 596 9.45 -35.44 -25.37
CA ASN B 596 9.51 -34.70 -26.62
C ASN B 596 8.77 -33.37 -26.51
N ILE B 597 7.50 -33.44 -26.07
CA ILE B 597 6.66 -32.26 -25.92
C ILE B 597 6.23 -32.15 -24.46
N VAL B 598 6.10 -30.92 -23.99
CA VAL B 598 5.61 -30.65 -22.65
C VAL B 598 4.37 -29.78 -22.73
N THR B 599 3.19 -30.40 -22.70
CA THR B 599 1.96 -29.63 -22.74
C THR B 599 1.60 -29.14 -21.34
N LEU B 600 1.39 -27.83 -21.24
CA LEU B 600 1.11 -27.17 -19.96
C LEU B 600 -0.40 -26.93 -19.86
N LEU B 601 -1.11 -27.85 -19.24
CA LEU B 601 -2.50 -27.60 -18.95
C LEU B 601 -2.65 -26.82 -17.65
N ASP B 602 -3.88 -26.57 -17.27
CA ASP B 602 -4.21 -25.81 -16.09
C ASP B 602 -5.42 -26.44 -15.43
N ALA B 603 -5.52 -26.34 -14.12
CA ALA B 603 -6.65 -26.94 -13.43
C ALA B 603 -7.94 -26.18 -13.71
N GLY B 604 -8.88 -26.84 -14.38
CA GLY B 604 -10.12 -26.20 -14.77
C GLY B 604 -10.25 -26.09 -16.27
N THR B 605 -9.13 -26.26 -16.98
CA THR B 605 -9.10 -26.16 -18.44
C THR B 605 -9.26 -27.55 -19.03
N MET B 606 -10.46 -27.83 -19.51
CA MET B 606 -10.74 -29.12 -20.11
C MET B 606 -10.46 -29.07 -21.61
N PRO B 607 -9.48 -29.81 -22.10
CA PRO B 607 -9.23 -29.85 -23.55
C PRO B 607 -10.30 -30.70 -24.25
N GLY B 608 -10.30 -30.61 -25.57
CA GLY B 608 -11.28 -31.32 -26.36
C GLY B 608 -11.03 -32.82 -26.39
N LYS B 609 -11.87 -33.51 -27.16
CA LYS B 609 -11.77 -34.96 -27.24
C LYS B 609 -10.43 -35.39 -27.85
N ASP B 610 -9.89 -34.59 -28.76
CA ASP B 610 -8.60 -34.88 -29.37
C ASP B 610 -7.76 -33.63 -29.53
N SER B 611 -7.96 -32.64 -28.65
CA SER B 611 -7.24 -31.38 -28.77
C SER B 611 -5.76 -31.50 -28.44
N ILE B 612 -5.40 -32.31 -27.43
CA ILE B 612 -3.99 -32.51 -27.16
C ILE B 612 -3.30 -33.25 -28.30
N TYR B 613 -3.95 -34.24 -28.88
CA TYR B 613 -3.39 -34.90 -30.06
C TYR B 613 -3.27 -33.95 -31.25
N GLN B 614 -4.27 -33.10 -31.47
CA GLN B 614 -4.17 -32.11 -32.53
C GLN B 614 -3.06 -31.10 -32.25
N LEU B 615 -2.85 -30.76 -30.98
CA LEU B 615 -1.76 -29.85 -30.63
C LEU B 615 -0.40 -30.51 -30.83
N TRP B 616 -0.30 -31.81 -30.57
CA TRP B 616 0.92 -32.57 -30.82
C TRP B 616 1.22 -32.74 -32.30
N ARG B 617 0.18 -32.76 -33.14
CA ARG B 617 0.40 -32.89 -34.58
C ARG B 617 1.07 -31.68 -35.20
N GLU B 618 1.10 -30.55 -34.50
CA GLU B 618 1.78 -29.37 -35.02
C GLU B 618 3.29 -29.44 -34.85
N PHE B 619 3.80 -30.45 -34.15
CA PHE B 619 5.23 -30.62 -33.94
C PHE B 619 5.84 -31.64 -34.90
N ARG B 620 5.09 -32.06 -35.92
CA ARG B 620 5.65 -32.98 -36.89
C ARG B 620 6.79 -32.34 -37.68
N ASN B 621 6.64 -31.08 -38.10
CA ASN B 621 7.74 -30.39 -38.75
C ASN B 621 8.74 -29.93 -37.70
N PRO B 622 10.04 -30.07 -37.94
CA PRO B 622 11.03 -29.78 -36.90
C PRO B 622 11.06 -28.32 -36.46
N ASN B 623 10.52 -27.42 -37.27
CA ASN B 623 10.69 -26.00 -37.01
C ASN B 623 9.92 -25.55 -35.78
N VAL B 624 8.77 -26.16 -35.52
CA VAL B 624 7.91 -25.72 -34.42
C VAL B 624 8.55 -26.07 -33.09
N GLY B 625 8.75 -25.06 -32.24
CA GLY B 625 9.28 -25.26 -30.92
C GLY B 625 8.33 -24.74 -29.87
N GLY B 626 7.05 -24.92 -30.11
CA GLY B 626 6.02 -24.40 -29.23
C GLY B 626 4.76 -24.06 -29.98
N ALA B 627 3.62 -24.54 -29.49
CA ALA B 627 2.34 -24.36 -30.16
C ALA B 627 1.28 -24.09 -29.10
N CYS B 628 0.14 -23.57 -29.55
CA CYS B 628 -0.97 -23.30 -28.65
C CYS B 628 -2.26 -23.54 -29.41
N GLY B 629 -3.32 -23.81 -28.64
CA GLY B 629 -4.63 -24.02 -29.19
C GLY B 629 -5.59 -22.91 -28.82
N GLU B 630 -6.83 -23.08 -29.27
CA GLU B 630 -7.90 -22.15 -28.95
C GLU B 630 -8.34 -22.40 -27.50
N ILE B 631 -8.49 -21.34 -26.73
CA ILE B 631 -9.10 -21.45 -25.40
C ILE B 631 -10.48 -20.80 -25.47
N ARG B 632 -11.51 -21.60 -25.24
CA ARG B 632 -12.88 -21.12 -25.23
C ARG B 632 -13.32 -20.85 -23.81
N THR B 633 -14.54 -20.35 -23.67
CA THR B 633 -15.13 -20.09 -22.38
C THR B 633 -16.17 -21.16 -22.08
N ASP B 634 -16.09 -21.75 -20.89
CA ASP B 634 -17.08 -22.71 -20.44
C ASP B 634 -18.33 -21.96 -20.02
N LEU B 635 -19.37 -22.03 -20.83
CA LEU B 635 -20.58 -21.27 -20.59
C LEU B 635 -21.59 -22.01 -19.72
N GLY B 636 -21.23 -23.19 -19.22
CA GLY B 636 -22.08 -23.90 -18.29
C GLY B 636 -23.09 -24.79 -18.99
N LYS B 637 -24.01 -25.31 -18.19
CA LYS B 637 -25.06 -26.17 -18.70
C LYS B 637 -26.06 -25.35 -19.52
N ARG B 638 -26.18 -25.70 -20.80
CA ARG B 638 -27.11 -25.03 -21.72
C ARG B 638 -26.86 -23.53 -21.76
N PHE B 639 -25.58 -23.17 -21.76
CA PHE B 639 -25.12 -21.80 -21.99
C PHE B 639 -25.67 -20.84 -20.95
N VAL B 640 -25.74 -21.33 -19.70
CA VAL B 640 -26.36 -20.55 -18.63
C VAL B 640 -25.53 -19.32 -18.27
N LYS B 641 -24.23 -19.35 -18.48
CA LYS B 641 -23.36 -18.25 -18.08
C LYS B 641 -23.40 -17.08 -19.04
N LEU B 642 -24.05 -17.20 -20.19
CA LEU B 642 -24.22 -16.06 -21.08
C LEU B 642 -25.10 -14.98 -20.49
N LEU B 643 -25.91 -15.31 -19.48
CA LEU B 643 -26.69 -14.28 -18.80
C LEU B 643 -25.79 -13.29 -18.09
N ASN B 644 -24.66 -13.76 -17.57
CA ASN B 644 -23.69 -12.89 -16.97
C ASN B 644 -23.05 -12.01 -18.04
N PRO B 645 -23.20 -10.69 -17.98
CA PRO B 645 -22.59 -9.84 -19.01
C PRO B 645 -21.08 -9.83 -18.97
N LEU B 646 -20.48 -10.15 -17.83
CA LEU B 646 -19.03 -10.24 -17.73
C LEU B 646 -18.48 -11.51 -18.35
N VAL B 647 -19.17 -12.64 -18.21
CA VAL B 647 -18.78 -13.87 -18.88
C VAL B 647 -19.00 -13.81 -20.38
N ALA B 648 -20.11 -13.24 -20.84
CA ALA B 648 -20.37 -13.09 -22.26
C ALA B 648 -19.36 -12.19 -22.95
N SER B 649 -18.95 -11.10 -22.31
CA SER B 649 -17.92 -10.23 -22.85
C SER B 649 -16.58 -10.94 -23.02
N GLN B 650 -16.16 -11.71 -22.03
CA GLN B 650 -14.94 -12.51 -22.14
C GLN B 650 -15.04 -13.57 -23.22
N ASN B 651 -16.22 -14.15 -23.43
CA ASN B 651 -16.42 -15.08 -24.53
C ASN B 651 -16.06 -14.44 -25.86
N PHE B 652 -16.64 -13.27 -26.17
CA PHE B 652 -16.33 -12.57 -27.39
C PHE B 652 -14.88 -12.14 -27.48
N GLU B 653 -14.32 -11.66 -26.37
CA GLU B 653 -12.91 -11.26 -26.38
C GLU B 653 -12.00 -12.43 -26.71
N TYR B 654 -12.27 -13.60 -26.13
CA TYR B 654 -11.49 -14.79 -26.44
C TYR B 654 -11.67 -15.23 -27.88
N LYS B 655 -12.90 -15.20 -28.39
CA LYS B 655 -13.13 -15.58 -29.79
C LYS B 655 -12.38 -14.66 -30.74
N MET B 656 -12.44 -13.35 -30.52
CA MET B 656 -11.65 -12.42 -31.31
C MET B 656 -10.14 -12.61 -31.15
N SER B 657 -9.67 -12.92 -29.95
CA SER B 657 -8.25 -13.16 -29.75
C SER B 657 -7.78 -14.39 -30.51
N ASN B 658 -8.63 -15.40 -30.62
CA ASN B 658 -8.26 -16.64 -31.30
C ASN B 658 -8.67 -16.64 -32.77
N ILE B 659 -9.17 -15.52 -33.29
CA ILE B 659 -9.54 -15.46 -34.70
C ILE B 659 -8.70 -14.39 -35.40
N LEU B 660 -8.33 -13.37 -34.68
CA LEU B 660 -7.65 -12.26 -35.31
C LEU B 660 -6.23 -12.06 -34.80
N ASP B 661 -5.97 -12.36 -33.53
CA ASP B 661 -4.64 -12.18 -32.99
C ASP B 661 -3.76 -13.41 -33.17
N LYS B 662 -4.24 -14.57 -32.72
CA LYS B 662 -3.43 -15.79 -32.82
C LYS B 662 -3.20 -16.17 -34.28
N THR B 663 -4.23 -16.06 -35.12
CA THR B 663 -4.08 -16.41 -36.53
C THR B 663 -3.15 -15.46 -37.25
N THR B 664 -3.23 -14.16 -36.96
CA THR B 664 -2.34 -13.20 -37.61
C THR B 664 -0.89 -13.41 -37.17
N GLU B 665 -0.67 -13.65 -35.88
CA GLU B 665 0.69 -13.83 -35.38
C GLU B 665 1.28 -15.15 -35.79
N SER B 666 0.44 -16.18 -35.98
CA SER B 666 0.95 -17.50 -36.35
C SER B 666 1.54 -17.49 -37.75
N ASN B 667 1.06 -16.60 -38.62
CA ASN B 667 1.62 -16.49 -39.96
C ASN B 667 3.07 -16.04 -39.92
N PHE B 668 3.36 -15.02 -39.12
CA PHE B 668 4.73 -14.53 -39.00
C PHE B 668 5.61 -15.56 -38.33
N GLY B 669 5.10 -16.24 -37.31
CA GLY B 669 5.83 -17.29 -36.65
C GLY B 669 6.21 -16.98 -35.21
N PHE B 670 5.61 -15.95 -34.64
CA PHE B 670 5.89 -15.59 -33.25
C PHE B 670 4.57 -15.17 -32.61
N ILE B 671 4.02 -16.04 -31.76
CA ILE B 671 2.82 -15.71 -31.03
C ILE B 671 3.19 -15.00 -29.75
N THR B 672 2.53 -13.87 -29.47
CA THR B 672 2.94 -12.98 -28.39
C THR B 672 2.89 -13.69 -27.04
N VAL B 673 1.83 -14.46 -26.80
CA VAL B 673 1.71 -15.26 -25.59
C VAL B 673 1.19 -16.65 -25.98
N LEU B 674 1.86 -17.69 -25.50
CA LEU B 674 1.30 -19.02 -25.52
C LEU B 674 0.63 -19.25 -24.17
N PRO B 675 -0.70 -19.39 -24.10
CA PRO B 675 -1.38 -19.37 -22.81
C PRO B 675 -0.90 -20.48 -21.90
N GLY B 676 -0.76 -20.16 -20.61
CA GLY B 676 -0.39 -21.18 -19.65
C GLY B 676 -1.47 -22.22 -19.44
N ALA B 677 -2.70 -21.88 -19.82
CA ALA B 677 -3.82 -22.80 -19.65
C ALA B 677 -3.80 -23.93 -20.67
N PHE B 678 -3.36 -23.67 -21.89
CA PHE B 678 -3.30 -24.73 -22.90
C PHE B 678 -2.23 -24.35 -23.93
N SER B 679 -1.03 -24.90 -23.75
CA SER B 679 0.05 -24.68 -24.69
C SER B 679 1.00 -25.86 -24.61
N ALA B 680 1.83 -25.99 -25.64
CA ALA B 680 2.79 -27.09 -25.71
C ALA B 680 4.12 -26.53 -26.18
N TYR B 681 5.20 -26.96 -25.54
CA TYR B 681 6.55 -26.56 -25.92
C TYR B 681 7.35 -27.80 -26.28
N ARG B 682 8.10 -27.72 -27.36
CA ARG B 682 9.10 -28.75 -27.61
C ARG B 682 10.19 -28.62 -26.56
N PHE B 683 10.51 -29.73 -25.90
CA PHE B 683 11.45 -29.67 -24.79
C PHE B 683 12.83 -29.24 -25.26
N GLU B 684 13.27 -29.73 -26.42
CA GLU B 684 14.55 -29.32 -26.96
C GLU B 684 14.59 -27.82 -27.24
N ALA B 685 13.44 -27.23 -27.62
CA ALA B 685 13.40 -25.82 -27.95
C ALA B 685 13.60 -24.94 -26.73
N VAL B 686 13.02 -25.33 -25.59
CA VAL B 686 13.02 -24.44 -24.43
C VAL B 686 14.20 -24.71 -23.51
N ARG B 687 14.85 -25.86 -23.65
CA ARG B 687 15.99 -26.16 -22.78
C ARG B 687 17.14 -25.19 -23.01
N GLY B 688 17.55 -24.51 -21.96
CA GLY B 688 18.72 -23.66 -22.05
C GLY B 688 18.43 -22.22 -21.70
N GLN B 689 18.81 -21.32 -22.60
CA GLN B 689 18.67 -19.89 -22.45
C GLN B 689 17.21 -19.46 -22.26
N PRO B 690 16.25 -19.98 -23.03
CA PRO B 690 14.84 -19.62 -22.78
C PRO B 690 14.37 -19.92 -21.36
N LEU B 691 14.55 -21.16 -20.90
CA LEU B 691 14.14 -21.50 -19.54
C LEU B 691 14.99 -20.78 -18.51
N GLN B 692 16.25 -20.51 -18.86
CA GLN B 692 17.13 -19.79 -17.94
C GLN B 692 16.62 -18.38 -17.66
N LYS B 693 16.18 -17.66 -18.70
CA LYS B 693 15.57 -16.36 -18.45
C LYS B 693 14.15 -16.46 -17.92
N TYR B 694 13.43 -17.54 -18.23
CA TYR B 694 12.10 -17.72 -17.66
C TYR B 694 12.17 -17.81 -16.14
N PHE B 695 13.04 -18.66 -15.62
CA PHE B 695 13.05 -18.91 -14.18
C PHE B 695 13.86 -17.86 -13.42
N TYR B 696 15.11 -17.67 -13.81
CA TYR B 696 15.97 -16.74 -13.08
C TYR B 696 15.96 -15.35 -13.71
N GLY B 697 16.41 -15.25 -14.96
CA GLY B 697 16.40 -14.00 -15.68
C GLY B 697 17.18 -12.90 -14.99
N GLU B 698 18.33 -13.25 -14.43
CA GLU B 698 19.19 -12.29 -13.73
C GLU B 698 18.47 -11.57 -12.59
N GLY B 704 21.16 -4.88 -8.01
CA GLY B 704 21.42 -4.28 -9.31
C GLY B 704 20.33 -3.32 -9.73
N PHE B 705 19.11 -3.84 -9.82
CA PHE B 705 17.90 -3.07 -10.12
C PHE B 705 18.00 -2.41 -11.48
N HIS B 706 18.04 -3.27 -12.50
CA HIS B 706 17.98 -2.86 -13.89
C HIS B 706 16.57 -3.05 -14.40
N PHE B 707 16.18 -2.24 -15.38
CA PHE B 707 14.78 -2.20 -15.79
C PHE B 707 14.33 -3.48 -16.48
N PHE B 708 15.17 -4.08 -17.32
CA PHE B 708 14.78 -5.26 -18.07
C PHE B 708 15.07 -6.55 -17.33
N SER B 709 15.75 -6.48 -16.20
CA SER B 709 16.06 -7.67 -15.41
C SER B 709 15.28 -7.76 -14.12
N SER B 710 14.95 -6.63 -13.51
CA SER B 710 14.16 -6.63 -12.28
C SER B 710 12.66 -6.71 -12.54
N ASN B 711 12.21 -6.29 -13.72
CA ASN B 711 10.80 -6.28 -14.06
C ASN B 711 10.43 -7.38 -15.05
N MET B 712 11.36 -8.27 -15.37
CA MET B 712 11.13 -9.35 -16.32
C MET B 712 10.11 -10.36 -15.84
N TYR B 713 9.85 -10.43 -14.54
CA TYR B 713 8.92 -11.42 -14.01
C TYR B 713 7.47 -11.02 -14.23
N LEU B 714 7.21 -9.79 -14.66
CA LEU B 714 5.84 -9.37 -14.97
C LEU B 714 5.29 -10.18 -16.14
N ALA B 715 6.13 -10.42 -17.15
CA ALA B 715 5.80 -11.31 -18.25
C ALA B 715 6.27 -12.71 -17.85
N GLU B 716 5.38 -13.46 -17.21
CA GLU B 716 5.78 -14.76 -16.69
C GLU B 716 6.24 -15.68 -17.82
N ASP B 717 5.30 -16.17 -18.60
CA ASP B 717 5.58 -17.14 -19.65
C ASP B 717 5.68 -16.50 -21.03
N ARG B 718 5.50 -15.20 -21.14
CA ARG B 718 5.68 -14.48 -22.39
C ARG B 718 7.15 -14.29 -22.74
N ILE B 719 8.04 -14.41 -21.76
CA ILE B 719 9.48 -14.39 -22.01
C ILE B 719 9.95 -15.73 -22.58
N LEU B 720 9.20 -16.80 -22.34
CA LEU B 720 9.49 -18.10 -22.91
C LEU B 720 9.16 -18.20 -24.39
N CYS B 721 8.27 -17.35 -24.89
CA CYS B 721 7.94 -17.34 -26.31
C CYS B 721 8.94 -16.55 -27.14
N PHE B 722 9.42 -15.42 -26.62
CA PHE B 722 10.37 -14.59 -27.34
C PHE B 722 11.76 -15.21 -27.39
N GLU B 723 12.17 -15.91 -26.34
CA GLU B 723 13.49 -16.52 -26.30
C GLU B 723 13.57 -17.80 -27.09
N VAL B 724 12.43 -18.36 -27.51
CA VAL B 724 12.45 -19.56 -28.33
C VAL B 724 12.57 -19.19 -29.80
N VAL B 725 11.76 -18.22 -30.25
CA VAL B 725 11.82 -17.78 -31.64
C VAL B 725 13.16 -17.11 -31.93
N THR B 726 13.61 -16.24 -31.04
CA THR B 726 14.89 -15.53 -31.18
C THR B 726 16.01 -16.26 -30.47
N LYS B 727 16.19 -17.55 -30.77
CA LYS B 727 17.22 -18.35 -30.12
C LYS B 727 18.42 -18.50 -31.04
N LYS B 728 19.62 -18.35 -30.47
CA LYS B 728 20.84 -18.38 -31.27
C LYS B 728 21.02 -19.73 -31.94
N ASN B 729 21.25 -19.70 -33.25
CA ASN B 729 21.56 -20.86 -34.06
C ASN B 729 20.41 -21.87 -34.09
N CYS B 730 19.20 -21.42 -33.77
CA CYS B 730 18.03 -22.26 -33.77
C CYS B 730 16.88 -21.53 -34.47
N ASN B 731 16.27 -22.19 -35.45
CA ASN B 731 15.14 -21.63 -36.19
C ASN B 731 13.82 -22.17 -35.67
N TRP B 732 13.46 -21.78 -34.46
CA TRP B 732 12.21 -22.18 -33.84
C TRP B 732 11.10 -21.19 -34.19
N ILE B 733 9.90 -21.70 -34.42
CA ILE B 733 8.72 -20.86 -34.64
C ILE B 733 7.59 -21.37 -33.76
N LEU B 734 6.59 -20.52 -33.55
CA LEU B 734 5.43 -20.85 -32.74
C LEU B 734 4.19 -20.86 -33.63
N LYS B 735 3.45 -21.97 -33.61
CA LYS B 735 2.23 -22.07 -34.40
C LYS B 735 1.01 -21.98 -33.50
N TYR B 736 -0.16 -21.81 -34.12
CA TYR B 736 -1.43 -21.78 -33.40
C TYR B 736 -2.33 -22.82 -34.06
N CYS B 737 -2.77 -23.80 -33.28
CA CYS B 737 -3.59 -24.87 -33.80
C CYS B 737 -5.06 -24.49 -33.66
N ARG B 738 -5.72 -24.26 -34.80
CA ARG B 738 -7.14 -23.92 -34.81
C ARG B 738 -8.03 -25.08 -34.40
N SER B 739 -7.64 -26.32 -34.70
CA SER B 739 -8.47 -27.49 -34.46
C SER B 739 -8.18 -28.14 -33.12
N SER B 740 -7.68 -27.38 -32.15
CA SER B 740 -7.43 -27.91 -30.81
C SER B 740 -7.90 -26.87 -29.82
N TYR B 741 -9.00 -27.13 -29.14
CA TYR B 741 -9.62 -26.17 -28.25
C TYR B 741 -9.53 -26.65 -26.81
N ALA B 742 -9.80 -25.74 -25.87
CA ALA B 742 -9.87 -26.08 -24.46
C ALA B 742 -10.72 -25.09 -23.71
N SER B 743 -11.96 -25.48 -23.35
CA SER B 743 -12.84 -24.61 -22.59
C SER B 743 -12.29 -24.40 -21.18
N THR B 744 -12.23 -23.15 -20.75
CA THR B 744 -11.68 -22.79 -19.46
C THR B 744 -12.75 -22.17 -18.57
N ASP B 745 -12.39 -21.88 -17.33
CA ASP B 745 -13.27 -21.22 -16.37
C ASP B 745 -12.84 -19.76 -16.25
N VAL B 746 -13.75 -18.84 -16.53
CA VAL B 746 -13.45 -17.42 -16.50
C VAL B 746 -14.10 -16.77 -15.28
N PRO B 747 -13.59 -15.65 -14.79
CA PRO B 747 -14.23 -14.99 -13.66
C PRO B 747 -15.65 -14.54 -13.98
N GLU B 748 -16.54 -14.69 -13.00
CA GLU B 748 -17.91 -14.23 -13.11
C GLU B 748 -18.16 -12.96 -12.33
N ARG B 749 -17.19 -12.47 -11.58
CA ARG B 749 -17.36 -11.31 -10.72
C ARG B 749 -16.29 -10.28 -11.04
N VAL B 750 -16.68 -9.01 -10.90
CA VAL B 750 -15.79 -7.91 -11.29
C VAL B 750 -14.48 -7.89 -10.49
N PRO B 751 -14.49 -8.03 -9.16
CA PRO B 751 -13.20 -8.02 -8.44
C PRO B 751 -12.26 -9.13 -8.87
N GLU B 752 -12.78 -10.32 -9.16
CA GLU B 752 -11.94 -11.42 -9.60
C GLU B 752 -11.49 -11.24 -11.04
N PHE B 753 -12.28 -10.58 -11.87
CA PHE B 753 -11.92 -10.30 -13.25
C PHE B 753 -10.89 -9.18 -13.37
N ILE B 754 -10.99 -8.14 -12.56
CA ILE B 754 -10.00 -7.07 -12.55
C ILE B 754 -8.63 -7.56 -12.09
N LEU B 755 -8.56 -8.38 -11.05
CA LEU B 755 -7.29 -8.88 -10.55
C LEU B 755 -6.60 -9.82 -11.52
N GLN B 756 -7.35 -10.62 -12.27
CA GLN B 756 -6.76 -11.44 -13.32
C GLN B 756 -6.12 -10.62 -14.41
N ARG B 757 -6.82 -9.61 -14.93
CA ARG B 757 -6.35 -8.84 -16.06
C ARG B 757 -5.23 -7.88 -15.70
N ARG B 758 -5.01 -7.62 -14.41
CA ARG B 758 -3.83 -6.88 -14.03
C ARG B 758 -2.55 -7.63 -14.39
N ARG B 759 -2.47 -8.92 -14.06
CA ARG B 759 -1.34 -9.73 -14.47
C ARG B 759 -1.24 -9.81 -15.99
N TRP B 760 -2.35 -10.03 -16.67
CA TRP B 760 -2.37 -10.09 -18.13
C TRP B 760 -1.88 -8.81 -18.76
N LEU B 761 -2.45 -7.67 -18.38
CA LEU B 761 -2.06 -6.40 -18.97
C LEU B 761 -0.63 -6.02 -18.64
N ASN B 762 -0.21 -6.23 -17.38
CA ASN B 762 1.16 -5.90 -17.00
C ASN B 762 2.17 -6.78 -17.74
N GLY B 763 1.89 -8.08 -17.87
CA GLY B 763 2.78 -8.95 -18.60
C GLY B 763 2.82 -8.62 -20.08
N SER B 764 1.66 -8.34 -20.68
CA SER B 764 1.64 -7.99 -22.10
C SER B 764 2.35 -6.68 -22.38
N PHE B 765 2.22 -5.69 -21.49
CA PHE B 765 2.94 -4.45 -21.68
C PHE B 765 4.45 -4.62 -21.47
N PHE B 766 4.85 -5.35 -20.45
CA PHE B 766 6.27 -5.55 -20.19
C PHE B 766 6.93 -6.51 -21.17
N ALA B 767 6.17 -7.41 -21.78
CA ALA B 767 6.73 -8.30 -22.79
C ALA B 767 6.79 -7.67 -24.17
N SER B 768 5.90 -6.73 -24.47
CA SER B 768 6.00 -5.96 -25.71
C SER B 768 7.13 -4.95 -25.68
N VAL B 769 7.36 -4.30 -24.55
CA VAL B 769 8.51 -3.42 -24.42
C VAL B 769 9.81 -4.18 -24.52
N TYR B 770 9.92 -5.34 -23.88
CA TYR B 770 11.08 -6.20 -23.99
C TYR B 770 11.30 -6.73 -25.40
N SER B 771 10.24 -7.18 -26.08
CA SER B 771 10.34 -7.73 -27.42
C SER B 771 10.75 -6.67 -28.45
N PHE B 772 10.20 -5.46 -28.33
CA PHE B 772 10.55 -4.41 -29.28
C PHE B 772 11.98 -3.92 -29.05
N CYS B 773 12.34 -3.68 -27.79
CA CYS B 773 13.68 -3.18 -27.48
C CYS B 773 14.74 -4.19 -27.90
N HIS B 774 14.49 -5.47 -27.66
CA HIS B 774 15.40 -6.53 -28.08
C HIS B 774 14.96 -7.14 -29.41
N PHE B 775 14.62 -6.33 -30.39
CA PHE B 775 14.23 -6.87 -31.69
C PHE B 775 15.44 -7.26 -32.52
N TYR B 776 16.62 -6.77 -32.17
CA TYR B 776 17.87 -7.10 -32.86
C TYR B 776 18.29 -8.54 -32.65
N ARG B 777 17.71 -9.22 -31.66
CA ARG B 777 18.03 -10.62 -31.41
C ARG B 777 17.39 -11.56 -32.42
N VAL B 778 16.43 -11.08 -33.20
CA VAL B 778 15.91 -11.88 -34.31
C VAL B 778 17.00 -12.12 -35.34
N TRP B 779 17.80 -11.10 -35.62
CA TRP B 779 18.83 -11.19 -36.65
C TRP B 779 20.10 -11.89 -36.17
N SER B 780 20.18 -12.21 -34.88
CA SER B 780 21.28 -13.00 -34.34
C SER B 780 20.90 -14.46 -34.16
N SER B 781 19.72 -14.85 -34.63
CA SER B 781 19.24 -16.22 -34.52
C SER B 781 19.53 -16.99 -35.80
N GLY B 782 19.14 -18.25 -35.82
CA GLY B 782 19.40 -19.14 -36.93
C GLY B 782 18.36 -19.14 -38.01
N HIS B 783 17.40 -18.22 -37.97
CA HIS B 783 16.36 -18.16 -38.98
C HIS B 783 16.95 -17.74 -40.32
N ASN B 784 16.25 -18.08 -41.40
CA ASN B 784 16.65 -17.59 -42.69
C ASN B 784 16.24 -16.12 -42.84
N ILE B 785 16.76 -15.47 -43.88
CA ILE B 785 16.50 -14.05 -44.07
C ILE B 785 15.02 -13.80 -44.34
N GLY B 786 14.37 -14.69 -45.10
CA GLY B 786 12.96 -14.51 -45.38
C GLY B 786 12.08 -14.50 -44.15
N ARG B 787 12.36 -15.41 -43.20
CA ARG B 787 11.62 -15.43 -41.94
C ARG B 787 12.05 -14.32 -40.99
N LYS B 788 13.33 -13.94 -41.00
CA LYS B 788 13.78 -12.82 -40.19
C LYS B 788 13.07 -11.53 -40.59
N LEU B 789 12.89 -11.31 -41.90
CA LEU B 789 12.17 -10.12 -42.35
C LEU B 789 10.72 -10.13 -41.89
N LEU B 790 10.04 -11.27 -41.98
CA LEU B 790 8.67 -11.36 -41.48
C LEU B 790 8.62 -11.09 -39.99
N LEU B 791 9.59 -11.62 -39.24
CA LEU B 791 9.59 -11.41 -37.80
C LEU B 791 9.81 -9.95 -37.44
N THR B 792 10.72 -9.25 -38.13
CA THR B 792 10.93 -7.85 -37.86
C THR B 792 9.79 -6.97 -38.36
N VAL B 793 9.05 -7.40 -39.39
CA VAL B 793 7.82 -6.72 -39.75
C VAL B 793 6.73 -6.91 -38.70
N GLU B 794 6.58 -8.12 -38.18
CA GLU B 794 5.62 -8.39 -37.13
C GLU B 794 5.92 -7.65 -35.83
N PHE B 795 7.19 -7.51 -35.46
CA PHE B 795 7.52 -6.80 -34.24
C PHE B 795 7.13 -5.33 -34.32
N PHE B 796 7.27 -4.70 -35.48
CA PHE B 796 6.81 -3.34 -35.65
C PHE B 796 5.28 -3.22 -35.55
N TYR B 797 4.54 -4.17 -36.12
CA TYR B 797 3.10 -4.18 -35.97
C TYR B 797 2.67 -4.42 -34.53
N LEU B 798 3.34 -5.32 -33.82
CA LEU B 798 3.07 -5.56 -32.42
C LEU B 798 3.35 -4.33 -31.58
N PHE B 799 4.43 -3.61 -31.88
CA PHE B 799 4.71 -2.35 -31.21
C PHE B 799 3.67 -1.29 -31.53
N PHE B 800 3.18 -1.25 -32.77
CA PHE B 800 2.11 -0.33 -33.13
C PHE B 800 0.83 -0.61 -32.35
N ASN B 801 0.49 -1.89 -32.19
CA ASN B 801 -0.63 -2.28 -31.34
C ASN B 801 -0.40 -1.90 -29.89
N THR B 802 0.83 -2.08 -29.39
CA THR B 802 1.15 -1.66 -28.03
C THR B 802 0.99 -0.17 -27.84
N LEU B 803 1.43 0.62 -28.83
CA LEU B 803 1.26 2.07 -28.79
C LEU B 803 -0.20 2.47 -28.83
N ILE B 804 -1.01 1.78 -29.63
CA ILE B 804 -2.46 2.03 -29.61
C ILE B 804 -3.06 1.74 -28.25
N SER B 805 -2.73 0.59 -27.65
CA SER B 805 -3.26 0.24 -26.35
C SER B 805 -2.74 1.12 -25.23
N TRP B 806 -1.58 1.76 -25.43
CA TRP B 806 -1.05 2.69 -24.44
C TRP B 806 -1.81 4.01 -24.46
N PHE B 807 -2.27 4.44 -25.62
CA PHE B 807 -2.96 5.72 -25.78
C PHE B 807 -4.48 5.57 -25.79
N SER B 808 -4.97 4.40 -25.40
CA SER B 808 -6.41 4.14 -25.38
C SER B 808 -7.13 4.96 -24.32
N LEU B 809 -6.46 5.30 -23.22
CA LEU B 809 -7.07 6.14 -22.19
C LEU B 809 -7.45 7.51 -22.73
N SER B 810 -6.57 8.13 -23.50
CA SER B 810 -6.86 9.40 -24.15
C SER B 810 -7.74 9.23 -25.38
N SER B 811 -7.57 8.14 -26.11
CA SER B 811 -8.36 7.93 -27.33
C SER B 811 -9.84 7.79 -27.01
N PHE B 812 -10.18 7.00 -25.99
CA PHE B 812 -11.58 6.87 -25.63
C PHE B 812 -12.16 8.19 -25.16
N PHE B 813 -11.41 8.93 -24.34
CA PHE B 813 -11.94 10.20 -23.85
C PHE B 813 -12.13 11.19 -24.98
N LEU B 814 -11.21 11.21 -25.93
CA LEU B 814 -11.33 12.17 -27.03
C LEU B 814 -12.47 11.78 -27.97
N VAL B 815 -12.62 10.50 -28.26
CA VAL B 815 -13.77 10.09 -29.07
C VAL B 815 -15.09 10.39 -28.37
N PHE B 816 -15.19 10.10 -27.07
CA PHE B 816 -16.37 10.43 -26.29
C PHE B 816 -16.65 11.93 -26.21
N ARG B 817 -15.64 12.74 -25.95
CA ARG B 817 -15.79 14.17 -25.77
C ARG B 817 -16.03 14.91 -27.08
N ILE B 818 -15.37 14.50 -28.16
CA ILE B 818 -15.63 15.07 -29.48
C ILE B 818 -17.00 14.69 -30.01
N LEU B 819 -17.47 13.46 -29.74
CA LEU B 819 -18.75 12.99 -30.23
C LEU B 819 -19.94 13.56 -29.47
N THR B 820 -19.80 13.83 -28.18
CA THR B 820 -20.88 14.40 -27.39
C THR B 820 -20.91 15.92 -27.42
N VAL B 821 -19.81 16.58 -27.77
CA VAL B 821 -19.81 18.02 -27.98
C VAL B 821 -20.23 18.40 -29.39
N SER B 822 -19.81 17.64 -30.40
CA SER B 822 -20.19 17.93 -31.78
C SER B 822 -21.65 17.64 -32.07
N ILE B 823 -22.33 16.87 -31.22
CA ILE B 823 -23.77 16.68 -31.35
C ILE B 823 -24.55 17.72 -30.57
N ALA B 824 -23.95 18.34 -29.55
CA ALA B 824 -24.58 19.44 -28.83
C ALA B 824 -24.53 20.75 -29.62
N LEU B 825 -23.51 20.91 -30.47
CA LEU B 825 -23.47 22.05 -31.37
C LEU B 825 -24.41 21.90 -32.55
N ALA B 826 -24.55 20.69 -33.08
CA ALA B 826 -25.33 20.49 -34.29
C ALA B 826 -26.83 20.58 -34.02
N TYR B 827 -27.32 19.98 -32.94
CA TYR B 827 -28.75 19.90 -32.70
C TYR B 827 -29.20 20.33 -31.32
N HIS B 828 -28.28 20.77 -30.46
CA HIS B 828 -28.61 21.38 -29.18
C HIS B 828 -29.61 20.56 -28.37
N SER B 829 -30.77 21.15 -28.07
CA SER B 829 -31.86 20.51 -27.32
C SER B 829 -31.29 19.96 -26.01
N ALA B 830 -31.53 18.71 -25.67
CA ALA B 830 -31.05 18.13 -24.42
C ALA B 830 -29.64 17.58 -24.53
N PHE B 831 -29.05 17.61 -25.72
CA PHE B 831 -27.68 17.16 -25.90
C PHE B 831 -26.69 18.14 -25.28
N ASN B 832 -27.15 19.33 -24.90
CA ASN B 832 -26.27 20.30 -24.26
C ASN B 832 -25.88 19.85 -22.86
N VAL B 833 -26.87 19.79 -21.97
CA VAL B 833 -26.61 19.41 -20.58
C VAL B 833 -26.12 17.98 -20.47
N LEU B 834 -26.52 17.11 -21.41
CA LEU B 834 -25.99 15.75 -21.45
C LEU B 834 -24.51 15.71 -21.74
N SER B 835 -23.98 16.71 -22.45
CA SER B 835 -22.54 16.73 -22.71
C SER B 835 -21.75 17.10 -21.46
N VAL B 836 -22.35 17.89 -20.57
CA VAL B 836 -21.69 18.27 -19.32
C VAL B 836 -21.91 17.24 -18.22
N ILE B 837 -23.11 16.67 -18.11
CA ILE B 837 -23.36 15.60 -17.15
C ILE B 837 -22.45 14.39 -17.40
N PHE B 838 -22.29 13.98 -18.65
CA PHE B 838 -21.48 12.82 -18.97
C PHE B 838 -19.98 13.07 -18.89
N LEU B 839 -19.54 14.31 -19.07
CA LEU B 839 -18.14 14.64 -18.84
C LEU B 839 -17.80 14.61 -17.36
N TRP B 840 -18.66 15.19 -16.52
CA TRP B 840 -18.46 15.13 -15.08
C TRP B 840 -18.56 13.72 -14.54
N LEU B 841 -19.49 12.93 -15.09
CA LEU B 841 -19.61 11.54 -14.69
C LEU B 841 -18.34 10.76 -15.04
N TYR B 842 -17.79 11.01 -16.23
CA TYR B 842 -16.51 10.42 -16.61
C TYR B 842 -15.38 10.85 -15.69
N GLY B 843 -15.30 12.13 -15.37
CA GLY B 843 -14.25 12.63 -14.50
C GLY B 843 -14.31 12.02 -13.13
N ILE B 844 -15.51 11.94 -12.56
CA ILE B 844 -15.67 11.30 -11.26
C ILE B 844 -15.34 9.82 -11.29
N CYS B 845 -15.82 9.07 -12.29
CA CYS B 845 -15.52 7.65 -12.38
C CYS B 845 -14.06 7.35 -12.67
N THR B 846 -13.35 8.23 -13.37
CA THR B 846 -11.94 8.04 -13.61
C THR B 846 -11.07 8.44 -12.43
N LEU B 847 -11.39 9.56 -11.77
CA LEU B 847 -10.69 9.91 -10.54
C LEU B 847 -10.86 8.84 -9.48
N SER B 848 -12.08 8.36 -9.27
CA SER B 848 -12.33 7.36 -8.25
C SER B 848 -11.65 6.05 -8.57
N THR B 849 -11.59 5.66 -9.85
CA THR B 849 -10.86 4.47 -10.24
C THR B 849 -9.35 4.63 -10.03
N PHE B 850 -8.80 5.80 -10.32
CA PHE B 850 -7.39 6.04 -10.01
C PHE B 850 -7.09 5.97 -8.52
N ILE B 851 -7.94 6.56 -7.69
CA ILE B 851 -7.72 6.53 -6.25
C ILE B 851 -7.99 5.16 -5.64
N LEU B 852 -9.03 4.46 -6.08
CA LEU B 852 -9.34 3.13 -5.58
C LEU B 852 -8.37 2.07 -6.08
N SER B 853 -7.57 2.37 -7.08
CA SER B 853 -6.57 1.44 -7.58
C SER B 853 -5.20 1.63 -6.96
N LEU B 854 -4.85 2.87 -6.62
CA LEU B 854 -3.56 3.14 -6.00
C LEU B 854 -3.54 2.78 -4.52
N GLY B 855 -4.67 2.92 -3.83
CA GLY B 855 -4.67 2.68 -2.40
C GLY B 855 -5.84 1.88 -1.86
N ASN B 856 -6.36 0.95 -2.65
CA ASN B 856 -7.49 0.16 -2.19
C ASN B 856 -7.54 -1.13 -3.01
N LYS B 857 -8.23 -2.13 -2.48
CA LYS B 857 -8.31 -3.44 -3.11
C LYS B 857 -9.66 -3.63 -3.79
N PRO B 858 -9.71 -4.34 -4.92
CA PRO B 858 -10.99 -4.54 -5.61
C PRO B 858 -12.03 -5.27 -4.78
N LYS B 859 -11.62 -6.24 -3.95
CA LYS B 859 -12.57 -6.93 -3.10
C LYS B 859 -13.14 -6.02 -2.02
N SER B 860 -12.37 -4.99 -1.62
CA SER B 860 -12.87 -4.04 -0.62
C SER B 860 -14.06 -3.26 -1.17
N THR B 861 -13.98 -2.82 -2.42
CA THR B 861 -15.05 -2.06 -3.06
C THR B 861 -15.52 -2.82 -4.29
N GLU B 862 -16.39 -3.79 -4.09
CA GLU B 862 -16.99 -4.49 -5.23
C GLU B 862 -18.19 -3.76 -5.79
N LYS B 863 -19.01 -3.15 -4.96
CA LYS B 863 -20.19 -2.44 -5.44
C LYS B 863 -19.85 -1.17 -6.21
N PHE B 864 -18.71 -0.55 -5.93
CA PHE B 864 -18.35 0.62 -6.72
C PHE B 864 -17.79 0.29 -8.09
N TYR B 865 -16.99 -0.79 -8.20
CA TYR B 865 -16.47 -1.16 -9.51
C TYR B 865 -17.58 -1.58 -10.46
N VAL B 866 -18.57 -2.32 -9.96
CA VAL B 866 -19.74 -2.63 -10.76
C VAL B 866 -20.49 -1.38 -11.17
N LEU B 867 -20.62 -0.41 -10.26
CA LEU B 867 -21.27 0.85 -10.60
C LEU B 867 -20.50 1.62 -11.67
N THR B 868 -19.17 1.61 -11.59
CA THR B 868 -18.34 2.25 -12.60
C THR B 868 -18.48 1.58 -13.95
N CYS B 869 -18.53 0.24 -13.97
CA CYS B 869 -18.78 -0.47 -15.21
C CYS B 869 -20.15 -0.15 -15.79
N VAL B 870 -21.18 -0.05 -14.95
CA VAL B 870 -22.51 0.34 -15.41
C VAL B 870 -22.50 1.75 -15.96
N ILE B 871 -21.82 2.68 -15.31
CA ILE B 871 -21.76 4.06 -15.77
C ILE B 871 -21.04 4.16 -17.11
N PHE B 872 -19.92 3.44 -17.27
CA PHE B 872 -19.26 3.43 -18.57
C PHE B 872 -20.09 2.73 -19.64
N ALA B 873 -20.89 1.73 -19.27
CA ALA B 873 -21.82 1.14 -20.23
C ALA B 873 -22.87 2.15 -20.68
N VAL B 874 -23.37 2.95 -19.73
CA VAL B 874 -24.31 4.01 -20.09
C VAL B 874 -23.65 5.02 -21.02
N MET B 875 -22.39 5.36 -20.74
CA MET B 875 -21.64 6.26 -21.63
C MET B 875 -21.49 5.69 -23.03
N MET B 876 -21.18 4.39 -23.14
CA MET B 876 -21.10 3.74 -24.44
C MET B 876 -22.44 3.71 -25.15
N ILE B 877 -23.53 3.47 -24.43
CA ILE B 877 -24.86 3.53 -25.03
C ILE B 877 -25.12 4.93 -25.59
N TYR B 878 -24.80 5.96 -24.82
CA TYR B 878 -24.99 7.33 -25.29
C TYR B 878 -24.10 7.63 -26.50
N MET B 879 -22.85 7.14 -26.48
CA MET B 879 -21.95 7.36 -27.61
C MET B 879 -22.47 6.70 -28.87
N ILE B 880 -22.96 5.46 -28.74
CA ILE B 880 -23.53 4.76 -29.89
C ILE B 880 -24.77 5.49 -30.39
N PHE B 881 -25.61 5.96 -29.47
CA PHE B 881 -26.79 6.72 -29.87
C PHE B 881 -26.39 7.99 -30.61
N CYS B 882 -25.38 8.69 -30.13
CA CYS B 882 -24.91 9.91 -30.78
C CYS B 882 -24.40 9.62 -32.18
N SER B 883 -23.64 8.53 -32.33
CA SER B 883 -23.12 8.17 -33.64
C SER B 883 -24.25 7.84 -34.60
N ILE B 884 -25.23 7.04 -34.15
CA ILE B 884 -26.34 6.68 -35.02
C ILE B 884 -27.16 7.91 -35.38
N PHE B 885 -27.39 8.79 -34.41
CA PHE B 885 -28.15 10.01 -34.66
C PHE B 885 -27.47 10.90 -35.69
N MET B 886 -26.20 11.20 -35.50
CA MET B 886 -25.49 12.05 -36.44
C MET B 886 -25.25 11.38 -37.79
N SER B 887 -25.24 10.05 -37.83
CA SER B 887 -25.15 9.34 -39.11
C SER B 887 -26.45 9.38 -39.89
N VAL B 888 -27.60 9.16 -39.23
CA VAL B 888 -28.86 9.22 -39.95
C VAL B 888 -29.19 10.64 -40.35
N LYS B 889 -28.83 11.63 -39.52
CA LYS B 889 -29.07 13.01 -39.90
C LYS B 889 -28.25 13.43 -41.11
N SER B 890 -26.98 13.00 -41.21
CA SER B 890 -26.20 13.33 -42.40
C SER B 890 -26.81 12.73 -43.65
N PHE B 891 -27.28 11.48 -43.58
CA PHE B 891 -27.96 10.87 -44.71
C PHE B 891 -29.20 11.65 -45.09
N GLN B 892 -30.02 12.02 -44.10
CA GLN B 892 -31.24 12.76 -44.38
C GLN B 892 -30.95 14.17 -44.85
N ASN B 893 -29.75 14.66 -44.60
CA ASN B 893 -29.35 15.94 -45.16
C ASN B 893 -28.86 15.83 -46.59
N ILE B 894 -28.26 14.70 -46.96
CA ILE B 894 -27.78 14.57 -48.33
C ILE B 894 -28.83 14.03 -49.29
N LEU B 895 -29.57 12.99 -48.91
CA LEU B 895 -30.56 12.40 -49.82
C LEU B 895 -31.79 13.27 -50.00
N LYS B 896 -32.13 14.11 -49.03
CA LYS B 896 -33.28 15.00 -49.15
C LYS B 896 -32.88 16.30 -49.84
N THR B 908 -17.46 15.49 -44.43
CA THR B 908 -18.04 15.51 -43.10
C THR B 908 -17.43 14.42 -42.23
N GLU B 909 -17.10 14.77 -40.99
CA GLU B 909 -16.52 13.81 -40.05
C GLU B 909 -17.49 12.70 -39.67
N ALA B 910 -18.78 12.99 -39.67
CA ALA B 910 -19.80 12.01 -39.28
C ALA B 910 -20.37 11.26 -40.46
N PHE B 911 -20.13 11.71 -41.68
CA PHE B 911 -20.58 10.99 -42.87
C PHE B 911 -19.79 9.72 -43.11
N ARG B 912 -18.47 9.79 -42.96
CA ARG B 912 -17.60 8.63 -43.06
C ARG B 912 -17.40 7.95 -41.71
N ASP B 913 -18.13 8.38 -40.68
CA ASP B 913 -18.08 7.75 -39.37
C ASP B 913 -18.83 6.41 -39.33
N ILE B 914 -19.66 6.14 -40.34
CA ILE B 914 -20.41 4.88 -40.38
C ILE B 914 -19.75 3.85 -41.29
N VAL B 915 -18.84 4.27 -42.16
CA VAL B 915 -18.14 3.36 -43.05
C VAL B 915 -16.74 3.14 -42.49
N ILE B 916 -16.58 3.43 -41.20
CA ILE B 916 -15.29 3.42 -40.54
C ILE B 916 -15.36 2.52 -39.31
N SER B 917 -16.57 2.37 -38.75
CA SER B 917 -16.74 1.69 -37.48
C SER B 917 -17.95 0.77 -37.47
N LEU B 918 -18.64 0.65 -38.60
CA LEU B 918 -19.77 -0.26 -38.69
C LEU B 918 -19.66 -1.10 -39.97
N GLY B 919 -19.01 -0.55 -40.98
CA GLY B 919 -18.88 -1.25 -42.25
C GLY B 919 -17.47 -1.75 -42.49
N SER B 920 -16.48 -1.05 -41.95
CA SER B 920 -15.10 -1.46 -42.16
C SER B 920 -14.53 -2.17 -40.93
N THR B 921 -15.17 -2.01 -39.77
CA THR B 921 -14.69 -2.63 -38.55
C THR B 921 -15.58 -3.80 -38.10
N TYR B 922 -16.88 -3.56 -37.95
CA TYR B 922 -17.79 -4.64 -37.55
C TYR B 922 -17.99 -5.68 -38.63
N CYS B 923 -18.13 -5.26 -39.89
CA CYS B 923 -18.29 -6.22 -40.98
C CYS B 923 -17.06 -7.08 -41.16
N LEU B 924 -15.86 -6.52 -40.99
CA LEU B 924 -14.66 -7.34 -41.03
C LEU B 924 -14.61 -8.34 -39.89
N TYR B 925 -15.03 -7.95 -38.69
CA TYR B 925 -15.11 -8.90 -37.59
C TYR B 925 -16.08 -10.03 -37.92
N LEU B 926 -17.25 -9.68 -38.46
CA LEU B 926 -18.24 -10.70 -38.80
C LEU B 926 -17.72 -11.64 -39.88
N ILE B 927 -17.07 -11.10 -40.89
CA ILE B 927 -16.57 -11.94 -41.98
C ILE B 927 -15.44 -12.84 -41.48
N SER B 928 -14.56 -12.30 -40.64
CA SER B 928 -13.49 -13.11 -40.06
C SER B 928 -14.05 -14.24 -39.21
N SER B 929 -15.07 -13.95 -38.41
CA SER B 929 -15.68 -15.00 -37.59
C SER B 929 -16.35 -16.03 -38.47
N ILE B 930 -16.98 -15.61 -39.57
CA ILE B 930 -17.62 -16.55 -40.48
C ILE B 930 -16.60 -17.43 -41.21
N ILE B 931 -15.53 -16.83 -41.78
CA ILE B 931 -14.52 -17.62 -42.47
C ILE B 931 -13.75 -18.52 -41.52
N TYR B 932 -13.76 -18.22 -40.22
CA TYR B 932 -13.23 -19.10 -39.20
C TYR B 932 -14.16 -20.28 -38.91
N LEU B 933 -15.34 -20.30 -39.52
CA LEU B 933 -16.34 -21.34 -39.31
C LEU B 933 -16.79 -21.40 -37.85
N GLN B 934 -16.88 -20.23 -37.23
CA GLN B 934 -17.34 -20.11 -35.85
C GLN B 934 -18.03 -18.77 -35.65
N PRO B 935 -19.18 -18.52 -36.29
CA PRO B 935 -19.75 -17.17 -36.29
C PRO B 935 -20.82 -16.96 -35.23
N TRP B 936 -21.13 -17.98 -34.44
CA TRP B 936 -22.29 -17.94 -33.56
C TRP B 936 -22.10 -17.03 -32.35
N HIS B 937 -20.89 -16.53 -32.12
CA HIS B 937 -20.64 -15.62 -31.01
C HIS B 937 -20.79 -14.16 -31.40
N MET B 938 -20.98 -13.87 -32.69
CA MET B 938 -21.16 -12.50 -33.14
C MET B 938 -22.54 -11.95 -32.82
N LEU B 939 -23.47 -12.79 -32.36
CA LEU B 939 -24.80 -12.37 -31.97
C LEU B 939 -25.16 -12.76 -30.55
N THR B 940 -24.70 -13.93 -30.07
CA THR B 940 -24.99 -14.33 -28.69
C THR B 940 -24.31 -13.41 -27.70
N SER B 941 -22.99 -13.20 -27.86
CA SER B 941 -22.22 -12.35 -26.96
C SER B 941 -21.42 -11.37 -27.80
N PHE B 942 -22.07 -10.29 -28.21
CA PHE B 942 -21.41 -9.16 -28.84
C PHE B 942 -21.87 -7.82 -28.31
N ILE B 943 -23.12 -7.73 -27.82
CA ILE B 943 -23.58 -6.52 -27.15
C ILE B 943 -22.94 -6.32 -25.79
N GLN B 944 -22.85 -7.38 -24.98
CA GLN B 944 -22.18 -7.28 -23.68
C GLN B 944 -20.71 -6.91 -23.81
N TYR B 945 -20.04 -7.32 -24.88
CA TYR B 945 -18.67 -6.87 -25.10
C TYR B 945 -18.59 -5.38 -25.39
N ILE B 946 -19.48 -4.86 -26.22
CA ILE B 946 -19.45 -3.45 -26.56
C ILE B 946 -19.76 -2.58 -25.35
N LEU B 947 -20.78 -2.93 -24.58
CA LEU B 947 -21.14 -2.18 -23.39
C LEU B 947 -20.07 -2.22 -22.31
N LEU B 948 -19.18 -3.20 -22.35
CA LEU B 948 -18.16 -3.36 -21.34
C LEU B 948 -16.78 -2.97 -21.83
N SER B 949 -16.65 -2.60 -23.10
CA SER B 949 -15.37 -2.13 -23.62
C SER B 949 -14.85 -0.86 -22.95
N PRO B 950 -15.66 0.15 -22.60
CA PRO B 950 -15.10 1.28 -21.85
C PRO B 950 -14.47 0.87 -20.53
N SER B 951 -15.02 -0.14 -19.87
CA SER B 951 -14.42 -0.71 -18.68
C SER B 951 -13.09 -1.40 -18.96
N TYR B 952 -12.97 -2.08 -20.10
CA TYR B 952 -11.69 -2.61 -20.53
C TYR B 952 -10.66 -1.52 -20.74
N ILE B 953 -11.07 -0.40 -21.32
CA ILE B 953 -10.16 0.70 -21.61
C ILE B 953 -9.81 1.46 -20.34
N ASN B 954 -10.82 1.77 -19.52
CA ASN B 954 -10.57 2.69 -18.42
C ASN B 954 -10.34 1.97 -17.10
N VAL B 955 -11.32 1.22 -16.62
CA VAL B 955 -11.18 0.60 -15.30
C VAL B 955 -10.02 -0.39 -15.31
N LEU B 956 -9.96 -1.21 -16.35
CA LEU B 956 -9.03 -2.33 -16.38
C LEU B 956 -7.59 -1.85 -16.55
N ASN B 957 -7.36 -0.94 -17.50
CA ASN B 957 -6.02 -0.40 -17.70
C ASN B 957 -5.57 0.48 -16.55
N ILE B 958 -6.47 1.28 -15.98
CA ILE B 958 -6.09 2.08 -14.82
C ILE B 958 -5.65 1.18 -13.68
N TYR B 959 -6.43 0.14 -13.37
CA TYR B 959 -6.03 -0.74 -12.29
C TYR B 959 -4.74 -1.49 -12.61
N ALA B 960 -4.56 -1.95 -13.84
CA ALA B 960 -3.32 -2.63 -14.21
C ALA B 960 -2.11 -1.74 -14.08
N PHE B 961 -2.17 -0.49 -14.55
CA PHE B 961 -1.05 0.42 -14.48
C PHE B 961 -0.82 0.97 -13.09
N CYS B 962 -1.83 1.00 -12.24
CA CYS B 962 -1.67 1.49 -10.87
C CYS B 962 -1.08 0.45 -9.94
N ASN B 963 -1.40 -0.83 -10.13
CA ASN B 963 -0.76 -1.91 -9.40
C ASN B 963 0.24 -2.69 -10.25
N VAL B 964 1.35 -2.06 -10.64
CA VAL B 964 2.29 -2.77 -11.50
C VAL B 964 2.98 -3.91 -10.75
N HIS B 965 3.41 -3.68 -9.51
CA HIS B 965 4.37 -4.58 -8.89
C HIS B 965 3.88 -5.31 -7.64
N ASP B 966 2.67 -5.07 -7.18
CA ASP B 966 2.12 -5.73 -5.98
C ASP B 966 3.04 -5.52 -4.78
N LEU B 967 3.13 -4.27 -4.33
CA LEU B 967 4.04 -3.92 -3.26
C LEU B 967 3.56 -4.43 -1.91
N SER B 968 4.51 -4.60 -0.99
CA SER B 968 4.19 -5.02 0.37
C SER B 968 4.88 -4.16 1.43
N TRP B 969 5.97 -3.48 1.08
CA TRP B 969 6.74 -2.62 1.98
C TRP B 969 7.36 -3.39 3.13
N GLY B 970 8.39 -2.82 3.76
CA GLY B 970 9.15 -3.51 4.78
C GLY B 970 8.33 -3.95 5.98
N THR B 971 8.34 -5.27 6.26
CA THR B 971 7.67 -5.83 7.41
C THR B 971 8.61 -6.89 8.01
N LYS B 972 9.43 -6.46 8.97
CA LYS B 972 10.41 -7.36 9.56
C LYS B 972 10.15 -7.59 11.05
N GLY B 973 10.10 -6.51 11.83
CA GLY B 973 9.91 -6.63 13.27
C GLY B 973 11.10 -7.22 13.99
N ALA B 974 12.21 -6.45 14.03
CA ALA B 974 13.43 -6.93 14.68
C ALA B 974 13.18 -7.23 16.15
N MET B 975 13.78 -8.32 16.63
CA MET B 975 13.56 -8.82 17.98
C MET B 975 14.78 -8.55 18.85
N ALA B 976 14.54 -8.23 20.12
CA ALA B 976 15.62 -7.95 21.06
C ALA B 976 16.20 -9.25 21.60
N ASN B 977 17.38 -9.13 22.20
CA ASN B 977 18.03 -10.28 22.81
C ASN B 977 17.23 -10.74 24.03
N PRO B 978 17.07 -12.05 24.23
CA PRO B 978 16.32 -12.53 25.39
C PRO B 978 17.08 -12.27 26.68
N LEU B 979 16.32 -12.11 27.77
CA LEU B 979 16.89 -11.89 29.09
C LEU B 979 16.62 -13.10 29.97
N GLY B 980 16.92 -12.97 31.27
CA GLY B 980 16.80 -14.08 32.19
C GLY B 980 15.37 -14.50 32.48
N LYS B 981 15.22 -15.49 33.35
CA LYS B 981 13.90 -16.04 33.69
C LYS B 981 13.83 -16.26 35.18
N ILE B 982 12.64 -16.08 35.74
CA ILE B 982 12.40 -16.29 37.17
C ILE B 982 11.16 -17.16 37.30
N ASN B 983 11.25 -18.22 38.11
CA ASN B 983 10.14 -19.11 38.41
C ASN B 983 10.12 -19.36 39.91
N THR B 984 9.32 -18.56 40.62
CA THR B 984 9.28 -18.63 42.07
C THR B 984 8.50 -19.85 42.55
N THR B 985 8.65 -20.15 43.85
CA THR B 985 8.03 -21.28 44.52
C THR B 985 6.81 -20.80 45.30
N GLU B 986 6.27 -21.69 46.14
CA GLU B 986 5.09 -21.37 46.94
C GLU B 986 5.33 -20.13 47.80
N ASP B 987 6.42 -20.14 48.56
CA ASP B 987 6.84 -18.95 49.29
C ASP B 987 7.59 -17.96 48.41
N GLY B 988 7.88 -18.35 47.17
CA GLY B 988 8.50 -17.44 46.22
C GLY B 988 10.00 -17.37 46.25
N THR B 989 10.66 -18.25 46.99
CA THR B 989 12.12 -18.30 46.96
C THR B 989 12.58 -18.85 45.61
N PHE B 990 13.62 -18.22 45.07
CA PHE B 990 14.15 -18.61 43.77
C PHE B 990 15.66 -18.59 43.84
N LYS B 991 16.31 -19.07 42.79
CA LYS B 991 17.76 -19.18 42.77
C LYS B 991 18.42 -17.81 42.79
N MET B 992 19.62 -17.76 43.35
CA MET B 992 20.39 -16.52 43.46
C MET B 992 21.63 -16.63 42.58
N GLU B 993 21.59 -15.94 41.43
CA GLU B 993 22.69 -15.88 40.49
C GLU B 993 22.82 -14.44 40.01
N VAL B 994 22.69 -13.50 40.94
CA VAL B 994 22.63 -12.08 40.62
C VAL B 994 23.96 -11.42 40.98
N LEU B 995 24.11 -10.16 40.60
CA LEU B 995 25.34 -9.41 40.85
C LEU B 995 25.08 -8.39 41.94
N VAL B 996 25.90 -8.42 43.00
CA VAL B 996 25.77 -7.49 44.11
C VAL B 996 27.14 -6.92 44.42
N SER B 997 28.18 -7.55 43.88
CA SER B 997 29.54 -7.15 44.18
C SER B 997 29.80 -5.72 43.74
N SER B 998 30.53 -4.97 44.58
CA SER B 998 30.83 -3.58 44.27
C SER B 998 31.63 -3.47 42.98
N SER B 999 32.62 -4.35 42.80
CA SER B 999 33.43 -4.33 41.59
C SER B 999 32.60 -4.65 40.36
N GLU B 1000 31.69 -5.63 40.48
CA GLU B 1000 30.91 -6.04 39.32
C GLU B 1000 29.92 -4.96 38.91
N ILE B 1001 29.31 -4.26 39.88
CA ILE B 1001 28.44 -3.15 39.54
C ILE B 1001 29.23 -1.98 38.99
N GLN B 1002 30.38 -1.68 39.59
CA GLN B 1002 31.24 -0.59 39.16
C GLN B 1002 31.75 -0.79 37.74
N ALA B 1003 32.03 -2.03 37.34
CA ALA B 1003 32.43 -2.32 35.97
C ALA B 1003 31.33 -1.98 34.97
N ASN B 1004 30.08 -2.33 35.30
CA ASN B 1004 28.96 -1.93 34.44
C ASN B 1004 28.80 -0.42 34.40
N TYR B 1005 28.94 0.24 35.55
CA TYR B 1005 28.83 1.69 35.59
C TYR B 1005 29.90 2.36 34.73
N ASP B 1006 31.13 1.84 34.75
CA ASP B 1006 32.18 2.35 33.89
C ASP B 1006 31.97 2.00 32.42
N LYS B 1007 31.36 0.84 32.14
CA LYS B 1007 31.02 0.51 30.76
C LYS B 1007 29.99 1.48 30.20
N TYR B 1008 29.01 1.89 31.01
CA TYR B 1008 28.05 2.89 30.59
C TYR B 1008 28.58 4.30 30.71
N LEU B 1009 29.75 4.48 31.31
CA LEU B 1009 30.38 5.79 31.40
C LEU B 1009 31.36 6.04 30.26
N LYS B 1010 31.96 5.00 29.68
CA LYS B 1010 32.82 5.15 28.53
C LYS B 1010 32.04 5.27 27.23
N VAL B 1011 30.80 4.79 27.19
CA VAL B 1011 29.94 5.03 26.04
C VAL B 1011 29.62 6.51 25.90
N LEU B 1012 29.34 7.19 27.00
CA LEU B 1012 29.11 8.62 27.00
C LEU B 1012 30.39 9.42 26.75
N ASN B 1013 31.56 8.80 26.90
CA ASN B 1013 32.83 9.49 26.79
C ASN B 1013 33.48 9.35 25.42
N ASP B 1014 33.11 8.32 24.67
CA ASP B 1014 33.67 8.05 23.34
C ASP B 1014 32.59 8.13 22.27
N PHE B 1015 31.72 9.13 22.36
CA PHE B 1015 30.66 9.29 21.37
C PHE B 1015 31.22 9.65 20.01
N ASP B 1016 32.10 10.66 19.95
CA ASP B 1016 32.74 11.09 18.72
C ASP B 1016 31.70 11.38 17.63
N PRO B 1017 31.01 12.52 17.73
CA PRO B 1017 29.95 12.81 16.75
C PRO B 1017 30.46 12.96 15.33
N LYS B 1018 31.67 13.49 15.13
CA LYS B 1018 32.17 13.74 13.79
C LYS B 1018 32.34 12.45 13.01
N SER B 1019 32.89 11.42 13.64
CA SER B 1019 32.99 10.11 13.02
C SER B 1019 31.70 9.33 13.25
N GLU B 1020 30.57 9.95 12.94
CA GLU B 1020 29.28 9.33 13.17
C GLU B 1020 29.10 8.09 12.29
N SER B 1021 28.59 7.02 12.89
CA SER B 1021 28.36 5.79 12.15
C SER B 1021 27.25 5.99 11.13
N ARG B 1022 27.45 5.42 9.94
CA ARG B 1022 26.51 5.60 8.85
C ARG B 1022 25.14 5.06 9.27
N PRO B 1023 24.07 5.84 9.10
CA PRO B 1023 22.73 5.33 9.46
C PRO B 1023 22.40 4.04 8.74
N THR B 1024 21.76 3.10 9.46
CA THR B 1024 21.53 1.77 8.93
C THR B 1024 20.73 1.79 7.64
N GLU B 1025 21.34 1.35 6.55
CA GLU B 1025 20.73 1.35 5.24
C GLU B 1025 19.83 0.14 5.07
N PRO B 1026 18.77 0.30 4.25
CA PRO B 1026 17.76 -0.71 3.97
C PRO B 1026 18.35 -2.08 3.69
N SER B 1027 17.49 -3.10 3.67
CA SER B 1027 17.92 -4.46 3.40
C SER B 1027 18.00 -4.71 1.90
N TYR B 1028 17.22 -5.67 1.42
CA TYR B 1028 17.18 -5.98 0.00
C TYR B 1028 15.73 -6.13 -0.39
N ASP B 1029 14.93 -6.65 0.54
CA ASP B 1029 13.51 -6.82 0.33
C ASP B 1029 12.81 -5.49 0.62
N GLU B 1030 13.47 -4.64 1.40
CA GLU B 1030 12.94 -3.32 1.71
C GLU B 1030 13.56 -2.30 0.77
N LYS B 1031 14.67 -2.67 0.13
CA LYS B 1031 15.33 -1.80 -0.83
C LYS B 1031 14.78 -2.12 -2.21
N LYS B 1032 14.38 -3.37 -2.38
CA LYS B 1032 13.79 -3.83 -3.63
C LYS B 1032 12.34 -3.41 -3.78
N THR B 1033 11.60 -3.32 -2.67
CA THR B 1033 10.27 -2.75 -2.71
C THR B 1033 10.29 -1.26 -3.04
N GLY B 1034 11.31 -0.53 -2.57
CA GLY B 1034 11.42 0.88 -2.86
C GLY B 1034 11.75 1.17 -4.31
N TYR B 1035 12.33 0.19 -5.01
CA TYR B 1035 12.57 0.32 -6.44
C TYR B 1035 11.35 -0.06 -7.25
N TYR B 1036 10.62 -1.09 -6.84
CA TYR B 1036 9.38 -1.45 -7.50
C TYR B 1036 8.34 -0.35 -7.35
N ALA B 1037 8.34 0.35 -6.22
CA ALA B 1037 7.47 1.51 -6.04
C ALA B 1037 7.87 2.67 -6.94
N ASN B 1038 9.16 2.89 -7.13
CA ASN B 1038 9.64 3.95 -8.01
C ASN B 1038 9.38 3.67 -9.47
N VAL B 1039 9.57 2.43 -9.91
CA VAL B 1039 9.19 2.05 -11.27
C VAL B 1039 7.69 2.12 -11.48
N ARG B 1040 6.90 1.66 -10.52
CA ARG B 1040 5.46 1.70 -10.60
C ARG B 1040 4.90 3.12 -10.71
N SER B 1041 5.40 4.04 -9.89
CA SER B 1041 4.90 5.42 -9.92
C SER B 1041 5.37 6.19 -11.13
N LEU B 1042 6.55 5.91 -11.65
CA LEU B 1042 7.05 6.58 -12.83
C LEU B 1042 6.39 6.06 -14.10
N VAL B 1043 5.77 4.89 -14.05
CA VAL B 1043 4.92 4.42 -15.13
C VAL B 1043 3.54 5.06 -15.13
N ILE B 1044 2.90 5.20 -13.97
CA ILE B 1044 1.60 5.87 -13.91
C ILE B 1044 1.72 7.34 -14.31
N ILE B 1045 2.73 8.03 -13.79
CA ILE B 1045 2.93 9.43 -14.14
C ILE B 1045 3.21 9.60 -15.63
N PHE B 1046 4.06 8.76 -16.21
CA PHE B 1046 4.39 8.84 -17.62
C PHE B 1046 3.23 8.43 -18.52
N TRP B 1047 2.36 7.53 -18.06
CA TRP B 1047 1.20 7.10 -18.83
C TRP B 1047 0.05 8.08 -18.76
N VAL B 1048 -0.13 8.77 -17.63
CA VAL B 1048 -1.15 9.81 -17.54
C VAL B 1048 -0.72 11.09 -18.24
N ILE B 1049 0.54 11.50 -18.13
CA ILE B 1049 0.99 12.73 -18.76
C ILE B 1049 1.04 12.63 -20.28
N THR B 1050 1.57 11.53 -20.82
CA THR B 1050 1.62 11.36 -22.27
C THR B 1050 0.23 11.19 -22.88
N ASN B 1051 -0.72 10.61 -22.16
CA ASN B 1051 -2.09 10.57 -22.65
C ASN B 1051 -2.76 11.92 -22.61
N PHE B 1052 -2.50 12.71 -21.57
CA PHE B 1052 -3.05 14.05 -21.50
C PHE B 1052 -2.44 15.01 -22.51
N ILE B 1053 -1.18 14.81 -22.90
CA ILE B 1053 -0.59 15.67 -23.93
C ILE B 1053 -1.38 15.60 -25.21
N ILE B 1054 -1.83 14.41 -25.62
CA ILE B 1054 -2.69 14.29 -26.79
C ILE B 1054 -4.04 14.94 -26.59
N VAL B 1055 -4.65 14.81 -25.41
CA VAL B 1055 -5.86 15.55 -25.10
C VAL B 1055 -5.63 17.05 -25.09
N ALA B 1056 -4.46 17.51 -24.64
CA ALA B 1056 -4.12 18.92 -24.61
C ALA B 1056 -3.81 19.47 -25.99
N VAL B 1057 -3.53 18.60 -26.97
CA VAL B 1057 -3.30 19.04 -28.34
C VAL B 1057 -4.56 19.03 -29.19
N VAL B 1058 -5.41 18.01 -29.07
CA VAL B 1058 -6.63 17.95 -29.85
C VAL B 1058 -7.69 18.91 -29.34
N LEU B 1059 -7.94 18.93 -28.04
CA LEU B 1059 -8.97 19.80 -27.47
C LEU B 1059 -8.43 21.13 -26.97
N GLU B 1060 -7.11 21.32 -26.97
CA GLU B 1060 -6.49 22.56 -26.52
C GLU B 1060 -6.86 22.89 -25.08
N THR B 1061 -6.57 21.94 -24.20
CA THR B 1061 -6.76 22.10 -22.76
C THR B 1061 -5.39 22.17 -22.13
N GLY B 1062 -5.29 22.84 -20.99
CA GLY B 1062 -4.00 23.00 -20.37
C GLY B 1062 -3.46 24.39 -20.63
N GLY B 1063 -4.36 25.31 -20.93
CA GLY B 1063 -4.00 26.67 -21.26
C GLY B 1063 -3.62 26.88 -22.70
N ILE B 1064 -3.67 25.83 -23.53
CA ILE B 1064 -3.30 25.97 -24.93
C ILE B 1064 -4.26 26.90 -25.66
N ALA B 1065 -5.56 26.71 -25.48
CA ALA B 1065 -6.54 27.60 -26.08
C ALA B 1065 -6.46 29.02 -25.51
N ASP B 1066 -6.28 29.14 -24.20
CA ASP B 1066 -6.06 30.46 -23.60
C ASP B 1066 -4.85 31.14 -24.20
N TYR B 1067 -3.74 30.42 -24.34
CA TYR B 1067 -2.53 30.96 -24.94
C TYR B 1067 -2.72 31.37 -26.39
N ILE B 1068 -3.44 30.56 -27.17
CA ILE B 1068 -3.72 30.93 -28.56
C ILE B 1068 -4.57 32.19 -28.63
N ALA B 1069 -5.60 32.30 -27.81
CA ALA B 1069 -6.43 33.51 -27.79
C ALA B 1069 -5.68 34.75 -27.34
N MET B 1070 -4.78 34.60 -26.37
CA MET B 1070 -4.04 35.76 -25.87
C MET B 1070 -3.09 36.32 -26.93
N LYS B 1071 -2.52 35.45 -27.76
CA LYS B 1071 -1.68 35.93 -28.86
C LYS B 1071 -2.49 36.79 -29.82
N SER B 1072 -3.70 36.35 -30.15
CA SER B 1072 -4.58 37.16 -30.99
C SER B 1072 -4.93 38.47 -30.32
N ILE B 1073 -5.07 38.44 -28.98
CA ILE B 1073 -5.29 39.69 -28.24
C ILE B 1073 -4.11 40.64 -28.44
N SER B 1074 -2.89 40.12 -28.35
CA SER B 1074 -1.71 40.96 -28.51
C SER B 1074 -1.65 41.58 -29.91
N THR B 1075 -1.94 40.77 -30.93
CA THR B 1075 -1.93 41.25 -32.30
C THR B 1075 -3.21 42.00 -32.65
N ALA B 1085 -9.57 37.17 -28.18
CA ALA B 1085 -10.05 37.22 -26.80
C ALA B 1085 -11.14 36.19 -26.57
N GLU B 1086 -11.36 35.33 -27.57
CA GLU B 1086 -12.39 34.31 -27.51
C GLU B 1086 -11.82 32.97 -27.96
N ILE B 1087 -12.38 31.90 -27.42
CA ILE B 1087 -11.92 30.54 -27.68
C ILE B 1087 -12.98 29.81 -28.49
N PRO B 1088 -12.62 29.17 -29.60
CA PRO B 1088 -13.58 28.31 -30.31
C PRO B 1088 -13.89 27.05 -29.51
N LEU B 1089 -15.12 26.57 -29.65
CA LEU B 1089 -15.54 25.35 -28.95
C LEU B 1089 -14.90 24.12 -29.57
N MET B 1090 -15.21 23.86 -30.84
CA MET B 1090 -14.62 22.77 -31.60
C MET B 1090 -13.75 23.33 -32.70
N THR B 1091 -12.56 22.79 -32.82
CA THR B 1091 -11.60 23.21 -33.83
C THR B 1091 -11.54 22.17 -34.95
N SER B 1092 -10.68 22.42 -35.93
CA SER B 1092 -10.48 21.48 -37.03
C SER B 1092 -9.55 20.33 -36.66
N LYS B 1093 -8.80 20.46 -35.56
CA LYS B 1093 -7.95 19.35 -35.12
C LYS B 1093 -8.78 18.22 -34.56
N ALA B 1094 -9.91 18.53 -33.93
CA ALA B 1094 -10.76 17.50 -33.34
C ALA B 1094 -11.32 16.54 -34.37
N SER B 1095 -11.82 17.04 -35.51
CA SER B 1095 -12.29 16.19 -36.59
C SER B 1095 -11.19 15.38 -37.23
N ILE B 1096 -10.01 15.97 -37.46
CA ILE B 1096 -8.90 15.22 -38.01
C ILE B 1096 -8.48 14.10 -37.08
N TYR B 1097 -8.37 14.39 -35.77
CA TYR B 1097 -8.02 13.34 -34.83
C TYR B 1097 -9.10 12.28 -34.74
N PHE B 1098 -10.37 12.67 -34.77
CA PHE B 1098 -11.45 11.69 -34.75
C PHE B 1098 -11.35 10.74 -35.94
N ASN B 1099 -11.17 11.28 -37.14
CA ASN B 1099 -11.01 10.46 -38.32
C ASN B 1099 -9.77 9.57 -38.23
N VAL B 1100 -8.64 10.12 -37.77
CA VAL B 1100 -7.42 9.33 -37.67
C VAL B 1100 -7.59 8.19 -36.67
N ILE B 1101 -8.19 8.46 -35.51
CA ILE B 1101 -8.29 7.45 -34.47
C ILE B 1101 -9.38 6.44 -34.77
N LEU B 1102 -10.31 6.73 -35.68
CA LEU B 1102 -11.25 5.70 -36.09
C LEU B 1102 -10.84 5.00 -37.39
N TRP B 1103 -9.92 5.56 -38.16
CA TRP B 1103 -9.29 4.81 -39.24
C TRP B 1103 -8.15 3.92 -38.77
N LEU B 1104 -7.48 4.25 -37.67
CA LEU B 1104 -6.53 3.30 -37.10
C LEU B 1104 -7.23 2.04 -36.62
N VAL B 1105 -8.41 2.18 -36.01
CA VAL B 1105 -9.20 1.02 -35.63
C VAL B 1105 -9.58 0.16 -36.83
N ALA B 1106 -9.99 0.79 -37.94
CA ALA B 1106 -10.29 0.04 -39.16
C ALA B 1106 -9.06 -0.59 -39.79
N LEU B 1107 -7.91 0.10 -39.80
CA LEU B 1107 -6.68 -0.46 -40.33
C LEU B 1107 -6.20 -1.65 -39.52
N SER B 1108 -6.26 -1.60 -38.20
CA SER B 1108 -5.92 -2.75 -37.38
C SER B 1108 -6.83 -3.93 -37.65
N ALA B 1109 -8.14 -3.70 -37.73
CA ALA B 1109 -9.08 -4.76 -38.06
C ALA B 1109 -8.83 -5.34 -39.45
N LEU B 1110 -8.48 -4.51 -40.43
CA LEU B 1110 -8.15 -5.00 -41.76
C LEU B 1110 -6.88 -5.85 -41.79
N ILE B 1111 -5.84 -5.42 -41.08
CA ILE B 1111 -4.63 -6.23 -41.01
C ILE B 1111 -4.92 -7.56 -40.34
N ARG B 1112 -5.68 -7.56 -39.25
CA ARG B 1112 -6.07 -8.77 -38.54
C ARG B 1112 -6.94 -9.69 -39.39
N PHE B 1113 -7.87 -9.14 -40.16
CA PHE B 1113 -8.67 -9.89 -41.13
C PHE B 1113 -7.81 -10.52 -42.22
N ILE B 1114 -6.85 -9.78 -42.77
CA ILE B 1114 -5.97 -10.34 -43.78
C ILE B 1114 -5.15 -11.49 -43.20
N GLY B 1115 -4.62 -11.30 -41.99
CA GLY B 1115 -3.90 -12.38 -41.33
C GLY B 1115 -4.74 -13.61 -41.08
N CYS B 1116 -5.97 -13.42 -40.60
CA CYS B 1116 -6.87 -14.55 -40.40
C CYS B 1116 -7.19 -15.27 -41.70
N SER B 1117 -7.45 -14.54 -42.77
CA SER B 1117 -7.70 -15.14 -44.08
C SER B 1117 -6.50 -15.92 -44.59
N ILE B 1118 -5.29 -15.36 -44.44
CA ILE B 1118 -4.10 -16.09 -44.88
C ILE B 1118 -3.94 -17.37 -44.07
N TYR B 1119 -4.15 -17.30 -42.75
CA TYR B 1119 -4.04 -18.49 -41.92
C TYR B 1119 -5.03 -19.56 -42.37
N MET B 1120 -6.28 -19.18 -42.59
CA MET B 1120 -7.29 -20.15 -42.99
C MET B 1120 -7.00 -20.73 -44.37
N ILE B 1121 -6.55 -19.90 -45.31
CA ILE B 1121 -6.24 -20.38 -46.65
C ILE B 1121 -5.08 -21.36 -46.62
N VAL B 1122 -4.04 -21.05 -45.84
CA VAL B 1122 -2.90 -21.95 -45.74
C VAL B 1122 -3.34 -23.28 -45.12
N ARG B 1123 -4.16 -23.22 -44.07
CA ARG B 1123 -4.65 -24.47 -43.47
C ARG B 1123 -5.49 -25.27 -44.46
N PHE B 1124 -6.33 -24.60 -45.25
CA PHE B 1124 -7.12 -25.29 -46.25
C PHE B 1124 -6.26 -25.94 -47.33
N PHE B 1125 -5.20 -25.27 -47.78
CA PHE B 1125 -4.26 -25.91 -48.71
C PHE B 1125 -3.51 -27.08 -48.10
N LYS B 1126 -3.10 -26.99 -46.83
CA LYS B 1126 -2.53 -28.13 -46.15
C LYS B 1126 -3.55 -29.25 -45.92
N LYS B 1127 -4.84 -28.93 -46.00
CA LYS B 1127 -5.88 -29.94 -45.88
C LYS B 1127 -6.21 -30.60 -47.22
N VAL B 1128 -6.19 -29.84 -48.31
CA VAL B 1128 -6.45 -30.42 -49.63
C VAL B 1128 -5.29 -31.26 -50.14
N THR B 1129 -4.09 -31.04 -49.62
CA THR B 1129 -2.92 -31.83 -50.00
C THR B 1129 -2.74 -33.09 -49.17
N PHE B 1130 -3.29 -33.11 -47.95
CA PHE B 1130 -3.22 -34.27 -47.09
C PHE B 1130 -4.48 -35.13 -47.15
N ARG B 1131 -5.37 -34.86 -48.09
CA ARG B 1131 -6.63 -35.60 -48.22
C ARG B 1131 -6.40 -37.08 -48.46
#